data_2KXR
#
_entry.id   2KXR
#
_entity_poly.entity_id   1
_entity_poly.type   'polypeptide(L)'
_entity_poly.pdbx_seq_one_letter_code
;TVVATARGIFNSNGGVLSSIETGVSIIIPQGAIPEGVEQEIYFKVCRDNSILPPLDKEKGETLLSPLVAAGPHGLKFLKP
VELRLPHCDPKTWQNKCLPGDPNYLVGANCVSVLIDHF
;
_entity_poly.pdbx_strand_id   A
#
# COMPACT_ATOMS: atom_id res chain seq x y z
N THR A 1 -1.83 9.30 16.67
CA THR A 1 -3.14 8.60 16.63
C THR A 1 -3.68 8.53 15.21
N VAL A 2 -4.85 7.90 15.05
CA VAL A 2 -5.49 7.76 13.75
C VAL A 2 -4.49 7.31 12.69
N VAL A 3 -3.47 6.56 13.11
CA VAL A 3 -2.45 6.08 12.18
C VAL A 3 -2.49 4.56 12.06
N ALA A 4 -2.26 4.07 10.85
CA ALA A 4 -2.26 2.64 10.60
C ALA A 4 -0.91 2.19 10.07
N THR A 5 -0.25 1.31 10.82
CA THR A 5 1.06 0.81 10.42
C THR A 5 1.05 -0.71 10.31
N ALA A 6 1.79 -1.23 9.34
CA ALA A 6 1.86 -2.67 9.12
C ALA A 6 3.28 -3.08 8.71
N ARG A 7 3.96 -3.80 9.58
CA ARG A 7 5.31 -4.26 9.32
C ARG A 7 5.41 -5.78 9.37
N GLY A 8 5.98 -6.38 8.34
CA GLY A 8 6.12 -7.82 8.30
C GLY A 8 7.01 -8.30 7.17
N ILE A 9 7.56 -9.50 7.32
CA ILE A 9 8.44 -10.07 6.30
C ILE A 9 7.64 -10.88 5.29
N PHE A 10 8.18 -11.00 4.08
CA PHE A 10 7.51 -11.75 3.03
C PHE A 10 8.44 -12.80 2.42
N ASN A 11 7.89 -13.61 1.52
CA ASN A 11 8.68 -14.65 0.86
C ASN A 11 8.14 -14.94 -0.54
N SER A 12 8.87 -15.76 -1.29
CA SER A 12 8.46 -16.11 -2.64
C SER A 12 7.12 -16.86 -2.63
N ASN A 13 6.80 -17.46 -1.49
CA ASN A 13 5.55 -18.20 -1.35
C ASN A 13 4.35 -17.32 -1.67
N GLY A 14 4.35 -16.11 -1.13
CA GLY A 14 3.27 -15.18 -1.38
C GLY A 14 2.58 -14.73 -0.11
N GLY A 15 2.00 -13.53 -0.15
CA GLY A 15 1.32 -13.00 1.01
C GLY A 15 0.80 -11.59 0.77
N VAL A 16 0.26 -10.96 1.81
CA VAL A 16 -0.26 -9.60 1.67
C VAL A 16 -0.03 -8.79 2.93
N LEU A 17 0.10 -7.48 2.74
CA LEU A 17 0.30 -6.55 3.84
C LEU A 17 -0.80 -5.49 3.80
N SER A 18 -1.81 -5.66 4.66
CA SER A 18 -2.93 -4.73 4.70
C SER A 18 -3.16 -4.17 6.10
N SER A 19 -3.54 -2.90 6.16
CA SER A 19 -3.81 -2.23 7.43
C SER A 19 -5.28 -1.83 7.51
N ILE A 20 -6.07 -2.66 8.16
CA ILE A 20 -7.50 -2.41 8.32
C ILE A 20 -7.76 -1.02 8.91
N GLU A 21 -6.80 -0.52 9.68
CA GLU A 21 -6.94 0.79 10.30
C GLU A 21 -7.04 1.89 9.25
N THR A 22 -6.55 1.62 8.05
CA THR A 22 -6.60 2.61 6.97
C THR A 22 -7.27 2.03 5.72
N GLY A 23 -6.77 0.88 5.27
CA GLY A 23 -7.34 0.24 4.09
C GLY A 23 -6.28 -0.17 3.09
N VAL A 24 -5.27 0.67 2.90
CA VAL A 24 -4.19 0.37 1.97
C VAL A 24 -3.56 -0.98 2.26
N SER A 25 -3.29 -1.74 1.21
CA SER A 25 -2.69 -3.07 1.36
C SER A 25 -1.66 -3.33 0.26
N ILE A 26 -0.90 -4.42 0.42
CA ILE A 26 0.11 -4.78 -0.57
C ILE A 26 0.17 -6.29 -0.76
N ILE A 27 -0.20 -6.75 -1.95
CA ILE A 27 -0.18 -8.17 -2.27
C ILE A 27 1.14 -8.55 -2.92
N ILE A 28 1.75 -9.62 -2.41
CA ILE A 28 3.03 -10.09 -2.96
C ILE A 28 2.81 -11.33 -3.83
N PRO A 29 2.67 -11.14 -5.15
CA PRO A 29 2.46 -12.25 -6.08
C PRO A 29 3.63 -13.24 -6.07
N GLN A 30 3.30 -14.53 -6.11
CA GLN A 30 4.32 -15.58 -6.11
C GLN A 30 5.38 -15.33 -7.18
N GLY A 31 6.53 -14.81 -6.75
CA GLY A 31 7.60 -14.54 -7.69
C GLY A 31 8.22 -13.16 -7.49
N ALA A 32 7.67 -12.37 -6.57
CA ALA A 32 8.18 -11.04 -6.31
C ALA A 32 9.46 -11.10 -5.49
N ILE A 33 9.59 -12.13 -4.65
CA ILE A 33 10.78 -12.30 -3.82
C ILE A 33 11.47 -13.62 -4.15
N PRO A 34 12.81 -13.66 -4.11
CA PRO A 34 13.57 -14.88 -4.41
C PRO A 34 13.32 -15.98 -3.38
N GLU A 35 13.43 -17.23 -3.82
CA GLU A 35 13.22 -18.36 -2.93
C GLU A 35 14.29 -18.43 -1.85
N GLY A 36 13.95 -18.99 -0.70
CA GLY A 36 14.90 -19.11 0.38
C GLY A 36 15.37 -17.76 0.89
N VAL A 37 14.56 -16.73 0.68
CA VAL A 37 14.90 -15.38 1.12
C VAL A 37 13.77 -14.78 1.95
N GLU A 38 14.10 -13.75 2.72
CA GLU A 38 13.14 -13.07 3.55
C GLU A 38 13.22 -11.56 3.31
N GLN A 39 12.16 -11.00 2.75
CA GLN A 39 12.12 -9.57 2.46
C GLN A 39 11.23 -8.83 3.46
N GLU A 40 11.86 -8.06 4.33
CA GLU A 40 11.13 -7.30 5.34
C GLU A 40 10.44 -6.09 4.70
N ILE A 41 9.10 -6.11 4.72
CA ILE A 41 8.32 -5.01 4.14
C ILE A 41 7.35 -4.44 5.17
N TYR A 42 7.24 -3.11 5.17
CA TYR A 42 6.35 -2.42 6.09
C TYR A 42 5.90 -1.09 5.51
N PHE A 43 4.95 -0.44 6.17
CA PHE A 43 4.45 0.85 5.70
C PHE A 43 3.45 1.44 6.68
N LYS A 44 3.29 2.76 6.63
CA LYS A 44 2.36 3.46 7.52
C LYS A 44 1.44 4.38 6.73
N VAL A 45 0.14 4.15 6.85
CA VAL A 45 -0.86 4.96 6.16
C VAL A 45 -1.63 5.82 7.16
N CYS A 46 -1.84 7.08 6.80
CA CYS A 46 -2.56 8.01 7.67
C CYS A 46 -2.93 9.30 6.93
N ARG A 47 -4.05 9.89 7.33
CA ARG A 47 -4.52 11.13 6.70
C ARG A 47 -3.66 12.31 7.15
N ASP A 48 -3.14 12.23 8.37
CA ASP A 48 -2.30 13.29 8.91
C ASP A 48 -0.83 13.07 8.55
N ASN A 49 -0.18 14.13 8.10
CA ASN A 49 1.23 14.05 7.71
C ASN A 49 2.15 14.36 8.89
N SER A 50 1.67 15.23 9.78
CA SER A 50 2.46 15.62 10.95
C SER A 50 2.29 14.60 12.09
N ILE A 51 1.12 13.95 12.12
CA ILE A 51 0.84 12.97 13.16
C ILE A 51 1.56 11.64 12.88
N LEU A 52 2.27 11.57 11.76
CA LEU A 52 2.99 10.36 11.39
C LEU A 52 3.90 9.89 12.53
N PRO A 53 3.75 8.63 12.98
CA PRO A 53 4.57 8.08 14.06
C PRO A 53 5.95 7.64 13.58
N PRO A 54 7.01 7.93 14.35
CA PRO A 54 8.38 7.56 13.99
C PRO A 54 8.52 6.07 13.71
N LEU A 55 8.98 5.73 12.51
CA LEU A 55 9.17 4.33 12.12
C LEU A 55 10.60 4.08 11.70
N ASP A 56 11.03 4.74 10.65
CA ASP A 56 12.38 4.60 10.13
C ASP A 56 12.63 5.57 8.97
N LYS A 57 12.84 6.84 9.32
CA LYS A 57 13.10 7.87 8.31
C LYS A 57 14.47 7.68 7.67
N GLU A 58 15.50 7.60 8.51
CA GLU A 58 16.87 7.42 8.02
C GLU A 58 16.99 6.16 7.18
N LYS A 59 16.16 5.16 7.48
CA LYS A 59 16.18 3.90 6.76
C LYS A 59 15.78 4.10 5.30
N GLY A 60 14.91 5.08 5.07
CA GLY A 60 14.46 5.36 3.71
C GLY A 60 12.95 5.30 3.60
N GLU A 61 12.34 6.45 3.33
CA GLU A 61 10.89 6.53 3.18
C GLU A 61 10.49 6.68 1.71
N THR A 62 9.56 5.83 1.28
CA THR A 62 9.08 5.88 -0.10
C THR A 62 7.58 6.14 -0.14
N LEU A 63 7.21 7.40 -0.33
CA LEU A 63 5.80 7.79 -0.38
C LEU A 63 5.13 7.26 -1.64
N LEU A 64 3.87 6.84 -1.51
CA LEU A 64 3.11 6.31 -2.64
C LEU A 64 1.79 7.06 -2.81
N SER A 65 0.97 7.05 -1.76
CA SER A 65 -0.32 7.73 -1.78
C SER A 65 -0.21 9.12 -1.16
N PRO A 66 -1.34 9.85 -0.98
CA PRO A 66 -1.32 11.19 -0.39
C PRO A 66 -0.35 11.28 0.78
N LEU A 67 -0.32 10.23 1.59
CA LEU A 67 0.59 10.17 2.72
C LEU A 67 0.75 8.73 3.19
N VAL A 68 1.57 7.97 2.47
CA VAL A 68 1.83 6.59 2.82
C VAL A 68 3.31 6.31 2.65
N ALA A 69 3.97 5.96 3.74
CA ALA A 69 5.40 5.68 3.71
C ALA A 69 5.68 4.18 3.72
N ALA A 70 6.08 3.65 2.58
CA ALA A 70 6.39 2.23 2.46
C ALA A 70 7.52 1.83 3.39
N GLY A 71 8.11 0.66 3.15
CA GLY A 71 9.20 0.19 3.99
C GLY A 71 10.50 0.93 3.73
N PRO A 72 11.65 0.24 3.81
CA PRO A 72 12.96 0.86 3.57
C PRO A 72 13.14 1.26 2.11
N HIS A 73 13.53 2.52 1.89
CA HIS A 73 13.74 3.03 0.55
C HIS A 73 14.78 2.19 -0.19
N GLY A 74 14.33 1.45 -1.20
CA GLY A 74 15.24 0.62 -1.97
C GLY A 74 15.00 -0.86 -1.75
N LEU A 75 13.95 -1.39 -2.38
CA LEU A 75 13.63 -2.81 -2.27
C LEU A 75 13.15 -3.35 -3.61
N LYS A 76 14.11 -3.77 -4.42
CA LYS A 76 13.82 -4.32 -5.75
C LYS A 76 12.85 -5.49 -5.67
N PHE A 77 12.29 -5.87 -6.80
CA PHE A 77 11.36 -6.98 -6.88
C PHE A 77 11.46 -7.69 -8.21
N LEU A 78 11.31 -9.02 -8.19
CA LEU A 78 11.38 -9.81 -9.41
C LEU A 78 9.98 -10.08 -9.96
N LYS A 79 9.03 -9.29 -9.50
CA LYS A 79 7.64 -9.41 -9.93
C LYS A 79 6.85 -8.19 -9.48
N PRO A 80 6.00 -7.63 -10.37
CA PRO A 80 5.19 -6.45 -10.04
C PRO A 80 4.24 -6.70 -8.87
N VAL A 81 4.66 -6.28 -7.68
CA VAL A 81 3.84 -6.44 -6.49
C VAL A 81 2.60 -5.55 -6.55
N GLU A 82 1.47 -6.08 -6.10
CA GLU A 82 0.22 -5.32 -6.13
C GLU A 82 0.07 -4.41 -4.92
N LEU A 83 -0.14 -3.13 -5.17
CA LEU A 83 -0.32 -2.14 -4.11
C LEU A 83 -1.65 -1.41 -4.29
N ARG A 84 -2.47 -1.37 -3.24
CA ARG A 84 -3.77 -0.71 -3.31
C ARG A 84 -3.88 0.43 -2.31
N LEU A 85 -4.32 1.59 -2.79
CA LEU A 85 -4.49 2.77 -1.94
C LEU A 85 -5.72 3.56 -2.39
N PRO A 86 -6.31 4.34 -1.47
CA PRO A 86 -7.50 5.15 -1.76
C PRO A 86 -7.19 6.31 -2.70
N HIS A 87 -8.01 6.45 -3.74
CA HIS A 87 -7.82 7.51 -4.73
C HIS A 87 -8.35 8.85 -4.19
N CYS A 88 -9.59 8.85 -3.73
CA CYS A 88 -10.21 10.05 -3.18
C CYS A 88 -10.28 11.14 -4.25
N ASP A 89 -10.70 10.76 -5.45
CA ASP A 89 -10.82 11.70 -6.55
C ASP A 89 -11.49 11.04 -7.76
N PRO A 90 -12.77 11.38 -8.03
CA PRO A 90 -13.51 10.81 -9.15
C PRO A 90 -13.27 11.56 -10.47
N LYS A 91 -12.02 11.96 -10.69
CA LYS A 91 -11.66 12.67 -11.91
C LYS A 91 -10.82 11.78 -12.84
N THR A 92 -10.79 10.49 -12.56
CA THR A 92 -10.02 9.55 -13.36
C THR A 92 -10.90 8.45 -13.95
N TRP A 93 -12.20 8.70 -13.94
CA TRP A 93 -13.17 7.75 -14.45
C TRP A 93 -13.96 8.35 -15.62
N GLN A 94 -14.39 9.58 -15.43
CA GLN A 94 -15.16 10.28 -16.43
C GLN A 94 -14.25 11.03 -17.41
N ASN A 95 -13.89 10.36 -18.50
CA ASN A 95 -13.02 10.95 -19.50
C ASN A 95 -13.12 10.18 -20.82
N LYS A 96 -14.25 10.32 -21.51
CA LYS A 96 -14.46 9.65 -22.78
C LYS A 96 -14.38 8.13 -22.60
N CYS A 97 -14.84 7.64 -21.46
CA CYS A 97 -14.82 6.20 -21.18
C CYS A 97 -16.08 5.53 -21.70
N LEU A 98 -16.23 4.24 -21.39
CA LEU A 98 -17.40 3.49 -21.83
C LEU A 98 -18.58 3.69 -20.88
N PRO A 99 -19.75 4.11 -21.43
CA PRO A 99 -20.95 4.35 -20.62
C PRO A 99 -21.56 3.05 -20.10
N GLY A 100 -21.30 1.94 -20.79
CA GLY A 100 -21.86 0.66 -20.37
C GLY A 100 -20.80 -0.33 -19.91
N ASP A 101 -19.59 0.15 -19.68
CA ASP A 101 -18.50 -0.72 -19.24
C ASP A 101 -18.07 -0.37 -17.81
N PRO A 102 -17.96 -1.37 -16.92
CA PRO A 102 -17.55 -1.16 -15.53
C PRO A 102 -16.13 -0.61 -15.42
N ASN A 103 -15.28 -0.97 -16.38
CA ASN A 103 -13.90 -0.50 -16.39
C ASN A 103 -13.85 1.03 -16.36
N TYR A 104 -14.96 1.66 -16.74
CA TYR A 104 -15.05 3.11 -16.77
C TYR A 104 -14.94 3.72 -15.38
N LEU A 105 -15.02 2.89 -14.35
CA LEU A 105 -14.97 3.41 -12.97
C LEU A 105 -14.72 2.32 -11.92
N VAL A 106 -14.85 1.04 -12.28
CA VAL A 106 -14.65 -0.04 -11.31
C VAL A 106 -13.21 -0.13 -10.79
N GLY A 107 -12.58 1.03 -10.62
CA GLY A 107 -11.21 1.07 -10.11
C GLY A 107 -10.92 2.37 -9.40
N ALA A 108 -11.99 2.99 -8.88
CA ALA A 108 -11.87 4.26 -8.17
C ALA A 108 -11.69 4.04 -6.67
N ASN A 109 -12.33 2.99 -6.16
CA ASN A 109 -12.24 2.66 -4.73
C ASN A 109 -10.79 2.44 -4.31
N CYS A 110 -9.99 1.92 -5.23
CA CYS A 110 -8.58 1.66 -4.96
C CYS A 110 -7.74 1.78 -6.22
N VAL A 111 -6.56 2.39 -6.09
CA VAL A 111 -5.67 2.57 -7.23
C VAL A 111 -4.70 1.40 -7.36
N SER A 112 -4.86 0.62 -8.42
CA SER A 112 -3.99 -0.52 -8.66
C SER A 112 -2.61 -0.05 -9.15
N VAL A 113 -1.63 -0.09 -8.26
CA VAL A 113 -0.29 0.33 -8.60
C VAL A 113 0.72 -0.79 -8.37
N LEU A 114 1.47 -1.14 -9.41
CA LEU A 114 2.47 -2.20 -9.31
C LEU A 114 3.84 -1.64 -8.98
N ILE A 115 4.56 -2.32 -8.11
CA ILE A 115 5.89 -1.89 -7.71
C ILE A 115 6.93 -2.95 -8.01
N ASP A 116 7.93 -2.57 -8.81
CA ASP A 116 9.01 -3.47 -9.17
C ASP A 116 10.35 -2.82 -8.85
N HIS A 117 10.35 -1.91 -7.88
CA HIS A 117 11.56 -1.21 -7.48
C HIS A 117 11.26 -0.19 -6.38
N PHE A 118 11.59 -0.55 -5.14
CA PHE A 118 11.35 0.34 -4.01
C PHE A 118 12.55 1.26 -3.79
N THR A 1 -2.36 12.12 15.81
CA THR A 1 -2.89 11.39 17.00
C THR A 1 -3.04 9.90 16.70
N VAL A 2 -3.63 9.59 15.54
CA VAL A 2 -3.84 8.21 15.14
C VAL A 2 -3.21 7.93 13.77
N VAL A 3 -2.62 6.75 13.62
CA VAL A 3 -1.98 6.37 12.37
C VAL A 3 -2.09 4.87 12.14
N ALA A 4 -2.35 4.49 10.89
CA ALA A 4 -2.46 3.09 10.54
C ALA A 4 -1.14 2.61 9.96
N THR A 5 -0.51 1.65 10.62
CA THR A 5 0.76 1.12 10.16
C THR A 5 0.81 -0.39 10.28
N ALA A 6 1.46 -1.04 9.31
CA ALA A 6 1.58 -2.48 9.29
C ALA A 6 2.98 -2.91 8.89
N ARG A 7 3.52 -3.89 9.59
CA ARG A 7 4.86 -4.39 9.31
C ARG A 7 4.89 -5.91 9.30
N GLY A 8 5.60 -6.48 8.33
CA GLY A 8 5.68 -7.93 8.24
C GLY A 8 6.70 -8.39 7.22
N ILE A 9 7.13 -9.65 7.35
CA ILE A 9 8.10 -10.22 6.43
C ILE A 9 7.41 -10.96 5.29
N PHE A 10 8.09 -11.08 4.16
CA PHE A 10 7.52 -11.76 3.00
C PHE A 10 8.53 -12.70 2.36
N ASN A 11 8.04 -13.82 1.84
CA ASN A 11 8.89 -14.81 1.19
C ASN A 11 8.37 -15.13 -0.20
N SER A 12 9.15 -15.90 -0.97
CA SER A 12 8.77 -16.28 -2.32
C SER A 12 7.35 -16.82 -2.35
N ASN A 13 6.90 -17.37 -1.23
CA ASN A 13 5.54 -17.93 -1.15
C ASN A 13 4.49 -16.88 -1.50
N GLY A 14 4.79 -15.62 -1.18
CA GLY A 14 3.85 -14.55 -1.48
C GLY A 14 2.98 -14.21 -0.29
N GLY A 15 2.02 -13.31 -0.50
CA GLY A 15 1.14 -12.90 0.57
C GLY A 15 0.62 -11.48 0.37
N VAL A 16 0.12 -10.89 1.44
CA VAL A 16 -0.39 -9.52 1.36
C VAL A 16 -0.09 -8.73 2.63
N LEU A 17 0.04 -7.43 2.48
CA LEU A 17 0.29 -6.54 3.59
C LEU A 17 -0.81 -5.49 3.65
N SER A 18 -1.78 -5.68 4.53
CA SER A 18 -2.90 -4.75 4.65
C SER A 18 -2.98 -4.13 6.04
N SER A 19 -3.59 -2.95 6.10
CA SER A 19 -3.76 -2.24 7.36
C SER A 19 -5.24 -2.00 7.63
N ILE A 20 -5.84 -2.88 8.43
CA ILE A 20 -7.25 -2.77 8.78
C ILE A 20 -7.61 -1.38 9.27
N GLU A 21 -6.63 -0.68 9.84
CA GLU A 21 -6.86 0.66 10.37
C GLU A 21 -7.19 1.65 9.25
N THR A 22 -6.40 1.62 8.18
CA THR A 22 -6.62 2.52 7.05
C THR A 22 -7.35 1.83 5.91
N GLY A 23 -6.82 0.69 5.47
CA GLY A 23 -7.44 -0.05 4.39
C GLY A 23 -6.45 -0.43 3.31
N VAL A 24 -5.49 0.45 3.03
CA VAL A 24 -4.47 0.20 2.02
C VAL A 24 -3.77 -1.13 2.27
N SER A 25 -3.39 -1.81 1.20
CA SER A 25 -2.72 -3.10 1.31
C SER A 25 -1.77 -3.34 0.15
N ILE A 26 -0.91 -4.36 0.30
CA ILE A 26 0.04 -4.70 -0.74
C ILE A 26 0.06 -6.21 -0.99
N ILE A 27 -0.38 -6.62 -2.17
CA ILE A 27 -0.41 -8.04 -2.51
C ILE A 27 0.89 -8.45 -3.19
N ILE A 28 1.61 -9.39 -2.58
CA ILE A 28 2.87 -9.87 -3.14
C ILE A 28 2.72 -11.27 -3.71
N PRO A 29 2.52 -11.39 -5.03
CA PRO A 29 2.36 -12.69 -5.71
C PRO A 29 3.66 -13.50 -5.68
N GLN A 30 3.52 -14.82 -5.81
CA GLN A 30 4.68 -15.71 -5.81
C GLN A 30 5.66 -15.32 -6.92
N GLY A 31 6.84 -14.84 -6.53
CA GLY A 31 7.84 -14.46 -7.51
C GLY A 31 8.38 -13.05 -7.30
N ALA A 32 7.93 -12.40 -6.24
CA ALA A 32 8.38 -11.04 -5.94
C ALA A 32 9.67 -11.04 -5.13
N ILE A 33 9.89 -12.12 -4.39
CA ILE A 33 11.08 -12.25 -3.57
C ILE A 33 11.85 -13.51 -3.94
N PRO A 34 13.20 -13.45 -3.96
CA PRO A 34 14.03 -14.61 -4.31
C PRO A 34 13.83 -15.77 -3.36
N GLU A 35 14.11 -16.98 -3.83
CA GLU A 35 13.96 -18.18 -3.02
C GLU A 35 14.97 -18.21 -1.88
N GLY A 36 14.64 -18.91 -0.81
CA GLY A 36 15.54 -19.01 0.33
C GLY A 36 15.88 -17.65 0.91
N VAL A 37 14.98 -16.68 0.72
CA VAL A 37 15.21 -15.33 1.23
C VAL A 37 13.97 -14.81 1.94
N GLU A 38 14.18 -13.80 2.77
CA GLU A 38 13.10 -13.16 3.51
C GLU A 38 13.22 -11.64 3.42
N GLN A 39 12.27 -11.02 2.75
CA GLN A 39 12.29 -9.57 2.58
C GLN A 39 11.27 -8.90 3.50
N GLU A 40 11.77 -8.16 4.49
CA GLU A 40 10.90 -7.46 5.43
C GLU A 40 10.24 -6.26 4.76
N ILE A 41 8.91 -6.22 4.82
CA ILE A 41 8.16 -5.13 4.22
C ILE A 41 7.14 -4.55 5.20
N TYR A 42 7.10 -3.22 5.24
CA TYR A 42 6.18 -2.51 6.12
C TYR A 42 5.76 -1.20 5.49
N PHE A 43 4.77 -0.55 6.06
CA PHE A 43 4.30 0.73 5.53
C PHE A 43 3.41 1.47 6.52
N LYS A 44 3.31 2.78 6.35
CA LYS A 44 2.51 3.61 7.24
C LYS A 44 1.48 4.42 6.46
N VAL A 45 0.20 4.14 6.70
CA VAL A 45 -0.88 4.85 6.05
C VAL A 45 -1.61 5.76 7.03
N CYS A 46 -1.90 6.98 6.61
CA CYS A 46 -2.57 7.94 7.47
C CYS A 46 -2.90 9.24 6.73
N ARG A 47 -3.99 9.89 7.13
CA ARG A 47 -4.41 11.14 6.50
C ARG A 47 -3.61 12.33 7.05
N ASP A 48 -2.63 12.06 7.91
CA ASP A 48 -1.82 13.13 8.50
C ASP A 48 -0.35 12.95 8.14
N ASN A 49 0.18 13.85 7.31
CA ASN A 49 1.57 13.78 6.88
C ASN A 49 2.48 14.59 7.81
N SER A 50 2.21 15.88 7.92
CA SER A 50 3.01 16.75 8.77
C SER A 50 2.63 16.60 10.24
N ILE A 51 1.39 16.23 10.49
CA ILE A 51 0.91 16.05 11.85
C ILE A 51 1.49 14.79 12.50
N LEU A 52 2.20 14.00 11.70
CA LEU A 52 2.80 12.76 12.21
C LEU A 52 4.06 12.39 11.43
N PRO A 53 5.13 11.98 12.13
CA PRO A 53 6.39 11.61 11.50
C PRO A 53 6.35 10.21 10.88
N PRO A 54 7.27 9.92 9.94
CA PRO A 54 7.33 8.61 9.28
C PRO A 54 7.83 7.51 10.21
N LEU A 55 7.76 6.27 9.73
CA LEU A 55 8.21 5.12 10.52
C LEU A 55 9.70 5.20 10.79
N ASP A 56 10.49 5.09 9.74
CA ASP A 56 11.95 5.14 9.86
C ASP A 56 12.56 5.96 8.73
N LYS A 57 12.95 7.20 9.04
CA LYS A 57 13.55 8.08 8.05
C LYS A 57 14.97 7.64 7.71
N GLU A 58 15.66 7.07 8.69
CA GLU A 58 17.03 6.61 8.51
C GLU A 58 17.05 5.35 7.64
N LYS A 59 16.07 4.48 7.83
CA LYS A 59 15.99 3.24 7.07
C LYS A 59 15.56 3.52 5.63
N GLY A 60 14.79 4.58 5.44
CA GLY A 60 14.32 4.93 4.11
C GLY A 60 12.81 4.85 4.00
N GLU A 61 12.17 6.00 3.80
CA GLU A 61 10.72 6.05 3.68
C GLU A 61 10.30 6.42 2.26
N THR A 62 9.80 5.44 1.52
CA THR A 62 9.37 5.66 0.15
C THR A 62 7.89 6.06 0.12
N LEU A 63 7.63 7.32 -0.21
CA LEU A 63 6.26 7.83 -0.28
C LEU A 63 5.61 7.48 -1.61
N LEU A 64 4.32 7.15 -1.57
CA LEU A 64 3.58 6.80 -2.79
C LEU A 64 2.33 7.65 -2.94
N SER A 65 1.45 7.60 -1.93
CA SER A 65 0.21 8.35 -1.95
C SER A 65 0.36 9.65 -1.14
N PRO A 66 -0.73 10.43 -0.95
CA PRO A 66 -0.67 11.67 -0.18
C PRO A 66 0.18 11.53 1.06
N LEU A 67 -0.01 10.42 1.77
CA LEU A 67 0.77 10.12 2.96
C LEU A 67 0.87 8.63 3.18
N VAL A 68 1.84 8.01 2.54
CA VAL A 68 2.06 6.59 2.67
C VAL A 68 3.54 6.29 2.56
N ALA A 69 4.11 5.75 3.62
CA ALA A 69 5.53 5.45 3.64
C ALA A 69 5.77 3.95 3.58
N ALA A 70 6.21 3.47 2.42
CA ALA A 70 6.47 2.05 2.23
C ALA A 70 7.60 1.58 3.13
N GLY A 71 8.04 0.34 2.93
CA GLY A 71 9.11 -0.21 3.74
C GLY A 71 10.42 0.54 3.56
N PRO A 72 11.57 -0.15 3.65
CA PRO A 72 12.88 0.48 3.50
C PRO A 72 13.09 1.00 2.07
N HIS A 73 13.45 2.28 1.96
CA HIS A 73 13.67 2.88 0.65
C HIS A 73 14.67 2.06 -0.16
N GLY A 74 14.18 1.43 -1.22
CA GLY A 74 15.04 0.63 -2.07
C GLY A 74 14.82 -0.86 -1.87
N LEU A 75 13.77 -1.40 -2.51
CA LEU A 75 13.46 -2.82 -2.40
C LEU A 75 12.96 -3.34 -3.74
N LYS A 76 13.89 -3.74 -4.60
CA LYS A 76 13.55 -4.27 -5.91
C LYS A 76 12.83 -5.60 -5.80
N PHE A 77 11.90 -5.84 -6.73
CA PHE A 77 11.13 -7.08 -6.73
C PHE A 77 11.29 -7.80 -8.07
N LEU A 78 11.17 -9.12 -8.04
CA LEU A 78 11.29 -9.92 -9.27
C LEU A 78 9.93 -10.20 -9.87
N LYS A 79 8.94 -9.47 -9.40
CA LYS A 79 7.57 -9.60 -9.89
C LYS A 79 6.76 -8.36 -9.54
N PRO A 80 5.94 -7.85 -10.49
CA PRO A 80 5.12 -6.65 -10.25
C PRO A 80 4.14 -6.83 -9.11
N VAL A 81 4.49 -6.33 -7.93
CA VAL A 81 3.62 -6.44 -6.77
C VAL A 81 2.40 -5.54 -6.92
N GLU A 82 1.26 -6.01 -6.45
CA GLU A 82 0.02 -5.24 -6.55
C GLU A 82 -0.20 -4.39 -5.31
N LEU A 83 -0.39 -3.09 -5.51
CA LEU A 83 -0.62 -2.16 -4.42
C LEU A 83 -1.94 -1.42 -4.62
N ARG A 84 -2.79 -1.41 -3.59
CA ARG A 84 -4.07 -0.74 -3.67
C ARG A 84 -4.25 0.25 -2.53
N LEU A 85 -4.53 1.50 -2.88
CA LEU A 85 -4.73 2.55 -1.87
C LEU A 85 -5.92 3.43 -2.24
N PRO A 86 -6.81 3.73 -1.27
CA PRO A 86 -7.99 4.56 -1.52
C PRO A 86 -7.63 5.88 -2.17
N HIS A 87 -8.49 6.35 -3.07
CA HIS A 87 -8.28 7.61 -3.77
C HIS A 87 -7.92 8.73 -2.80
N CYS A 88 -8.71 8.84 -1.73
CA CYS A 88 -8.48 9.86 -0.71
C CYS A 88 -8.31 11.24 -1.34
N ASP A 89 -9.43 11.84 -1.77
CA ASP A 89 -9.41 13.15 -2.39
C ASP A 89 -10.83 13.64 -2.67
N PRO A 90 -11.41 14.41 -1.73
CA PRO A 90 -12.76 14.94 -1.88
C PRO A 90 -12.81 16.24 -2.68
N LYS A 91 -12.03 16.29 -3.76
CA LYS A 91 -11.99 17.49 -4.61
C LYS A 91 -12.66 17.22 -5.96
N THR A 92 -12.95 15.96 -6.26
CA THR A 92 -13.56 15.60 -7.53
C THR A 92 -14.90 14.89 -7.35
N TRP A 93 -15.46 15.01 -6.16
CA TRP A 93 -16.74 14.39 -5.84
C TRP A 93 -17.81 15.44 -5.58
N GLN A 94 -17.41 16.54 -4.97
CA GLN A 94 -18.31 17.62 -4.63
C GLN A 94 -18.20 18.78 -5.63
N ASN A 95 -17.04 18.86 -6.29
CA ASN A 95 -16.81 19.92 -7.27
C ASN A 95 -17.04 19.42 -8.69
N LYS A 96 -16.85 18.12 -8.89
CA LYS A 96 -17.04 17.52 -10.21
C LYS A 96 -18.28 16.64 -10.25
N CYS A 97 -18.25 15.54 -9.51
CA CYS A 97 -19.37 14.62 -9.47
C CYS A 97 -20.48 15.14 -8.54
N LEU A 98 -21.58 14.40 -8.47
CA LEU A 98 -22.71 14.78 -7.63
C LEU A 98 -22.58 14.15 -6.24
N PRO A 99 -22.71 14.96 -5.17
CA PRO A 99 -22.61 14.46 -3.80
C PRO A 99 -23.65 13.40 -3.47
N GLY A 100 -24.75 13.39 -4.23
CA GLY A 100 -25.81 12.43 -3.99
C GLY A 100 -25.61 11.14 -4.76
N ASP A 101 -25.14 11.24 -5.99
CA ASP A 101 -24.91 10.06 -6.83
C ASP A 101 -23.98 9.07 -6.13
N PRO A 102 -24.41 7.81 -5.97
CA PRO A 102 -23.60 6.77 -5.33
C PRO A 102 -22.24 6.61 -5.98
N ASN A 103 -22.17 6.86 -7.28
CA ASN A 103 -20.92 6.75 -8.01
C ASN A 103 -19.91 7.79 -7.52
N TYR A 104 -20.40 8.77 -6.77
CA TYR A 104 -19.56 9.84 -6.22
C TYR A 104 -18.41 9.27 -5.38
N LEU A 105 -18.53 8.00 -4.96
CA LEU A 105 -17.49 7.38 -4.14
C LEU A 105 -17.55 5.85 -4.24
N VAL A 106 -18.74 5.30 -4.42
CA VAL A 106 -18.92 3.85 -4.51
C VAL A 106 -18.31 3.26 -5.78
N GLY A 107 -17.17 3.80 -6.22
CA GLY A 107 -16.53 3.30 -7.43
C GLY A 107 -15.02 3.32 -7.34
N ALA A 108 -14.47 4.41 -6.81
CA ALA A 108 -13.03 4.56 -6.68
C ALA A 108 -12.42 3.38 -5.94
N ASN A 109 -12.85 3.17 -4.71
CA ASN A 109 -12.35 2.07 -3.89
C ASN A 109 -10.86 2.23 -3.61
N CYS A 110 -10.03 1.85 -4.58
CA CYS A 110 -8.58 1.94 -4.44
C CYS A 110 -7.91 2.14 -5.79
N VAL A 111 -6.61 2.41 -5.77
CA VAL A 111 -5.85 2.62 -7.00
C VAL A 111 -4.90 1.46 -7.27
N SER A 112 -5.08 0.79 -8.40
CA SER A 112 -4.22 -0.33 -8.76
C SER A 112 -2.87 0.17 -9.25
N VAL A 113 -1.85 0.03 -8.40
CA VAL A 113 -0.50 0.48 -8.75
C VAL A 113 0.51 -0.65 -8.54
N LEU A 114 1.21 -1.00 -9.61
CA LEU A 114 2.21 -2.06 -9.56
C LEU A 114 3.59 -1.50 -9.18
N ILE A 115 4.31 -2.23 -8.34
CA ILE A 115 5.63 -1.81 -7.90
C ILE A 115 6.66 -2.90 -8.14
N ASP A 116 7.69 -2.57 -8.91
CA ASP A 116 8.76 -3.51 -9.21
C ASP A 116 10.11 -2.91 -8.82
N HIS A 117 10.08 -1.98 -7.88
CA HIS A 117 11.29 -1.32 -7.42
C HIS A 117 10.97 -0.27 -6.35
N PHE A 118 11.40 -0.56 -5.12
CA PHE A 118 11.16 0.36 -4.01
C PHE A 118 12.34 1.30 -3.81
N THR A 1 -0.07 7.57 17.73
CA THR A 1 -1.30 8.11 18.36
C THR A 1 -2.55 7.59 17.67
N VAL A 2 -2.62 7.82 16.36
CA VAL A 2 -3.77 7.37 15.58
C VAL A 2 -3.36 7.04 14.14
N VAL A 3 -2.16 6.48 13.98
CA VAL A 3 -1.65 6.13 12.66
C VAL A 3 -1.80 4.63 12.40
N ALA A 4 -2.01 4.28 11.14
CA ALA A 4 -2.15 2.88 10.76
C ALA A 4 -0.86 2.35 10.14
N THR A 5 -0.26 1.37 10.79
CA THR A 5 0.98 0.79 10.29
C THR A 5 0.88 -0.73 10.17
N ALA A 6 1.51 -1.27 9.14
CA ALA A 6 1.49 -2.71 8.91
C ALA A 6 2.90 -3.24 8.66
N ARG A 7 3.44 -3.95 9.66
CA ARG A 7 4.77 -4.51 9.56
C ARG A 7 4.71 -6.02 9.36
N GLY A 8 5.42 -6.53 8.36
CA GLY A 8 5.42 -7.95 8.10
C GLY A 8 6.45 -8.37 7.07
N ILE A 9 7.07 -9.53 7.30
CA ILE A 9 8.07 -10.05 6.38
C ILE A 9 7.41 -10.88 5.30
N PHE A 10 8.12 -11.08 4.19
CA PHE A 10 7.57 -11.85 3.08
C PHE A 10 8.65 -12.72 2.43
N ASN A 11 8.21 -13.83 1.85
CA ASN A 11 9.11 -14.77 1.19
C ASN A 11 8.59 -15.13 -0.20
N SER A 12 9.42 -15.85 -0.96
CA SER A 12 9.05 -16.26 -2.31
C SER A 12 7.62 -16.80 -2.38
N ASN A 13 7.16 -17.36 -1.26
CA ASN A 13 5.80 -17.90 -1.20
C ASN A 13 4.76 -16.83 -1.49
N GLY A 14 5.05 -15.59 -1.07
CA GLY A 14 4.13 -14.50 -1.30
C GLY A 14 3.45 -14.03 -0.03
N GLY A 15 2.51 -13.10 -0.17
CA GLY A 15 1.79 -12.57 0.98
C GLY A 15 1.33 -11.15 0.77
N VAL A 16 0.40 -10.69 1.59
CA VAL A 16 -0.12 -9.33 1.49
C VAL A 16 0.11 -8.53 2.75
N LEU A 17 0.26 -7.23 2.58
CA LEU A 17 0.47 -6.31 3.70
C LEU A 17 -0.61 -5.25 3.69
N SER A 18 -1.63 -5.42 4.53
CA SER A 18 -2.73 -4.46 4.57
C SER A 18 -3.02 -3.99 6.00
N SER A 19 -3.50 -2.75 6.11
CA SER A 19 -3.83 -2.17 7.39
C SER A 19 -5.33 -1.85 7.45
N ILE A 20 -6.09 -2.76 8.04
CA ILE A 20 -7.54 -2.60 8.15
C ILE A 20 -7.91 -1.22 8.72
N GLU A 21 -7.01 -0.65 9.50
CA GLU A 21 -7.24 0.65 10.12
C GLU A 21 -7.42 1.73 9.06
N THR A 22 -6.60 1.69 8.02
CA THR A 22 -6.67 2.68 6.95
C THR A 22 -7.28 2.09 5.69
N GLY A 23 -6.73 0.97 5.23
CA GLY A 23 -7.25 0.33 4.03
C GLY A 23 -6.15 -0.06 3.07
N VAL A 24 -5.11 0.76 2.98
CA VAL A 24 -3.98 0.49 2.08
C VAL A 24 -3.49 -0.94 2.23
N SER A 25 -3.16 -1.58 1.10
CA SER A 25 -2.69 -2.94 1.12
C SER A 25 -1.68 -3.20 0.00
N ILE A 26 -0.82 -4.20 0.20
CA ILE A 26 0.19 -4.55 -0.78
C ILE A 26 0.27 -6.06 -0.95
N ILE A 27 -0.11 -6.56 -2.11
CA ILE A 27 -0.07 -7.99 -2.38
C ILE A 27 1.26 -8.39 -3.02
N ILE A 28 1.83 -9.49 -2.55
CA ILE A 28 3.10 -9.98 -3.08
C ILE A 28 2.97 -11.43 -3.54
N PRO A 29 2.60 -11.64 -4.82
CA PRO A 29 2.44 -12.98 -5.39
C PRO A 29 3.78 -13.71 -5.52
N GLN A 30 3.72 -15.03 -5.63
CA GLN A 30 4.92 -15.84 -5.75
C GLN A 30 5.75 -15.39 -6.96
N GLY A 31 6.94 -14.87 -6.68
CA GLY A 31 7.81 -14.41 -7.75
C GLY A 31 8.39 -13.03 -7.50
N ALA A 32 7.99 -12.40 -6.39
CA ALA A 32 8.48 -11.07 -6.06
C ALA A 32 9.77 -11.14 -5.27
N ILE A 33 9.95 -12.22 -4.52
CA ILE A 33 11.15 -12.42 -3.72
C ILE A 33 11.84 -13.73 -4.09
N PRO A 34 13.17 -13.73 -4.22
CA PRO A 34 13.93 -14.94 -4.58
C PRO A 34 13.74 -16.05 -3.56
N GLU A 35 13.93 -17.29 -4.00
CA GLU A 35 13.78 -18.45 -3.12
C GLU A 35 14.85 -18.44 -2.02
N GLY A 36 14.45 -18.82 -0.82
CA GLY A 36 15.38 -18.84 0.29
C GLY A 36 15.71 -17.45 0.80
N VAL A 37 14.83 -16.50 0.52
CA VAL A 37 15.03 -15.12 0.95
C VAL A 37 13.86 -14.62 1.79
N GLU A 38 14.09 -13.58 2.56
CA GLU A 38 13.08 -12.98 3.40
C GLU A 38 13.18 -11.46 3.34
N GLN A 39 12.18 -10.81 2.76
CA GLN A 39 12.18 -9.37 2.65
C GLN A 39 11.23 -8.73 3.66
N GLU A 40 11.79 -8.08 4.67
CA GLU A 40 10.99 -7.41 5.69
C GLU A 40 10.34 -6.14 5.13
N ILE A 41 9.02 -6.10 5.16
CA ILE A 41 8.30 -4.94 4.65
C ILE A 41 7.31 -4.39 5.67
N TYR A 42 7.36 -3.08 5.88
CA TYR A 42 6.47 -2.40 6.82
C TYR A 42 6.13 -1.02 6.29
N PHE A 43 4.90 -0.58 6.49
CA PHE A 43 4.49 0.73 6.01
C PHE A 43 3.48 1.39 6.94
N LYS A 44 3.31 2.70 6.77
CA LYS A 44 2.38 3.47 7.57
C LYS A 44 1.44 4.29 6.67
N VAL A 45 0.23 4.53 7.15
CA VAL A 45 -0.74 5.29 6.39
C VAL A 45 -1.59 6.17 7.31
N CYS A 46 -1.87 7.39 6.85
CA CYS A 46 -2.67 8.33 7.63
C CYS A 46 -3.09 9.52 6.76
N ARG A 47 -4.26 10.07 7.08
CA ARG A 47 -4.78 11.22 6.32
C ARG A 47 -3.91 12.46 6.52
N ASP A 48 -3.39 12.63 7.74
CA ASP A 48 -2.55 13.78 8.05
C ASP A 48 -1.07 13.41 7.97
N ASN A 49 -0.36 14.04 7.03
CA ASN A 49 1.05 13.78 6.83
C ASN A 49 1.91 14.71 7.68
N SER A 50 1.65 16.01 7.60
CA SER A 50 2.41 17.00 8.35
C SER A 50 2.04 16.98 9.83
N ILE A 51 0.81 16.61 10.12
CA ILE A 51 0.34 16.54 11.50
C ILE A 51 0.83 15.28 12.20
N LEU A 52 1.54 14.43 11.45
CA LEU A 52 2.07 13.19 12.01
C LEU A 52 3.42 12.84 11.40
N PRO A 53 4.47 12.71 12.23
CA PRO A 53 5.82 12.38 11.76
C PRO A 53 5.90 10.98 11.16
N PRO A 54 6.71 10.79 10.11
CA PRO A 54 6.87 9.49 9.45
C PRO A 54 7.27 8.39 10.43
N LEU A 55 7.26 7.15 9.94
CA LEU A 55 7.63 6.00 10.78
C LEU A 55 9.14 5.85 10.85
N ASP A 56 9.80 6.03 9.72
CA ASP A 56 11.25 5.90 9.64
C ASP A 56 11.82 6.83 8.56
N LYS A 57 12.00 8.09 8.91
CA LYS A 57 12.53 9.08 7.97
C LYS A 57 14.02 8.85 7.73
N GLU A 58 14.80 8.85 8.82
CA GLU A 58 16.24 8.66 8.73
C GLU A 58 16.57 7.32 8.08
N LYS A 59 15.74 6.31 8.36
CA LYS A 59 15.95 4.98 7.79
C LYS A 59 15.66 4.96 6.30
N GLY A 60 14.70 5.78 5.88
CA GLY A 60 14.34 5.85 4.47
C GLY A 60 13.04 5.13 4.18
N GLU A 61 12.02 5.90 3.81
CA GLU A 61 10.71 5.33 3.50
C GLU A 61 10.27 5.74 2.09
N THR A 62 9.69 4.80 1.36
CA THR A 62 9.21 5.07 0.02
C THR A 62 7.76 5.53 0.03
N LEU A 63 7.53 6.74 -0.46
CA LEU A 63 6.17 7.30 -0.49
C LEU A 63 5.53 7.06 -1.86
N LEU A 64 4.25 6.69 -1.85
CA LEU A 64 3.54 6.44 -3.11
C LEU A 64 2.24 7.25 -3.17
N SER A 65 1.37 7.06 -2.19
CA SER A 65 0.09 7.78 -2.13
C SER A 65 0.24 9.10 -1.38
N PRO A 66 -0.86 9.86 -1.20
CA PRO A 66 -0.83 11.14 -0.48
C PRO A 66 0.07 11.08 0.74
N LEU A 67 -0.12 10.04 1.55
CA LEU A 67 0.71 9.85 2.74
C LEU A 67 0.81 8.36 3.07
N VAL A 68 1.75 7.70 2.43
CA VAL A 68 1.99 6.29 2.67
C VAL A 68 3.46 5.98 2.51
N ALA A 69 4.07 5.52 3.58
CA ALA A 69 5.50 5.21 3.57
C ALA A 69 5.75 3.72 3.66
N ALA A 70 6.17 3.12 2.54
CA ALA A 70 6.45 1.69 2.49
C ALA A 70 7.64 1.34 3.37
N GLY A 71 8.14 0.11 3.21
CA GLY A 71 9.28 -0.34 3.99
C GLY A 71 10.54 0.45 3.68
N PRO A 72 11.73 -0.13 3.94
CA PRO A 72 13.01 0.53 3.68
C PRO A 72 13.11 1.04 2.25
N HIS A 73 13.50 2.30 2.10
CA HIS A 73 13.64 2.90 0.78
C HIS A 73 14.61 2.10 -0.09
N GLY A 74 14.07 1.45 -1.11
CA GLY A 74 14.89 0.65 -2.00
C GLY A 74 14.72 -0.83 -1.78
N LEU A 75 13.70 -1.40 -2.42
CA LEU A 75 13.43 -2.83 -2.30
C LEU A 75 12.96 -3.38 -3.64
N LYS A 76 13.92 -3.77 -4.47
CA LYS A 76 13.61 -4.30 -5.80
C LYS A 76 12.72 -5.54 -5.70
N PHE A 77 12.13 -5.91 -6.82
CA PHE A 77 11.23 -7.07 -6.87
C PHE A 77 11.31 -7.75 -8.23
N LEU A 78 11.17 -9.07 -8.24
CA LEU A 78 11.21 -9.84 -9.48
C LEU A 78 9.81 -10.11 -10.02
N LYS A 79 8.85 -9.36 -9.49
CA LYS A 79 7.46 -9.49 -9.90
C LYS A 79 6.68 -8.22 -9.52
N PRO A 80 5.83 -7.71 -10.42
CA PRO A 80 5.03 -6.50 -10.16
C PRO A 80 4.06 -6.69 -9.00
N VAL A 81 4.43 -6.20 -7.83
CA VAL A 81 3.59 -6.31 -6.65
C VAL A 81 2.36 -5.42 -6.78
N GLU A 82 1.22 -5.89 -6.28
CA GLU A 82 -0.03 -5.14 -6.35
C GLU A 82 -0.18 -4.23 -5.14
N LEU A 83 -0.44 -2.95 -5.40
CA LEU A 83 -0.62 -1.98 -4.33
C LEU A 83 -1.97 -1.27 -4.46
N ARG A 84 -2.74 -1.28 -3.39
CA ARG A 84 -4.06 -0.64 -3.39
C ARG A 84 -4.10 0.54 -2.43
N LEU A 85 -4.65 1.66 -2.89
CA LEU A 85 -4.76 2.86 -2.07
C LEU A 85 -6.18 3.42 -2.09
N PRO A 86 -6.92 3.28 -0.99
CA PRO A 86 -8.30 3.79 -0.90
C PRO A 86 -8.39 5.26 -1.26
N HIS A 87 -9.34 5.59 -2.13
CA HIS A 87 -9.54 6.97 -2.56
C HIS A 87 -10.32 7.77 -1.51
N CYS A 88 -11.15 7.07 -0.74
CA CYS A 88 -11.95 7.71 0.29
C CYS A 88 -12.97 8.66 -0.32
N ASP A 89 -13.57 9.52 0.51
CA ASP A 89 -14.56 10.48 0.04
C ASP A 89 -15.80 9.75 -0.49
N PRO A 90 -16.83 9.57 0.37
CA PRO A 90 -18.07 8.89 -0.03
C PRO A 90 -19.03 9.80 -0.78
N LYS A 91 -18.52 10.50 -1.79
CA LYS A 91 -19.34 11.40 -2.58
C LYS A 91 -19.58 10.85 -4.00
N THR A 92 -19.12 9.62 -4.25
CA THR A 92 -19.30 8.99 -5.55
C THR A 92 -20.03 7.66 -5.45
N TRP A 93 -20.68 7.46 -4.33
CA TRP A 93 -21.44 6.23 -4.10
C TRP A 93 -22.93 6.52 -3.97
N GLN A 94 -23.25 7.65 -3.35
CA GLN A 94 -24.64 8.04 -3.16
C GLN A 94 -25.04 9.16 -4.12
N ASN A 95 -24.86 8.91 -5.41
CA ASN A 95 -25.19 9.89 -6.44
C ASN A 95 -25.42 9.22 -7.79
N LYS A 96 -26.69 9.12 -8.19
CA LYS A 96 -27.04 8.50 -9.45
C LYS A 96 -26.55 7.06 -9.51
N CYS A 97 -26.55 6.39 -8.36
CA CYS A 97 -26.12 5.00 -8.27
C CYS A 97 -27.09 4.17 -7.46
N LEU A 98 -26.84 2.87 -7.38
CA LEU A 98 -27.70 1.96 -6.63
C LEU A 98 -27.20 1.82 -5.18
N PRO A 99 -28.11 1.95 -4.21
CA PRO A 99 -27.75 1.84 -2.78
C PRO A 99 -27.57 0.39 -2.34
N GLY A 100 -27.78 -0.55 -3.25
CA GLY A 100 -27.62 -1.95 -2.92
C GLY A 100 -26.48 -2.61 -3.67
N ASP A 101 -26.04 -1.98 -4.75
CA ASP A 101 -24.94 -2.52 -5.55
C ASP A 101 -23.63 -2.50 -4.76
N PRO A 102 -23.05 -3.70 -4.49
CA PRO A 102 -21.79 -3.80 -3.75
C PRO A 102 -20.71 -2.89 -4.31
N ASN A 103 -20.76 -2.66 -5.62
CA ASN A 103 -19.79 -1.80 -6.27
C ASN A 103 -19.84 -0.38 -5.70
N TYR A 104 -20.95 -0.07 -5.05
CA TYR A 104 -21.15 1.24 -4.44
C TYR A 104 -20.05 1.57 -3.42
N LEU A 105 -19.34 0.54 -2.96
CA LEU A 105 -18.28 0.72 -1.97
C LEU A 105 -17.26 -0.41 -1.99
N VAL A 106 -17.71 -1.62 -2.37
CA VAL A 106 -16.82 -2.78 -2.39
C VAL A 106 -15.74 -2.67 -3.48
N GLY A 107 -15.22 -1.47 -3.71
CA GLY A 107 -14.19 -1.29 -4.72
C GLY A 107 -14.62 -0.35 -5.83
N ALA A 108 -15.18 0.79 -5.45
CA ALA A 108 -15.63 1.78 -6.42
C ALA A 108 -14.57 2.83 -6.69
N ASN A 109 -13.81 3.17 -5.65
CA ASN A 109 -12.75 4.17 -5.76
C ASN A 109 -11.43 3.64 -5.22
N CYS A 110 -10.72 2.88 -6.05
CA CYS A 110 -9.44 2.31 -5.66
C CYS A 110 -8.42 2.47 -6.78
N VAL A 111 -7.18 2.79 -6.40
CA VAL A 111 -6.12 2.97 -7.38
C VAL A 111 -5.23 1.75 -7.47
N SER A 112 -5.34 1.02 -8.58
CA SER A 112 -4.53 -0.17 -8.77
C SER A 112 -3.14 0.22 -9.28
N VAL A 113 -2.15 0.15 -8.40
CA VAL A 113 -0.80 0.52 -8.76
C VAL A 113 0.17 -0.64 -8.51
N LEU A 114 1.00 -0.93 -9.51
CA LEU A 114 1.98 -2.01 -9.40
C LEU A 114 3.37 -1.46 -9.16
N ILE A 115 4.08 -2.07 -8.21
CA ILE A 115 5.44 -1.64 -7.88
C ILE A 115 6.44 -2.77 -8.04
N ASP A 116 7.44 -2.53 -8.88
CA ASP A 116 8.49 -3.50 -9.12
C ASP A 116 9.85 -2.89 -8.81
N HIS A 117 9.85 -1.90 -7.92
CA HIS A 117 11.08 -1.21 -7.53
C HIS A 117 10.83 -0.24 -6.38
N PHE A 118 11.19 -0.65 -5.18
CA PHE A 118 11.01 0.19 -4.00
C PHE A 118 12.19 1.15 -3.82
N THR A 1 -6.87 11.55 12.00
CA THR A 1 -6.37 11.15 13.34
C THR A 1 -5.85 9.72 13.34
N VAL A 2 -5.26 9.31 14.46
CA VAL A 2 -4.70 7.96 14.62
C VAL A 2 -3.77 7.58 13.46
N VAL A 3 -2.95 6.57 13.68
CA VAL A 3 -2.02 6.10 12.66
C VAL A 3 -2.04 4.59 12.53
N ALA A 4 -2.10 4.11 11.29
CA ALA A 4 -2.13 2.67 11.03
C ALA A 4 -0.83 2.21 10.38
N THR A 5 -0.11 1.34 11.07
CA THR A 5 1.16 0.83 10.55
C THR A 5 1.11 -0.68 10.38
N ALA A 6 1.77 -1.17 9.34
CA ALA A 6 1.82 -2.61 9.07
C ALA A 6 3.24 -3.07 8.80
N ARG A 7 3.76 -3.92 9.67
CA ARG A 7 5.11 -4.44 9.53
C ARG A 7 5.10 -5.96 9.41
N GLY A 8 5.82 -6.48 8.43
CA GLY A 8 5.88 -7.92 8.24
C GLY A 8 6.91 -8.35 7.22
N ILE A 9 7.35 -9.59 7.32
CA ILE A 9 8.34 -10.15 6.41
C ILE A 9 7.67 -11.10 5.42
N PHE A 10 7.98 -10.92 4.13
CA PHE A 10 7.41 -11.77 3.10
C PHE A 10 8.46 -12.65 2.45
N ASN A 11 8.02 -13.79 1.93
CA ASN A 11 8.91 -14.75 1.28
C ASN A 11 8.43 -15.05 -0.14
N SER A 12 9.24 -15.76 -0.90
CA SER A 12 8.90 -16.13 -2.27
C SER A 12 7.47 -16.69 -2.35
N ASN A 13 7.01 -17.29 -1.25
CA ASN A 13 5.67 -17.87 -1.20
C ASN A 13 4.61 -16.82 -1.54
N GLY A 14 4.83 -15.60 -1.10
CA GLY A 14 3.88 -14.53 -1.37
C GLY A 14 3.06 -14.16 -0.15
N GLY A 15 2.18 -13.17 -0.32
CA GLY A 15 1.35 -12.72 0.79
C GLY A 15 0.93 -11.28 0.63
N VAL A 16 -0.04 -10.84 1.44
CA VAL A 16 -0.51 -9.46 1.37
C VAL A 16 -0.26 -8.72 2.68
N LEU A 17 -0.03 -7.42 2.55
CA LEU A 17 0.19 -6.56 3.71
C LEU A 17 -0.82 -5.42 3.69
N SER A 18 -1.87 -5.56 4.50
CA SER A 18 -2.92 -4.55 4.54
C SER A 18 -3.20 -4.09 5.97
N SER A 19 -3.53 -2.81 6.11
CA SER A 19 -3.84 -2.23 7.41
C SER A 19 -5.33 -1.88 7.50
N ILE A 20 -6.10 -2.79 8.09
CA ILE A 20 -7.54 -2.59 8.24
C ILE A 20 -7.87 -1.22 8.82
N GLU A 21 -6.93 -0.67 9.59
CA GLU A 21 -7.13 0.63 10.22
C GLU A 21 -7.22 1.74 9.19
N THR A 22 -6.53 1.57 8.06
CA THR A 22 -6.54 2.57 7.00
C THR A 22 -7.18 2.03 5.73
N GLY A 23 -6.70 0.89 5.26
CA GLY A 23 -7.25 0.29 4.05
C GLY A 23 -6.18 -0.13 3.06
N VAL A 24 -5.13 0.68 2.94
CA VAL A 24 -4.03 0.38 2.02
C VAL A 24 -3.56 -1.07 2.19
N SER A 25 -3.17 -1.68 1.08
CA SER A 25 -2.72 -3.07 1.10
C SER A 25 -1.67 -3.33 0.02
N ILE A 26 -0.79 -4.30 0.27
CA ILE A 26 0.24 -4.67 -0.69
C ILE A 26 0.25 -6.17 -0.91
N ILE A 27 -0.10 -6.60 -2.11
CA ILE A 27 -0.12 -8.02 -2.44
C ILE A 27 1.16 -8.44 -3.15
N ILE A 28 1.85 -9.42 -2.59
CA ILE A 28 3.08 -9.91 -3.17
C ILE A 28 2.92 -11.35 -3.65
N PRO A 29 2.57 -11.54 -4.94
CA PRO A 29 2.39 -12.86 -5.52
C PRO A 29 3.69 -13.66 -5.57
N GLN A 30 3.56 -14.98 -5.64
CA GLN A 30 4.73 -15.86 -5.68
C GLN A 30 5.63 -15.50 -6.86
N GLY A 31 6.77 -14.87 -6.56
CA GLY A 31 7.70 -14.48 -7.59
C GLY A 31 8.28 -13.10 -7.38
N ALA A 32 7.78 -12.37 -6.39
CA ALA A 32 8.26 -11.03 -6.10
C ALA A 32 9.54 -11.07 -5.26
N ILE A 33 9.73 -12.16 -4.52
CA ILE A 33 10.91 -12.33 -3.69
C ILE A 33 11.62 -13.63 -4.02
N PRO A 34 12.97 -13.63 -4.03
CA PRO A 34 13.75 -14.83 -4.34
C PRO A 34 13.48 -15.97 -3.38
N GLU A 35 13.73 -17.20 -3.84
CA GLU A 35 13.50 -18.39 -3.02
C GLU A 35 14.54 -18.48 -1.91
N GLY A 36 14.14 -19.05 -0.78
CA GLY A 36 15.05 -19.18 0.35
C GLY A 36 15.47 -17.85 0.91
N VAL A 37 14.66 -16.82 0.68
CA VAL A 37 14.96 -15.47 1.17
C VAL A 37 13.75 -14.88 1.89
N GLU A 38 14.01 -13.88 2.72
CA GLU A 38 12.96 -13.19 3.46
C GLU A 38 13.12 -11.69 3.30
N GLN A 39 12.15 -11.06 2.64
CA GLN A 39 12.20 -9.61 2.43
C GLN A 39 11.28 -8.90 3.42
N GLU A 40 11.88 -8.19 4.37
CA GLU A 40 11.12 -7.45 5.36
C GLU A 40 10.43 -6.24 4.73
N ILE A 41 9.11 -6.19 4.86
CA ILE A 41 8.34 -5.08 4.29
C ILE A 41 7.38 -4.49 5.32
N TYR A 42 7.37 -3.17 5.41
CA TYR A 42 6.50 -2.47 6.34
C TYR A 42 6.07 -1.13 5.75
N PHE A 43 5.11 -0.48 6.41
CA PHE A 43 4.63 0.81 5.93
C PHE A 43 3.60 1.42 6.89
N LYS A 44 3.45 2.74 6.82
CA LYS A 44 2.51 3.44 7.69
C LYS A 44 1.59 4.34 6.87
N VAL A 45 0.29 4.26 7.16
CA VAL A 45 -0.70 5.07 6.46
C VAL A 45 -1.45 5.98 7.44
N CYS A 46 -1.54 7.26 7.10
CA CYS A 46 -2.22 8.22 7.96
C CYS A 46 -2.56 9.50 7.20
N ARG A 47 -3.65 10.14 7.60
CA ARG A 47 -4.08 11.38 6.95
C ARG A 47 -3.26 12.59 7.40
N ASP A 48 -2.29 12.37 8.29
CA ASP A 48 -1.45 13.45 8.79
C ASP A 48 0.00 13.02 8.91
N ASN A 49 0.88 13.73 8.22
CA ASN A 49 2.32 13.42 8.25
C ASN A 49 3.04 14.18 9.36
N SER A 50 2.98 15.50 9.30
CA SER A 50 3.64 16.34 10.29
C SER A 50 3.00 16.20 11.66
N ILE A 51 1.72 15.82 11.69
CA ILE A 51 1.00 15.65 12.94
C ILE A 51 1.41 14.37 13.66
N LEU A 52 2.27 13.58 13.02
CA LEU A 52 2.73 12.32 13.61
C LEU A 52 4.19 12.07 13.26
N PRO A 53 4.95 11.42 14.17
CA PRO A 53 6.37 11.11 13.94
C PRO A 53 6.57 10.00 12.93
N PRO A 54 7.56 10.14 12.03
CA PRO A 54 7.85 9.13 11.00
C PRO A 54 8.05 7.74 11.60
N LEU A 55 8.00 6.73 10.74
CA LEU A 55 8.18 5.34 11.17
C LEU A 55 9.64 4.92 11.06
N ASP A 56 10.30 5.38 10.01
CA ASP A 56 11.71 5.05 9.78
C ASP A 56 12.29 5.91 8.67
N LYS A 57 12.56 7.17 8.98
CA LYS A 57 13.11 8.10 8.01
C LYS A 57 14.58 7.79 7.72
N GLU A 58 15.28 7.28 8.73
CA GLU A 58 16.69 6.94 8.59
C GLU A 58 16.87 5.73 7.67
N LYS A 59 15.91 4.82 7.71
CA LYS A 59 15.96 3.62 6.87
C LYS A 59 15.60 3.95 5.42
N GLY A 60 14.74 4.95 5.25
CA GLY A 60 14.32 5.33 3.91
C GLY A 60 12.84 5.14 3.70
N GLU A 61 12.12 6.23 3.52
CA GLU A 61 10.68 6.17 3.31
C GLU A 61 10.33 6.34 1.83
N THR A 62 9.34 5.58 1.37
CA THR A 62 8.91 5.65 -0.03
C THR A 62 7.42 5.99 -0.09
N LEU A 63 7.11 7.26 -0.34
CA LEU A 63 5.73 7.70 -0.41
C LEU A 63 5.08 7.28 -1.72
N LEU A 64 3.83 6.82 -1.65
CA LEU A 64 3.10 6.39 -2.83
C LEU A 64 1.76 7.10 -2.94
N SER A 65 0.93 6.97 -1.90
CA SER A 65 -0.38 7.60 -1.86
C SER A 65 -0.29 8.98 -1.21
N PRO A 66 -1.43 9.65 -0.94
CA PRO A 66 -1.42 10.98 -0.31
C PRO A 66 -0.38 11.08 0.80
N LEU A 67 -0.38 10.08 1.68
CA LEU A 67 0.59 10.02 2.76
C LEU A 67 0.79 8.59 3.24
N VAL A 68 1.57 7.84 2.49
CA VAL A 68 1.85 6.46 2.84
C VAL A 68 3.32 6.18 2.61
N ALA A 69 4.01 5.83 3.68
CA ALA A 69 5.43 5.56 3.61
C ALA A 69 5.72 4.05 3.62
N ALA A 70 6.10 3.51 2.47
CA ALA A 70 6.39 2.09 2.35
C ALA A 70 7.57 1.71 3.24
N GLY A 71 8.05 0.48 3.08
CA GLY A 71 9.16 0.00 3.88
C GLY A 71 10.44 0.79 3.62
N PRO A 72 11.61 0.12 3.67
CA PRO A 72 12.89 0.79 3.43
C PRO A 72 13.05 1.22 1.98
N HIS A 73 13.44 2.48 1.78
CA HIS A 73 13.63 3.02 0.44
C HIS A 73 14.64 2.20 -0.34
N GLY A 74 14.17 1.49 -1.35
CA GLY A 74 15.05 0.66 -2.16
C GLY A 74 14.85 -0.82 -1.93
N LEU A 75 13.76 -1.36 -2.48
CA LEU A 75 13.47 -2.79 -2.34
C LEU A 75 12.97 -3.35 -3.67
N LYS A 76 13.90 -3.71 -4.54
CA LYS A 76 13.57 -4.25 -5.85
C LYS A 76 12.81 -5.58 -5.72
N PHE A 77 11.98 -5.86 -6.71
CA PHE A 77 11.20 -7.09 -6.74
C PHE A 77 11.35 -7.81 -8.07
N LEU A 78 11.23 -9.12 -8.06
CA LEU A 78 11.36 -9.92 -9.27
C LEU A 78 9.99 -10.17 -9.91
N LYS A 79 9.02 -9.40 -9.46
CA LYS A 79 7.65 -9.49 -9.98
C LYS A 79 6.85 -8.25 -9.56
N PRO A 80 6.06 -7.68 -10.49
CA PRO A 80 5.25 -6.48 -10.20
C PRO A 80 4.24 -6.72 -9.08
N VAL A 81 4.58 -6.28 -7.87
CA VAL A 81 3.70 -6.43 -6.73
C VAL A 81 2.48 -5.53 -6.87
N GLU A 82 1.36 -5.93 -6.25
CA GLU A 82 0.14 -5.15 -6.32
C GLU A 82 0.00 -4.23 -5.11
N LEU A 83 -0.22 -2.94 -5.37
CA LEU A 83 -0.37 -1.95 -4.31
C LEU A 83 -1.69 -1.20 -4.46
N ARG A 84 -2.56 -1.35 -3.47
CA ARG A 84 -3.87 -0.69 -3.51
C ARG A 84 -3.92 0.47 -2.51
N LEU A 85 -4.37 1.63 -2.98
CA LEU A 85 -4.48 2.81 -2.13
C LEU A 85 -5.86 3.45 -2.26
N PRO A 86 -6.58 3.62 -1.14
CA PRO A 86 -7.91 4.23 -1.15
C PRO A 86 -7.86 5.73 -1.33
N HIS A 87 -8.48 6.23 -2.40
CA HIS A 87 -8.48 7.66 -2.68
C HIS A 87 -9.50 8.39 -1.80
N CYS A 88 -10.56 7.68 -1.43
CA CYS A 88 -11.61 8.26 -0.59
C CYS A 88 -12.24 9.48 -1.27
N ASP A 89 -12.92 9.23 -2.38
CA ASP A 89 -13.59 10.30 -3.13
C ASP A 89 -15.10 10.12 -3.10
N PRO A 90 -15.82 11.00 -2.40
CA PRO A 90 -17.29 10.93 -2.29
C PRO A 90 -18.00 11.61 -3.46
N LYS A 91 -17.45 11.45 -4.66
CA LYS A 91 -18.05 12.04 -5.85
C LYS A 91 -18.67 10.97 -6.76
N THR A 92 -18.42 9.70 -6.45
CA THR A 92 -18.95 8.61 -7.27
C THR A 92 -19.80 7.64 -6.45
N TRP A 93 -20.22 8.07 -5.28
CA TRP A 93 -21.04 7.24 -4.41
C TRP A 93 -22.48 7.74 -4.38
N GLN A 94 -22.63 9.05 -4.39
CA GLN A 94 -23.94 9.68 -4.35
C GLN A 94 -24.42 10.02 -5.76
N ASN A 95 -24.47 9.01 -6.62
CA ASN A 95 -24.90 9.21 -7.99
C ASN A 95 -25.48 7.90 -8.57
N LYS A 96 -24.77 6.80 -8.33
CA LYS A 96 -25.21 5.50 -8.83
C LYS A 96 -25.02 4.41 -7.79
N CYS A 97 -23.85 4.40 -7.16
CA CYS A 97 -23.55 3.41 -6.13
C CYS A 97 -24.60 3.41 -5.03
N LEU A 98 -24.46 2.50 -4.07
CA LEU A 98 -25.39 2.40 -2.96
C LEU A 98 -24.83 3.08 -1.71
N PRO A 99 -25.58 4.03 -1.13
CA PRO A 99 -25.14 4.76 0.07
C PRO A 99 -25.00 3.82 1.28
N GLY A 100 -25.76 2.74 1.28
CA GLY A 100 -25.71 1.80 2.38
C GLY A 100 -24.75 0.65 2.14
N ASP A 101 -24.35 0.45 0.88
CA ASP A 101 -23.44 -0.63 0.53
C ASP A 101 -22.00 -0.24 0.82
N PRO A 102 -21.21 -1.18 1.38
CA PRO A 102 -19.80 -0.91 1.72
C PRO A 102 -18.94 -0.76 0.48
N ASN A 103 -19.38 -1.34 -0.64
CA ASN A 103 -18.65 -1.24 -1.90
C ASN A 103 -18.59 0.22 -2.37
N TYR A 104 -19.47 1.04 -1.81
CA TYR A 104 -19.54 2.46 -2.15
C TYR A 104 -18.19 3.17 -1.96
N LEU A 105 -17.31 2.57 -1.15
CA LEU A 105 -16.01 3.17 -0.89
C LEU A 105 -14.96 2.13 -0.47
N VAL A 106 -15.39 1.01 0.10
CA VAL A 106 -14.47 -0.02 0.55
C VAL A 106 -13.74 -0.71 -0.61
N GLY A 107 -13.40 0.05 -1.65
CA GLY A 107 -12.70 -0.53 -2.79
C GLY A 107 -13.44 -0.31 -4.10
N ALA A 108 -14.06 0.86 -4.22
CA ALA A 108 -14.81 1.19 -5.43
C ALA A 108 -13.95 1.99 -6.41
N ASN A 109 -13.05 2.81 -5.87
CA ASN A 109 -12.16 3.62 -6.69
C ASN A 109 -10.73 3.54 -6.19
N CYS A 110 -10.23 2.33 -6.01
CA CYS A 110 -8.87 2.11 -5.54
C CYS A 110 -7.88 2.23 -6.68
N VAL A 111 -6.73 2.84 -6.41
CA VAL A 111 -5.70 3.01 -7.42
C VAL A 111 -4.80 1.77 -7.52
N SER A 112 -4.95 1.01 -8.59
CA SER A 112 -4.13 -0.18 -8.79
C SER A 112 -2.77 0.22 -9.33
N VAL A 113 -1.76 0.16 -8.46
CA VAL A 113 -0.40 0.53 -8.85
C VAL A 113 0.58 -0.60 -8.58
N LEU A 114 1.30 -1.02 -9.61
CA LEU A 114 2.28 -2.09 -9.47
C LEU A 114 3.65 -1.53 -9.09
N ILE A 115 4.38 -2.28 -8.27
CA ILE A 115 5.70 -1.85 -7.84
C ILE A 115 6.75 -2.94 -8.06
N ASP A 116 7.73 -2.64 -8.90
CA ASP A 116 8.81 -3.58 -9.19
C ASP A 116 10.15 -2.94 -8.84
N HIS A 117 10.12 -2.02 -7.87
CA HIS A 117 11.32 -1.33 -7.43
C HIS A 117 10.99 -0.30 -6.35
N PHE A 118 11.33 -0.62 -5.11
CA PHE A 118 11.06 0.29 -4.00
C PHE A 118 12.22 1.27 -3.80
N THR A 1 -1.20 6.95 17.45
CA THR A 1 -2.51 7.37 18.01
C THR A 1 -3.65 6.95 17.10
N VAL A 2 -3.62 7.43 15.86
CA VAL A 2 -4.66 7.10 14.89
C VAL A 2 -4.06 6.81 13.51
N VAL A 3 -2.84 6.29 13.51
CA VAL A 3 -2.15 5.97 12.25
C VAL A 3 -2.12 4.47 12.01
N ALA A 4 -2.46 4.07 10.79
CA ALA A 4 -2.46 2.67 10.42
C ALA A 4 -1.14 2.29 9.78
N THR A 5 -0.41 1.38 10.43
CA THR A 5 0.88 0.93 9.93
C THR A 5 1.01 -0.58 10.03
N ALA A 6 1.70 -1.18 9.07
CA ALA A 6 1.90 -2.62 9.05
C ALA A 6 3.35 -2.97 8.76
N ARG A 7 3.91 -3.88 9.55
CA ARG A 7 5.29 -4.31 9.37
C ARG A 7 5.40 -5.82 9.48
N GLY A 8 6.04 -6.45 8.50
CA GLY A 8 6.20 -7.89 8.51
C GLY A 8 7.16 -8.39 7.46
N ILE A 9 7.52 -9.66 7.53
CA ILE A 9 8.44 -10.26 6.57
C ILE A 9 7.69 -11.15 5.58
N PHE A 10 8.06 -11.05 4.31
CA PHE A 10 7.42 -11.84 3.26
C PHE A 10 8.44 -12.73 2.55
N ASN A 11 7.97 -13.84 2.01
CA ASN A 11 8.82 -14.79 1.30
C ASN A 11 8.32 -15.03 -0.11
N SER A 12 9.12 -15.74 -0.91
CA SER A 12 8.75 -16.05 -2.29
C SER A 12 7.40 -16.75 -2.36
N ASN A 13 7.00 -17.39 -1.25
CA ASN A 13 5.73 -18.10 -1.19
C ASN A 13 4.56 -17.16 -1.52
N GLY A 14 4.67 -15.91 -1.08
CA GLY A 14 3.63 -14.95 -1.34
C GLY A 14 2.95 -14.46 -0.07
N GLY A 15 2.31 -13.30 -0.15
CA GLY A 15 1.63 -12.74 0.99
C GLY A 15 1.18 -11.31 0.76
N VAL A 16 0.28 -10.82 1.61
CA VAL A 16 -0.21 -9.45 1.47
C VAL A 16 0.04 -8.64 2.73
N LEU A 17 0.17 -7.33 2.55
CA LEU A 17 0.39 -6.42 3.66
C LEU A 17 -0.71 -5.36 3.66
N SER A 18 -1.71 -5.54 4.52
CA SER A 18 -2.83 -4.61 4.59
C SER A 18 -3.03 -4.06 6.01
N SER A 19 -3.62 -2.88 6.08
CA SER A 19 -3.90 -2.24 7.36
C SER A 19 -5.40 -2.01 7.50
N ILE A 20 -6.08 -2.91 8.19
CA ILE A 20 -7.52 -2.83 8.39
C ILE A 20 -7.94 -1.44 8.89
N GLU A 21 -7.03 -0.74 9.55
CA GLU A 21 -7.32 0.59 10.08
C GLU A 21 -7.58 1.58 8.95
N THR A 22 -6.61 1.70 8.04
CA THR A 22 -6.74 2.63 6.91
C THR A 22 -7.38 1.96 5.70
N GLY A 23 -6.83 0.82 5.29
CA GLY A 23 -7.36 0.10 4.15
C GLY A 23 -6.30 -0.27 3.14
N VAL A 24 -5.32 0.61 2.95
CA VAL A 24 -4.24 0.36 2.00
C VAL A 24 -3.64 -1.04 2.20
N SER A 25 -3.28 -1.69 1.10
CA SER A 25 -2.70 -3.03 1.17
C SER A 25 -1.71 -3.27 0.04
N ILE A 26 -0.86 -4.29 0.23
CA ILE A 26 0.14 -4.65 -0.78
C ILE A 26 0.21 -6.14 -0.97
N ILE A 27 -0.16 -6.62 -2.14
CA ILE A 27 -0.13 -8.04 -2.42
C ILE A 27 1.19 -8.44 -3.08
N ILE A 28 1.84 -9.45 -2.51
CA ILE A 28 3.12 -9.93 -3.03
C ILE A 28 2.97 -11.33 -3.60
N PRO A 29 2.73 -11.44 -4.93
CA PRO A 29 2.55 -12.74 -5.59
C PRO A 29 3.80 -13.61 -5.51
N GLN A 30 3.61 -14.91 -5.67
CA GLN A 30 4.71 -15.86 -5.63
C GLN A 30 5.71 -15.56 -6.73
N GLY A 31 6.75 -14.81 -6.39
CA GLY A 31 7.76 -14.46 -7.38
C GLY A 31 8.34 -13.07 -7.17
N ALA A 32 7.70 -12.29 -6.30
CA ALA A 32 8.17 -10.92 -6.03
C ALA A 32 9.43 -10.95 -5.18
N ILE A 33 9.65 -12.04 -4.45
CA ILE A 33 10.84 -12.18 -3.61
C ILE A 33 11.59 -13.46 -3.97
N PRO A 34 12.93 -13.42 -3.95
CA PRO A 34 13.76 -14.58 -4.29
C PRO A 34 13.48 -15.78 -3.38
N GLU A 35 13.71 -16.98 -3.91
CA GLU A 35 13.48 -18.20 -3.15
C GLU A 35 14.48 -18.33 -2.01
N GLY A 36 14.08 -19.02 -0.95
CA GLY A 36 14.96 -19.20 0.19
C GLY A 36 15.37 -17.88 0.82
N VAL A 37 14.57 -16.84 0.60
CA VAL A 37 14.86 -15.52 1.13
C VAL A 37 13.65 -14.92 1.83
N GLU A 38 13.89 -13.94 2.68
CA GLU A 38 12.82 -13.27 3.41
C GLU A 38 13.00 -11.77 3.32
N GLN A 39 12.08 -11.10 2.65
CA GLN A 39 12.14 -9.65 2.48
C GLN A 39 11.23 -8.95 3.49
N GLU A 40 11.84 -8.22 4.42
CA GLU A 40 11.08 -7.49 5.44
C GLU A 40 10.42 -6.26 4.84
N ILE A 41 9.08 -6.24 4.83
CA ILE A 41 8.34 -5.12 4.28
C ILE A 41 7.39 -4.53 5.32
N TYR A 42 7.30 -3.21 5.33
CA TYR A 42 6.44 -2.50 6.26
C TYR A 42 6.04 -1.16 5.66
N PHE A 43 4.99 -0.55 6.19
CA PHE A 43 4.54 0.73 5.68
C PHE A 43 3.56 1.42 6.63
N LYS A 44 3.43 2.73 6.47
CA LYS A 44 2.53 3.52 7.29
C LYS A 44 1.48 4.20 6.43
N VAL A 45 0.30 4.41 7.00
CA VAL A 45 -0.79 5.05 6.28
C VAL A 45 -1.63 5.91 7.22
N CYS A 46 -1.97 7.12 6.79
CA CYS A 46 -2.77 8.03 7.59
C CYS A 46 -3.14 9.27 6.81
N ARG A 47 -4.30 9.85 7.12
CA ARG A 47 -4.78 11.04 6.43
C ARG A 47 -3.87 12.23 6.71
N ASP A 48 -3.15 12.19 7.84
CA ASP A 48 -2.25 13.28 8.20
C ASP A 48 -0.81 12.79 8.25
N ASN A 49 0.07 13.51 7.55
CA ASN A 49 1.49 13.15 7.51
C ASN A 49 2.27 13.84 8.62
N SER A 50 2.23 15.17 8.62
CA SER A 50 2.95 15.95 9.62
C SER A 50 2.61 15.50 11.04
N ILE A 51 1.44 14.89 11.21
CA ILE A 51 1.01 14.41 12.52
C ILE A 51 1.81 13.18 12.95
N LEU A 52 2.63 12.64 12.05
CA LEU A 52 3.44 11.47 12.36
C LEU A 52 4.39 11.14 11.23
N PRO A 53 5.70 11.41 11.41
CA PRO A 53 6.72 11.14 10.39
C PRO A 53 6.80 9.65 10.06
N PRO A 54 7.58 9.28 9.02
CA PRO A 54 7.74 7.89 8.60
C PRO A 54 8.23 7.00 9.74
N LEU A 55 8.22 5.68 9.51
CA LEU A 55 8.66 4.72 10.52
C LEU A 55 10.11 4.98 10.91
N ASP A 56 10.93 5.35 9.93
CA ASP A 56 12.35 5.60 10.17
C ASP A 56 12.95 6.39 9.02
N LYS A 57 13.50 7.57 9.34
CA LYS A 57 14.12 8.42 8.34
C LYS A 57 15.46 7.85 7.89
N GLU A 58 16.20 7.26 8.84
CA GLU A 58 17.50 6.67 8.53
C GLU A 58 17.35 5.37 7.75
N LYS A 59 16.27 4.65 8.03
CA LYS A 59 16.00 3.39 7.35
C LYS A 59 15.66 3.61 5.88
N GLY A 60 14.98 4.73 5.61
CA GLY A 60 14.60 5.04 4.25
C GLY A 60 13.12 4.82 4.00
N GLU A 61 12.39 5.91 3.77
CA GLU A 61 10.96 5.82 3.52
C GLU A 61 10.64 6.15 2.07
N THR A 62 9.68 5.43 1.50
CA THR A 62 9.27 5.65 0.11
C THR A 62 7.80 6.04 0.03
N LEU A 63 7.54 7.32 -0.21
CA LEU A 63 6.18 7.82 -0.30
C LEU A 63 5.56 7.50 -1.67
N LEU A 64 4.30 7.10 -1.67
CA LEU A 64 3.60 6.76 -2.91
C LEU A 64 2.30 7.55 -3.04
N SER A 65 1.41 7.39 -2.05
CA SER A 65 0.13 8.08 -2.05
C SER A 65 0.22 9.38 -1.25
N PRO A 66 -0.90 10.10 -1.06
CA PRO A 66 -0.90 11.36 -0.30
C PRO A 66 -0.02 11.26 0.95
N LEU A 67 -0.20 10.17 1.68
CA LEU A 67 0.60 9.92 2.87
C LEU A 67 0.74 8.43 3.12
N VAL A 68 1.66 7.81 2.40
CA VAL A 68 1.91 6.40 2.55
C VAL A 68 3.40 6.13 2.43
N ALA A 69 3.98 5.61 3.50
CA ALA A 69 5.40 5.34 3.53
C ALA A 69 5.70 3.85 3.43
N ALA A 70 6.17 3.41 2.27
CA ALA A 70 6.49 2.01 2.04
C ALA A 70 7.64 1.55 2.94
N GLY A 71 8.03 0.30 2.80
CA GLY A 71 9.11 -0.24 3.60
C GLY A 71 10.43 0.49 3.38
N PRO A 72 11.57 -0.15 3.67
CA PRO A 72 12.89 0.45 3.49
C PRO A 72 13.10 0.95 2.07
N HIS A 73 13.53 2.21 1.94
CA HIS A 73 13.77 2.80 0.63
C HIS A 73 14.80 1.99 -0.14
N GLY A 74 14.35 1.33 -1.20
CA GLY A 74 15.24 0.53 -2.01
C GLY A 74 14.98 -0.96 -1.88
N LEU A 75 13.87 -1.41 -2.47
CA LEU A 75 13.50 -2.83 -2.42
C LEU A 75 13.00 -3.27 -3.79
N LYS A 76 13.92 -3.62 -4.67
CA LYS A 76 13.58 -4.04 -6.02
C LYS A 76 12.99 -5.45 -6.00
N PHE A 77 11.74 -5.55 -6.44
CA PHE A 77 11.05 -6.83 -6.48
C PHE A 77 11.25 -7.50 -7.84
N LEU A 78 11.16 -8.82 -7.86
CA LEU A 78 11.33 -9.58 -9.10
C LEU A 78 9.99 -9.89 -9.73
N LYS A 79 8.98 -9.17 -9.29
CA LYS A 79 7.62 -9.34 -9.81
C LYS A 79 6.76 -8.12 -9.43
N PRO A 80 5.95 -7.62 -10.38
CA PRO A 80 5.09 -6.45 -10.14
C PRO A 80 4.17 -6.63 -8.94
N VAL A 81 4.59 -6.15 -7.78
CA VAL A 81 3.79 -6.25 -6.57
C VAL A 81 2.58 -5.35 -6.64
N GLU A 82 1.41 -5.88 -6.29
CA GLU A 82 0.18 -5.10 -6.34
C GLU A 82 0.00 -4.24 -5.11
N LEU A 83 -0.24 -2.96 -5.32
CA LEU A 83 -0.45 -2.01 -4.23
C LEU A 83 -1.79 -1.30 -4.39
N ARG A 84 -2.59 -1.31 -3.33
CA ARG A 84 -3.91 -0.67 -3.36
C ARG A 84 -3.99 0.51 -2.41
N LEU A 85 -4.41 1.66 -2.92
CA LEU A 85 -4.55 2.87 -2.12
C LEU A 85 -5.76 3.67 -2.57
N PRO A 86 -6.25 4.60 -1.72
CA PRO A 86 -7.40 5.44 -2.06
C PRO A 86 -7.25 6.13 -3.41
N HIS A 87 -8.19 5.84 -4.31
CA HIS A 87 -8.16 6.43 -5.64
C HIS A 87 -8.65 7.87 -5.63
N CYS A 88 -9.85 8.07 -5.09
CA CYS A 88 -10.45 9.39 -5.00
C CYS A 88 -10.53 10.05 -6.37
N ASP A 89 -9.48 10.76 -6.77
CA ASP A 89 -9.44 11.44 -8.06
C ASP A 89 -10.75 12.17 -8.35
N PRO A 90 -10.98 13.31 -7.69
CA PRO A 90 -12.20 14.09 -7.87
C PRO A 90 -12.12 15.07 -9.04
N LYS A 91 -11.43 14.66 -10.10
CA LYS A 91 -11.27 15.50 -11.28
C LYS A 91 -12.07 14.96 -12.47
N THR A 92 -12.53 13.72 -12.36
CA THR A 92 -13.28 13.09 -13.45
C THR A 92 -14.66 12.61 -13.01
N TRP A 93 -15.10 13.11 -11.87
CA TRP A 93 -16.41 12.74 -11.33
C TRP A 93 -17.41 13.88 -11.48
N GLN A 94 -16.92 15.10 -11.32
CA GLN A 94 -17.77 16.28 -11.43
C GLN A 94 -17.59 16.97 -12.78
N ASN A 95 -17.36 16.16 -13.82
CA ASN A 95 -17.18 16.68 -15.17
C ASN A 95 -17.52 15.62 -16.21
N LYS A 96 -18.42 14.71 -15.85
CA LYS A 96 -18.82 13.63 -16.76
C LYS A 96 -19.90 12.77 -16.13
N CYS A 97 -19.57 12.12 -15.02
CA CYS A 97 -20.51 11.25 -14.32
C CYS A 97 -21.60 12.08 -13.63
N LEU A 98 -22.53 11.40 -12.98
CA LEU A 98 -23.62 12.07 -12.29
C LEU A 98 -23.32 12.18 -10.79
N PRO A 99 -23.30 13.42 -10.26
CA PRO A 99 -23.03 13.65 -8.84
C PRO A 99 -24.00 12.90 -7.92
N GLY A 100 -25.25 12.79 -8.36
CA GLY A 100 -26.25 12.09 -7.57
C GLY A 100 -26.22 10.60 -7.77
N ASP A 101 -25.59 10.15 -8.85
CA ASP A 101 -25.51 8.73 -9.16
C ASP A 101 -24.38 8.06 -8.36
N PRO A 102 -24.63 6.85 -7.82
CA PRO A 102 -23.64 6.12 -7.04
C PRO A 102 -22.46 5.64 -7.90
N ASN A 103 -22.70 5.48 -9.19
CA ASN A 103 -21.66 5.05 -10.12
C ASN A 103 -20.53 6.09 -10.18
N TYR A 104 -20.83 7.30 -9.71
CA TYR A 104 -19.87 8.39 -9.71
C TYR A 104 -18.60 8.03 -8.93
N LEU A 105 -18.68 7.01 -8.08
CA LEU A 105 -17.53 6.62 -7.27
C LEU A 105 -17.62 5.16 -6.80
N VAL A 106 -18.83 4.60 -6.72
CA VAL A 106 -19.00 3.23 -6.26
C VAL A 106 -18.43 2.20 -7.25
N GLY A 107 -17.30 2.53 -7.88
CA GLY A 107 -16.70 1.61 -8.83
C GLY A 107 -15.21 1.53 -8.67
N ALA A 108 -14.56 2.68 -8.50
CA ALA A 108 -13.12 2.74 -8.33
C ALA A 108 -12.71 2.31 -6.92
N ASN A 109 -13.07 3.13 -5.94
CA ASN A 109 -12.76 2.84 -4.54
C ASN A 109 -11.26 2.96 -4.28
N CYS A 110 -10.50 2.03 -4.86
CA CYS A 110 -9.05 2.01 -4.68
C CYS A 110 -8.33 2.13 -6.02
N VAL A 111 -7.03 2.37 -5.97
CA VAL A 111 -6.23 2.49 -7.19
C VAL A 111 -5.31 1.29 -7.36
N SER A 112 -5.19 0.82 -8.60
CA SER A 112 -4.35 -0.32 -8.90
C SER A 112 -2.96 0.15 -9.36
N VAL A 113 -1.98 0.03 -8.48
CA VAL A 113 -0.62 0.45 -8.80
C VAL A 113 0.38 -0.65 -8.47
N LEU A 114 1.17 -1.05 -9.47
CA LEU A 114 2.17 -2.09 -9.28
C LEU A 114 3.54 -1.49 -9.02
N ILE A 115 4.29 -2.13 -8.14
CA ILE A 115 5.63 -1.66 -7.79
C ILE A 115 6.68 -2.74 -8.03
N ASP A 116 7.66 -2.41 -8.85
CA ASP A 116 8.75 -3.33 -9.14
C ASP A 116 10.09 -2.68 -8.83
N HIS A 117 10.06 -1.71 -7.92
CA HIS A 117 11.27 -0.99 -7.54
C HIS A 117 11.01 -0.04 -6.37
N PHE A 118 11.44 -0.45 -5.18
CA PHE A 118 11.26 0.38 -3.99
C PHE A 118 12.44 1.32 -3.80
N THR A 1 -2.57 6.91 17.68
CA THR A 1 -3.67 7.91 17.75
C THR A 1 -4.61 7.79 16.56
N VAL A 2 -4.05 7.88 15.35
CA VAL A 2 -4.85 7.78 14.14
C VAL A 2 -3.99 7.32 12.96
N VAL A 3 -2.91 6.60 13.25
CA VAL A 3 -2.02 6.10 12.21
C VAL A 3 -2.05 4.58 12.13
N ALA A 4 -2.14 4.06 10.92
CA ALA A 4 -2.17 2.61 10.71
C ALA A 4 -0.84 2.13 10.13
N THR A 5 -0.16 1.27 10.87
CA THR A 5 1.13 0.74 10.43
C THR A 5 1.06 -0.78 10.27
N ALA A 6 1.75 -1.29 9.27
CA ALA A 6 1.79 -2.72 9.01
C ALA A 6 3.21 -3.18 8.70
N ARG A 7 3.80 -3.92 9.63
CA ARG A 7 5.16 -4.41 9.46
C ARG A 7 5.17 -5.94 9.46
N GLY A 8 5.83 -6.52 8.45
CA GLY A 8 5.91 -7.97 8.36
C GLY A 8 6.89 -8.43 7.31
N ILE A 9 7.41 -9.64 7.49
CA ILE A 9 8.35 -10.22 6.54
C ILE A 9 7.64 -11.03 5.48
N PHE A 10 8.16 -10.99 4.25
CA PHE A 10 7.56 -11.73 3.15
C PHE A 10 8.52 -12.76 2.60
N ASN A 11 7.96 -13.84 2.04
CA ASN A 11 8.77 -14.91 1.47
C ASN A 11 8.36 -15.17 0.02
N SER A 12 9.14 -16.02 -0.66
CA SER A 12 8.86 -16.36 -2.04
C SER A 12 7.43 -16.87 -2.22
N ASN A 13 6.84 -17.38 -1.14
CA ASN A 13 5.47 -17.89 -1.18
C ASN A 13 4.50 -16.84 -1.70
N GLY A 14 4.68 -15.60 -1.24
CA GLY A 14 3.81 -14.52 -1.68
C GLY A 14 2.56 -14.40 -0.84
N GLY A 15 2.27 -13.19 -0.38
CA GLY A 15 1.09 -12.95 0.43
C GLY A 15 0.57 -11.54 0.27
N VAL A 16 0.14 -10.93 1.38
CA VAL A 16 -0.38 -9.56 1.35
C VAL A 16 -0.16 -8.85 2.67
N LEU A 17 0.04 -7.55 2.57
CA LEU A 17 0.23 -6.70 3.75
C LEU A 17 -0.82 -5.60 3.74
N SER A 18 -1.87 -5.78 4.52
CA SER A 18 -2.95 -4.82 4.57
C SER A 18 -3.18 -4.25 5.97
N SER A 19 -3.45 -2.96 6.01
CA SER A 19 -3.72 -2.27 7.27
C SER A 19 -5.19 -1.85 7.29
N ILE A 20 -6.01 -2.67 7.92
CA ILE A 20 -7.44 -2.40 8.00
C ILE A 20 -7.74 -1.07 8.66
N GLU A 21 -6.84 -0.62 9.52
CA GLU A 21 -7.01 0.65 10.23
C GLU A 21 -7.09 1.80 9.23
N THR A 22 -6.45 1.64 8.08
CA THR A 22 -6.46 2.67 7.05
C THR A 22 -7.15 2.15 5.79
N GLY A 23 -6.72 1.01 5.29
CA GLY A 23 -7.31 0.43 4.10
C GLY A 23 -6.29 -0.01 3.07
N VAL A 24 -5.16 0.70 3.01
CA VAL A 24 -4.10 0.38 2.07
C VAL A 24 -3.58 -1.04 2.28
N SER A 25 -3.18 -1.69 1.19
CA SER A 25 -2.66 -3.05 1.26
C SER A 25 -1.64 -3.31 0.17
N ILE A 26 -0.82 -4.33 0.34
CA ILE A 26 0.20 -4.69 -0.64
C ILE A 26 0.22 -6.19 -0.87
N ILE A 27 -0.15 -6.61 -2.08
CA ILE A 27 -0.16 -8.02 -2.43
C ILE A 27 1.11 -8.42 -3.15
N ILE A 28 1.90 -9.28 -2.51
CA ILE A 28 3.15 -9.76 -3.09
C ILE A 28 3.00 -11.18 -3.62
N PRO A 29 2.66 -11.31 -4.92
CA PRO A 29 2.46 -12.62 -5.55
C PRO A 29 3.76 -13.43 -5.60
N GLN A 30 3.61 -14.74 -5.81
CA GLN A 30 4.77 -15.63 -5.87
C GLN A 30 5.71 -15.22 -7.01
N GLY A 31 6.89 -14.74 -6.65
CA GLY A 31 7.86 -14.33 -7.64
C GLY A 31 8.45 -12.95 -7.37
N ALA A 32 7.95 -12.28 -6.33
CA ALA A 32 8.44 -10.95 -5.98
C ALA A 32 9.71 -11.03 -5.15
N ILE A 33 9.91 -12.16 -4.50
CA ILE A 33 11.11 -12.37 -3.68
C ILE A 33 11.77 -13.71 -4.00
N PRO A 34 13.11 -13.74 -4.05
CA PRO A 34 13.85 -14.97 -4.36
C PRO A 34 13.53 -16.09 -3.38
N GLU A 35 13.72 -17.33 -3.83
CA GLU A 35 13.45 -18.49 -3.01
C GLU A 35 14.45 -18.59 -1.86
N GLY A 36 14.00 -19.14 -0.72
CA GLY A 36 14.87 -19.28 0.43
C GLY A 36 15.30 -17.93 0.99
N VAL A 37 14.50 -16.91 0.75
CA VAL A 37 14.80 -15.57 1.24
C VAL A 37 13.61 -14.95 1.95
N GLU A 38 13.88 -13.94 2.76
CA GLU A 38 12.84 -13.24 3.50
C GLU A 38 13.04 -11.75 3.40
N GLN A 39 12.11 -11.06 2.74
CA GLN A 39 12.21 -9.62 2.57
C GLN A 39 11.30 -8.90 3.57
N GLU A 40 11.91 -8.23 4.55
CA GLU A 40 11.16 -7.49 5.55
C GLU A 40 10.50 -6.26 4.94
N ILE A 41 9.17 -6.22 4.98
CA ILE A 41 8.44 -5.09 4.43
C ILE A 41 7.47 -4.50 5.45
N TYR A 42 7.38 -3.18 5.46
CA TYR A 42 6.50 -2.48 6.40
C TYR A 42 6.12 -1.12 5.84
N PHE A 43 5.03 -0.56 6.33
CA PHE A 43 4.58 0.75 5.86
C PHE A 43 3.55 1.37 6.81
N LYS A 44 3.34 2.68 6.67
CA LYS A 44 2.39 3.39 7.51
C LYS A 44 1.46 4.25 6.66
N VAL A 45 0.19 4.31 7.05
CA VAL A 45 -0.79 5.11 6.32
C VAL A 45 -1.61 5.98 7.27
N CYS A 46 -1.86 7.22 6.86
CA CYS A 46 -2.63 8.16 7.67
C CYS A 46 -2.86 9.47 6.92
N ARG A 47 -3.98 10.11 7.20
CA ARG A 47 -4.31 11.38 6.56
C ARG A 47 -3.31 12.46 6.96
N ASP A 48 -2.61 13.01 5.97
CA ASP A 48 -1.62 14.05 6.22
C ASP A 48 -0.48 13.51 7.09
N ASN A 49 0.74 13.95 6.78
CA ASN A 49 1.91 13.51 7.54
C ASN A 49 2.21 14.45 8.70
N SER A 50 1.86 15.71 8.53
CA SER A 50 2.10 16.71 9.58
C SER A 50 1.48 16.29 10.91
N ILE A 51 0.44 15.46 10.83
CA ILE A 51 -0.23 14.99 12.04
C ILE A 51 0.63 13.99 12.80
N LEU A 52 1.73 13.56 12.19
CA LEU A 52 2.63 12.60 12.83
C LEU A 52 3.80 12.26 11.91
N PRO A 53 5.05 12.36 12.42
CA PRO A 53 6.26 12.05 11.63
C PRO A 53 6.24 10.62 11.11
N PRO A 54 7.11 10.31 10.12
CA PRO A 54 7.20 8.97 9.54
C PRO A 54 7.84 7.96 10.49
N LEU A 55 7.82 6.69 10.10
CA LEU A 55 8.39 5.62 10.92
C LEU A 55 9.90 5.82 11.07
N ASP A 56 10.64 5.46 10.03
CA ASP A 56 12.09 5.58 10.05
C ASP A 56 12.59 6.26 8.79
N LYS A 57 13.04 7.51 8.92
CA LYS A 57 13.55 8.27 7.79
C LYS A 57 14.92 7.76 7.36
N GLU A 58 15.78 7.48 8.33
CA GLU A 58 17.12 6.98 8.03
C GLU A 58 17.07 5.70 7.20
N LYS A 59 16.02 4.92 7.40
CA LYS A 59 15.86 3.67 6.66
C LYS A 59 15.42 3.93 5.23
N GLY A 60 14.70 5.04 5.02
CA GLY A 60 14.24 5.38 3.69
C GLY A 60 12.72 5.45 3.62
N GLU A 61 12.20 6.65 3.40
CA GLU A 61 10.76 6.85 3.32
C GLU A 61 10.31 6.96 1.85
N THR A 62 9.68 5.89 1.35
CA THR A 62 9.19 5.88 -0.02
C THR A 62 7.69 6.12 -0.05
N LEU A 63 7.30 7.36 -0.32
CA LEU A 63 5.88 7.71 -0.39
C LEU A 63 5.26 7.30 -1.72
N LEU A 64 4.01 6.83 -1.66
CA LEU A 64 3.31 6.41 -2.87
C LEU A 64 1.96 7.12 -2.99
N SER A 65 1.12 6.97 -1.97
CA SER A 65 -0.20 7.59 -1.96
C SER A 65 -0.12 8.98 -1.31
N PRO A 66 -1.27 9.66 -1.08
CA PRO A 66 -1.28 10.98 -0.45
C PRO A 66 -0.28 11.08 0.69
N LEU A 67 -0.24 10.03 1.52
CA LEU A 67 0.68 9.97 2.63
C LEU A 67 0.84 8.53 3.10
N VAL A 68 1.65 7.78 2.37
CA VAL A 68 1.91 6.40 2.73
C VAL A 68 3.39 6.09 2.55
N ALA A 69 4.04 5.72 3.64
CA ALA A 69 5.47 5.43 3.60
C ALA A 69 5.73 3.93 3.61
N ALA A 70 6.13 3.41 2.45
CA ALA A 70 6.42 1.99 2.32
C ALA A 70 7.61 1.59 3.19
N GLY A 71 8.10 0.36 3.00
CA GLY A 71 9.23 -0.11 3.77
C GLY A 71 10.48 0.70 3.53
N PRO A 72 11.66 0.10 3.75
CA PRO A 72 12.94 0.79 3.53
C PRO A 72 13.14 1.21 2.08
N HIS A 73 13.35 2.51 1.86
CA HIS A 73 13.54 3.02 0.51
C HIS A 73 14.61 2.22 -0.24
N GLY A 74 14.18 1.48 -1.25
CA GLY A 74 15.09 0.68 -2.03
C GLY A 74 14.88 -0.81 -1.85
N LEU A 75 13.82 -1.33 -2.46
CA LEU A 75 13.51 -2.75 -2.36
C LEU A 75 13.04 -3.27 -3.71
N LYS A 76 13.99 -3.64 -4.56
CA LYS A 76 13.69 -4.15 -5.89
C LYS A 76 12.98 -5.50 -5.80
N PHE A 77 11.97 -5.67 -6.65
CA PHE A 77 11.20 -6.91 -6.69
C PHE A 77 11.39 -7.61 -8.03
N LEU A 78 11.26 -8.94 -8.01
CA LEU A 78 11.40 -9.72 -9.24
C LEU A 78 10.04 -10.01 -9.87
N LYS A 79 9.04 -9.29 -9.39
CA LYS A 79 7.67 -9.42 -9.89
C LYS A 79 6.85 -8.18 -9.52
N PRO A 80 6.05 -7.66 -10.47
CA PRO A 80 5.23 -6.46 -10.23
C PRO A 80 4.19 -6.69 -9.13
N VAL A 81 4.50 -6.24 -7.91
CA VAL A 81 3.59 -6.39 -6.80
C VAL A 81 2.33 -5.55 -7.00
N GLU A 82 1.24 -5.94 -6.35
CA GLU A 82 -0.02 -5.21 -6.47
C GLU A 82 -0.29 -4.36 -5.24
N LEU A 83 -0.12 -3.04 -5.39
CA LEU A 83 -0.36 -2.11 -4.30
C LEU A 83 -1.69 -1.39 -4.50
N ARG A 84 -2.52 -1.38 -3.45
CA ARG A 84 -3.83 -0.73 -3.52
C ARG A 84 -3.97 0.36 -2.47
N LEU A 85 -4.48 1.52 -2.87
CA LEU A 85 -4.67 2.64 -1.95
C LEU A 85 -5.94 3.41 -2.32
N PRO A 86 -6.75 3.78 -1.30
CA PRO A 86 -8.00 4.52 -1.52
C PRO A 86 -7.74 6.00 -1.85
N HIS A 87 -8.44 6.51 -2.86
CA HIS A 87 -8.29 7.89 -3.27
C HIS A 87 -8.61 8.84 -2.12
N CYS A 88 -9.45 8.38 -1.19
CA CYS A 88 -9.84 9.20 -0.05
C CYS A 88 -10.56 10.47 -0.50
N ASP A 89 -11.27 10.37 -1.62
CA ASP A 89 -12.00 11.50 -2.16
C ASP A 89 -13.19 11.03 -3.00
N PRO A 90 -14.41 11.07 -2.43
CA PRO A 90 -15.63 10.63 -3.12
C PRO A 90 -16.15 11.69 -4.09
N LYS A 91 -15.27 12.20 -4.96
CA LYS A 91 -15.66 13.20 -5.93
C LYS A 91 -15.67 12.63 -7.36
N THR A 92 -15.20 11.39 -7.51
CA THR A 92 -15.15 10.75 -8.83
C THR A 92 -16.16 9.61 -8.95
N TRP A 93 -17.11 9.58 -8.04
CA TRP A 93 -18.14 8.54 -8.05
C TRP A 93 -19.51 9.13 -8.36
N GLN A 94 -19.76 10.33 -7.84
CA GLN A 94 -21.02 11.01 -8.05
C GLN A 94 -20.87 12.19 -9.01
N ASN A 95 -21.98 12.66 -9.56
CA ASN A 95 -21.96 13.77 -10.50
C ASN A 95 -21.31 13.37 -11.83
N LYS A 96 -20.02 13.06 -11.78
CA LYS A 96 -19.30 12.65 -12.97
C LYS A 96 -19.77 11.28 -13.46
N CYS A 97 -19.59 10.27 -12.62
CA CYS A 97 -19.99 8.91 -12.95
C CYS A 97 -21.47 8.69 -12.65
N LEU A 98 -21.95 7.48 -12.89
CA LEU A 98 -23.34 7.14 -12.65
C LEU A 98 -23.54 6.62 -11.23
N PRO A 99 -24.43 7.27 -10.45
CA PRO A 99 -24.71 6.87 -9.06
C PRO A 99 -25.18 5.42 -8.95
N GLY A 100 -26.12 5.04 -9.81
CA GLY A 100 -26.65 3.69 -9.80
C GLY A 100 -25.68 2.67 -10.37
N ASP A 101 -24.75 3.14 -11.19
CA ASP A 101 -23.76 2.26 -11.81
C ASP A 101 -22.79 1.68 -10.78
N PRO A 102 -22.72 0.35 -10.65
CA PRO A 102 -21.83 -0.30 -9.68
C PRO A 102 -20.38 0.17 -9.83
N ASN A 103 -20.00 0.54 -11.04
CA ASN A 103 -18.65 1.02 -11.30
C ASN A 103 -18.36 2.27 -10.47
N TYR A 104 -19.41 2.94 -10.01
CA TYR A 104 -19.29 4.15 -9.20
C TYR A 104 -18.44 3.90 -7.95
N LEU A 105 -18.29 2.63 -7.56
CA LEU A 105 -17.52 2.29 -6.37
C LEU A 105 -16.99 0.85 -6.43
N VAL A 106 -17.72 -0.03 -7.12
CA VAL A 106 -17.31 -1.43 -7.22
C VAL A 106 -16.03 -1.62 -8.04
N GLY A 107 -15.08 -0.69 -7.92
CA GLY A 107 -13.84 -0.79 -8.67
C GLY A 107 -12.96 0.42 -8.51
N ALA A 108 -13.58 1.59 -8.35
CA ALA A 108 -12.83 2.83 -8.18
C ALA A 108 -12.61 3.16 -6.71
N ASN A 109 -12.75 2.15 -5.84
CA ASN A 109 -12.56 2.35 -4.42
C ASN A 109 -11.09 2.58 -4.08
N CYS A 110 -10.21 1.97 -4.87
CA CYS A 110 -8.78 2.11 -4.67
C CYS A 110 -8.04 2.24 -6.00
N VAL A 111 -6.78 2.65 -5.92
CA VAL A 111 -5.97 2.82 -7.13
C VAL A 111 -5.02 1.64 -7.32
N SER A 112 -5.15 0.94 -8.44
CA SER A 112 -4.29 -0.20 -8.74
C SER A 112 -2.92 0.28 -9.22
N VAL A 113 -1.93 0.18 -8.35
CA VAL A 113 -0.57 0.62 -8.69
C VAL A 113 0.43 -0.51 -8.44
N LEU A 114 1.15 -0.90 -9.49
CA LEU A 114 2.13 -1.96 -9.38
C LEU A 114 3.51 -1.40 -9.03
N ILE A 115 4.28 -2.16 -8.26
CA ILE A 115 5.61 -1.75 -7.84
C ILE A 115 6.63 -2.84 -8.12
N ASP A 116 7.63 -2.50 -8.93
CA ASP A 116 8.69 -3.44 -9.26
C ASP A 116 10.05 -2.83 -8.92
N HIS A 117 10.04 -1.91 -7.95
CA HIS A 117 11.26 -1.24 -7.53
C HIS A 117 10.97 -0.23 -6.43
N PHE A 118 11.40 -0.53 -5.22
CA PHE A 118 11.18 0.37 -4.09
C PHE A 118 12.39 1.28 -3.85
N THR A 1 -2.57 8.88 17.21
CA THR A 1 -4.00 8.89 17.60
C THR A 1 -4.85 8.09 16.62
N VAL A 2 -4.48 8.13 15.35
CA VAL A 2 -5.21 7.41 14.31
C VAL A 2 -4.30 7.08 13.13
N VAL A 3 -3.15 6.49 13.42
CA VAL A 3 -2.20 6.13 12.37
C VAL A 3 -2.23 4.63 12.09
N ALA A 4 -2.31 4.28 10.81
CA ALA A 4 -2.34 2.89 10.40
C ALA A 4 -0.92 2.42 10.05
N THR A 5 -0.47 1.37 10.71
CA THR A 5 0.87 0.84 10.46
C THR A 5 0.84 -0.68 10.32
N ALA A 6 1.67 -1.19 9.43
CA ALA A 6 1.76 -2.63 9.18
C ALA A 6 3.20 -3.06 8.91
N ARG A 7 3.69 -4.00 9.69
CA ARG A 7 5.06 -4.48 9.54
C ARG A 7 5.06 -6.01 9.42
N GLY A 8 5.74 -6.52 8.39
CA GLY A 8 5.79 -7.96 8.20
C GLY A 8 6.79 -8.38 7.14
N ILE A 9 7.39 -9.55 7.33
CA ILE A 9 8.35 -10.07 6.36
C ILE A 9 7.64 -10.87 5.27
N PHE A 10 8.28 -10.97 4.11
CA PHE A 10 7.69 -11.71 3.00
C PHE A 10 8.69 -12.66 2.36
N ASN A 11 8.18 -13.77 1.85
CA ASN A 11 9.02 -14.79 1.21
C ASN A 11 8.41 -15.22 -0.11
N SER A 12 9.16 -16.02 -0.87
CA SER A 12 8.69 -16.51 -2.17
C SER A 12 7.26 -17.03 -2.09
N ASN A 13 6.86 -17.50 -0.90
CA ASN A 13 5.52 -18.03 -0.70
C ASN A 13 4.45 -17.06 -1.22
N GLY A 14 4.66 -15.78 -0.97
CA GLY A 14 3.71 -14.77 -1.41
C GLY A 14 2.62 -14.50 -0.39
N GLY A 15 2.42 -13.22 -0.09
CA GLY A 15 1.40 -12.84 0.87
C GLY A 15 0.89 -11.42 0.62
N VAL A 16 0.30 -10.82 1.65
CA VAL A 16 -0.21 -9.45 1.51
C VAL A 16 0.06 -8.61 2.75
N LEU A 17 0.19 -7.31 2.54
CA LEU A 17 0.42 -6.37 3.63
C LEU A 17 -0.68 -5.32 3.64
N SER A 18 -1.66 -5.49 4.52
CA SER A 18 -2.78 -4.56 4.59
C SER A 18 -2.91 -3.94 5.98
N SER A 19 -3.50 -2.74 6.01
CA SER A 19 -3.72 -2.03 7.26
C SER A 19 -5.19 -1.66 7.39
N ILE A 20 -5.93 -2.47 8.13
CA ILE A 20 -7.37 -2.25 8.33
C ILE A 20 -7.65 -0.83 8.86
N GLU A 21 -6.67 -0.26 9.55
CA GLU A 21 -6.81 1.08 10.11
C GLU A 21 -7.09 2.11 9.01
N THR A 22 -6.66 1.81 7.79
CA THR A 22 -6.86 2.73 6.67
C THR A 22 -7.50 2.01 5.48
N GLY A 23 -6.89 0.92 5.06
CA GLY A 23 -7.41 0.17 3.94
C GLY A 23 -6.33 -0.23 2.94
N VAL A 24 -5.35 0.65 2.76
CA VAL A 24 -4.25 0.38 1.82
C VAL A 24 -3.65 -1.01 2.06
N SER A 25 -3.28 -1.69 0.98
CA SER A 25 -2.72 -3.02 1.09
C SER A 25 -1.71 -3.30 -0.02
N ILE A 26 -0.87 -4.31 0.18
CA ILE A 26 0.13 -4.69 -0.81
C ILE A 26 0.18 -6.20 -0.99
N ILE A 27 -0.21 -6.67 -2.16
CA ILE A 27 -0.22 -8.09 -2.45
C ILE A 27 1.09 -8.52 -3.13
N ILE A 28 1.79 -9.46 -2.53
CA ILE A 28 3.05 -9.96 -3.08
C ILE A 28 2.91 -11.40 -3.56
N PRO A 29 2.56 -11.60 -4.84
CA PRO A 29 2.40 -12.94 -5.41
C PRO A 29 3.72 -13.71 -5.45
N GLN A 30 3.61 -15.03 -5.50
CA GLN A 30 4.80 -15.89 -5.56
C GLN A 30 5.67 -15.53 -6.75
N GLY A 31 6.83 -14.91 -6.48
CA GLY A 31 7.73 -14.53 -7.55
C GLY A 31 8.34 -13.16 -7.35
N ALA A 32 7.85 -12.41 -6.36
CA ALA A 32 8.37 -11.07 -6.09
C ALA A 32 9.70 -11.15 -5.33
N ILE A 33 9.88 -12.21 -4.55
CA ILE A 33 11.11 -12.40 -3.79
C ILE A 33 11.81 -13.68 -4.21
N PRO A 34 13.16 -13.66 -4.27
CA PRO A 34 13.94 -14.84 -4.67
C PRO A 34 13.80 -15.98 -3.66
N GLU A 35 14.02 -17.20 -4.14
CA GLU A 35 13.92 -18.38 -3.28
C GLU A 35 15.00 -18.35 -2.19
N GLY A 36 14.62 -18.78 -0.99
CA GLY A 36 15.55 -18.80 0.12
C GLY A 36 15.89 -17.41 0.61
N VAL A 37 15.01 -16.45 0.37
CA VAL A 37 15.21 -15.07 0.80
C VAL A 37 14.04 -14.58 1.63
N GLU A 38 14.30 -13.53 2.40
CA GLU A 38 13.27 -12.92 3.24
C GLU A 38 13.36 -11.40 3.14
N GLN A 39 12.34 -10.78 2.57
CA GLN A 39 12.33 -9.33 2.43
C GLN A 39 11.37 -8.69 3.42
N GLU A 40 11.93 -8.00 4.42
CA GLU A 40 11.12 -7.32 5.42
C GLU A 40 10.41 -6.12 4.82
N ILE A 41 9.09 -6.10 4.91
CA ILE A 41 8.31 -5.00 4.36
C ILE A 41 7.30 -4.46 5.38
N TYR A 42 7.31 -3.14 5.55
CA TYR A 42 6.40 -2.49 6.48
C TYR A 42 6.00 -1.12 5.93
N PHE A 43 4.88 -0.59 6.41
CA PHE A 43 4.42 0.71 5.93
C PHE A 43 3.38 1.32 6.87
N LYS A 44 3.19 2.62 6.76
CA LYS A 44 2.24 3.33 7.59
C LYS A 44 1.35 4.25 6.74
N VAL A 45 0.04 4.05 6.84
CA VAL A 45 -0.91 4.86 6.08
C VAL A 45 -1.63 5.84 7.00
N CYS A 46 -1.65 7.11 6.62
CA CYS A 46 -2.32 8.14 7.41
C CYS A 46 -3.00 9.17 6.52
N ARG A 47 -4.10 9.73 6.99
CA ARG A 47 -4.84 10.74 6.25
C ARG A 47 -4.13 12.09 6.26
N ASP A 48 -3.39 12.36 7.32
CA ASP A 48 -2.66 13.61 7.46
C ASP A 48 -1.15 13.39 7.42
N ASN A 49 -0.44 14.21 6.66
CA ASN A 49 1.00 14.09 6.53
C ASN A 49 1.73 14.95 7.57
N SER A 50 1.38 16.24 7.63
CA SER A 50 2.03 17.15 8.57
C SER A 50 1.51 16.95 9.99
N ILE A 51 0.23 16.63 10.11
CA ILE A 51 -0.37 16.41 11.41
C ILE A 51 0.06 15.08 12.02
N LEU A 52 0.85 14.31 11.26
CA LEU A 52 1.33 13.01 11.74
C LEU A 52 2.83 12.86 11.49
N PRO A 53 3.57 12.30 12.47
CA PRO A 53 5.01 12.11 12.35
C PRO A 53 5.37 10.84 11.58
N PRO A 54 6.54 10.83 10.91
CA PRO A 54 7.00 9.68 10.14
C PRO A 54 7.18 8.42 10.99
N LEU A 55 7.44 7.29 10.35
CA LEU A 55 7.64 6.03 11.05
C LEU A 55 9.12 5.74 11.24
N ASP A 56 9.80 5.49 10.13
CA ASP A 56 11.23 5.20 10.16
C ASP A 56 11.93 5.76 8.92
N LYS A 57 11.95 7.08 8.82
CA LYS A 57 12.59 7.74 7.68
C LYS A 57 14.09 7.46 7.65
N GLU A 58 14.70 7.39 8.83
CA GLU A 58 16.12 7.12 8.94
C GLU A 58 16.49 5.81 8.25
N LYS A 59 15.56 4.86 8.25
CA LYS A 59 15.78 3.57 7.62
C LYS A 59 15.44 3.62 6.13
N GLY A 60 14.58 4.56 5.75
CA GLY A 60 14.18 4.68 4.37
C GLY A 60 12.68 4.77 4.20
N GLU A 61 12.19 5.92 3.76
CA GLU A 61 10.76 6.13 3.56
C GLU A 61 10.42 6.29 2.09
N THR A 62 9.52 5.43 1.60
CA THR A 62 9.09 5.47 0.21
C THR A 62 7.61 5.81 0.13
N LEU A 63 7.31 7.07 -0.19
CA LEU A 63 5.92 7.52 -0.28
C LEU A 63 5.27 7.05 -1.58
N LEU A 64 3.99 6.71 -1.50
CA LEU A 64 3.24 6.24 -2.67
C LEU A 64 1.96 7.05 -2.87
N SER A 65 1.11 7.05 -1.84
CA SER A 65 -0.15 7.78 -1.89
C SER A 65 -0.01 9.15 -1.22
N PRO A 66 -1.11 9.91 -1.06
CA PRO A 66 -1.06 11.23 -0.42
C PRO A 66 -0.19 11.21 0.83
N LEU A 67 -0.20 10.07 1.51
CA LEU A 67 0.62 9.89 2.70
C LEU A 67 0.70 8.42 3.07
N VAL A 68 1.63 7.72 2.45
CA VAL A 68 1.86 6.32 2.72
C VAL A 68 3.34 6.01 2.59
N ALA A 69 3.94 5.58 3.69
CA ALA A 69 5.36 5.28 3.70
C ALA A 69 5.61 3.79 3.68
N ALA A 70 6.04 3.27 2.53
CA ALA A 70 6.33 1.86 2.37
C ALA A 70 7.53 1.44 3.21
N GLY A 71 7.98 0.21 3.03
CA GLY A 71 9.12 -0.30 3.78
C GLY A 71 10.37 0.52 3.56
N PRO A 72 11.55 -0.06 3.81
CA PRO A 72 12.83 0.64 3.62
C PRO A 72 13.07 1.00 2.16
N HIS A 73 13.24 2.30 1.91
CA HIS A 73 13.48 2.79 0.56
C HIS A 73 14.61 2.01 -0.12
N GLY A 74 14.24 1.21 -1.13
CA GLY A 74 15.22 0.43 -1.84
C GLY A 74 14.99 -1.07 -1.67
N LEU A 75 13.95 -1.59 -2.32
CA LEU A 75 13.64 -3.00 -2.24
C LEU A 75 13.14 -3.51 -3.58
N LYS A 76 14.08 -3.88 -4.45
CA LYS A 76 13.74 -4.39 -5.78
C LYS A 76 12.82 -5.60 -5.69
N PHE A 77 12.12 -5.87 -6.78
CA PHE A 77 11.21 -7.01 -6.85
C PHE A 77 11.29 -7.69 -8.20
N LEU A 78 11.18 -9.01 -8.21
CA LEU A 78 11.24 -9.78 -9.45
C LEU A 78 9.84 -10.07 -9.98
N LYS A 79 8.88 -9.33 -9.47
CA LYS A 79 7.48 -9.47 -9.89
C LYS A 79 6.68 -8.23 -9.51
N PRO A 80 5.82 -7.72 -10.41
CA PRO A 80 5.01 -6.53 -10.15
C PRO A 80 4.04 -6.73 -8.99
N VAL A 81 4.40 -6.21 -7.81
CA VAL A 81 3.56 -6.33 -6.64
C VAL A 81 2.34 -5.41 -6.76
N GLU A 82 1.19 -5.91 -6.32
CA GLU A 82 -0.05 -5.14 -6.39
C GLU A 82 -0.21 -4.26 -5.16
N LEU A 83 -0.38 -2.96 -5.40
CA LEU A 83 -0.55 -2.00 -4.32
C LEU A 83 -1.85 -1.22 -4.49
N ARG A 84 -2.67 -1.18 -3.44
CA ARG A 84 -3.95 -0.47 -3.50
C ARG A 84 -4.00 0.64 -2.46
N LEU A 85 -4.33 1.85 -2.93
CA LEU A 85 -4.43 3.01 -2.06
C LEU A 85 -5.59 3.91 -2.48
N PRO A 86 -6.44 4.32 -1.52
CA PRO A 86 -7.60 5.19 -1.81
C PRO A 86 -7.18 6.48 -2.52
N HIS A 87 -8.02 6.94 -3.44
CA HIS A 87 -7.74 8.16 -4.19
C HIS A 87 -7.58 9.34 -3.24
N CYS A 88 -8.51 9.47 -2.30
CA CYS A 88 -8.46 10.57 -1.33
C CYS A 88 -8.49 11.91 -2.04
N ASP A 89 -8.52 12.99 -1.25
CA ASP A 89 -8.54 14.34 -1.80
C ASP A 89 -9.75 14.53 -2.71
N PRO A 90 -10.82 15.18 -2.21
CA PRO A 90 -12.04 15.41 -2.97
C PRO A 90 -11.96 16.66 -3.86
N LYS A 91 -10.81 16.86 -4.49
CA LYS A 91 -10.60 18.01 -5.37
C LYS A 91 -10.54 17.60 -6.84
N THR A 92 -10.60 16.30 -7.10
CA THR A 92 -10.54 15.80 -8.47
C THR A 92 -11.75 14.95 -8.82
N TRP A 93 -12.79 15.05 -8.02
CA TRP A 93 -14.02 14.31 -8.25
C TRP A 93 -15.15 15.23 -8.69
N GLN A 94 -15.18 16.42 -8.12
CA GLN A 94 -16.22 17.39 -8.44
C GLN A 94 -15.66 18.52 -9.30
N ASN A 95 -14.99 18.15 -10.39
CA ASN A 95 -14.40 19.13 -11.30
C ASN A 95 -15.22 19.24 -12.59
N LYS A 96 -15.99 18.20 -12.89
CA LYS A 96 -16.82 18.19 -14.10
C LYS A 96 -17.75 16.99 -14.11
N CYS A 97 -17.26 15.85 -13.64
CA CYS A 97 -18.06 14.62 -13.61
C CYS A 97 -19.44 14.88 -12.99
N LEU A 98 -20.30 13.88 -13.08
CA LEU A 98 -21.65 13.99 -12.54
C LEU A 98 -21.69 13.59 -11.07
N PRO A 99 -22.17 14.49 -10.19
CA PRO A 99 -22.26 14.22 -8.75
C PRO A 99 -23.23 13.08 -8.44
N GLY A 100 -24.29 12.98 -9.23
CA GLY A 100 -25.28 11.94 -9.03
C GLY A 100 -24.85 10.60 -9.60
N ASP A 101 -23.85 10.61 -10.47
CA ASP A 101 -23.36 9.39 -11.09
C ASP A 101 -22.62 8.53 -10.07
N PRO A 102 -23.07 7.27 -9.84
CA PRO A 102 -22.43 6.37 -8.88
C PRO A 102 -21.00 6.04 -9.27
N ASN A 103 -20.71 6.10 -10.57
CA ASN A 103 -19.36 5.82 -11.07
C ASN A 103 -18.38 6.89 -10.56
N TYR A 104 -18.93 8.00 -10.08
CA TYR A 104 -18.14 9.11 -9.56
C TYR A 104 -17.19 8.66 -8.45
N LEU A 105 -17.46 7.50 -7.84
CA LEU A 105 -16.63 6.99 -6.76
C LEU A 105 -16.75 5.48 -6.60
N VAL A 106 -17.90 4.91 -6.97
CA VAL A 106 -18.12 3.48 -6.85
C VAL A 106 -17.23 2.65 -7.78
N GLY A 107 -16.00 3.09 -8.00
CA GLY A 107 -15.09 2.36 -8.88
C GLY A 107 -13.67 2.92 -8.85
N ALA A 108 -13.57 4.25 -8.77
CA ALA A 108 -12.26 4.91 -8.74
C ALA A 108 -11.81 5.17 -7.31
N ASN A 109 -12.40 4.45 -6.36
CA ASN A 109 -12.06 4.61 -4.95
C ASN A 109 -10.59 4.25 -4.70
N CYS A 110 -10.26 2.99 -4.95
CA CYS A 110 -8.89 2.51 -4.76
C CYS A 110 -8.10 2.60 -6.06
N VAL A 111 -6.78 2.82 -5.94
CA VAL A 111 -5.92 2.92 -7.10
C VAL A 111 -5.00 1.71 -7.22
N SER A 112 -5.11 0.97 -8.31
CA SER A 112 -4.27 -0.19 -8.54
C SER A 112 -2.92 0.23 -9.09
N VAL A 113 -1.91 0.18 -8.23
CA VAL A 113 -0.55 0.56 -8.63
C VAL A 113 0.42 -0.59 -8.44
N LEU A 114 1.19 -0.90 -9.49
CA LEU A 114 2.16 -1.98 -9.42
C LEU A 114 3.55 -1.46 -9.11
N ILE A 115 4.21 -2.10 -8.15
CA ILE A 115 5.55 -1.70 -7.74
C ILE A 115 6.55 -2.82 -7.97
N ASP A 116 7.54 -2.55 -8.82
CA ASP A 116 8.57 -3.53 -9.13
C ASP A 116 9.95 -2.98 -8.75
N HIS A 117 9.95 -2.06 -7.79
CA HIS A 117 11.20 -1.46 -7.32
C HIS A 117 10.94 -0.46 -6.20
N PHE A 118 11.46 -0.77 -5.01
CA PHE A 118 11.29 0.10 -3.86
C PHE A 118 12.47 1.07 -3.73
N THR A 1 -6.03 12.20 13.39
CA THR A 1 -5.28 11.77 14.60
C THR A 1 -4.80 10.33 14.48
N VAL A 2 -3.79 9.98 15.27
CA VAL A 2 -3.21 8.63 15.27
C VAL A 2 -2.82 8.19 13.86
N VAL A 3 -1.95 7.18 13.79
CA VAL A 3 -1.50 6.66 12.51
C VAL A 3 -1.57 5.14 12.48
N ALA A 4 -1.84 4.59 11.30
CA ALA A 4 -1.94 3.14 11.14
C ALA A 4 -0.73 2.59 10.40
N THR A 5 0.04 1.73 11.07
CA THR A 5 1.23 1.15 10.46
C THR A 5 1.16 -0.38 10.49
N ALA A 6 1.68 -1.00 9.43
CA ALA A 6 1.69 -2.45 9.33
C ALA A 6 3.06 -2.96 8.92
N ARG A 7 3.56 -3.96 9.66
CA ARG A 7 4.86 -4.54 9.38
C ARG A 7 4.78 -6.05 9.27
N GLY A 8 5.49 -6.61 8.29
CA GLY A 8 5.47 -8.05 8.10
C GLY A 8 6.51 -8.52 7.10
N ILE A 9 7.10 -9.69 7.36
CA ILE A 9 8.11 -10.25 6.47
C ILE A 9 7.46 -11.12 5.40
N PHE A 10 7.94 -11.00 4.17
CA PHE A 10 7.39 -11.77 3.06
C PHE A 10 8.50 -12.47 2.29
N ASN A 11 8.16 -13.63 1.72
CA ASN A 11 9.11 -14.41 0.95
C ASN A 11 8.51 -14.83 -0.39
N SER A 12 9.33 -15.42 -1.25
CA SER A 12 8.89 -15.86 -2.57
C SER A 12 7.56 -16.61 -2.49
N ASN A 13 7.31 -17.25 -1.37
CA ASN A 13 6.07 -18.00 -1.17
C ASN A 13 4.84 -17.10 -1.37
N GLY A 14 4.99 -15.83 -1.05
CA GLY A 14 3.88 -14.89 -1.21
C GLY A 14 3.36 -14.36 0.12
N GLY A 15 2.53 -13.33 0.04
CA GLY A 15 1.97 -12.74 1.25
C GLY A 15 1.50 -11.32 1.01
N VAL A 16 0.46 -10.90 1.73
CA VAL A 16 -0.09 -9.56 1.57
C VAL A 16 0.18 -8.71 2.80
N LEU A 17 0.26 -7.40 2.58
CA LEU A 17 0.48 -6.44 3.65
C LEU A 17 -0.65 -5.42 3.64
N SER A 18 -1.62 -5.59 4.54
CA SER A 18 -2.77 -4.70 4.59
C SER A 18 -2.93 -4.09 5.99
N SER A 19 -3.55 -2.91 6.03
CA SER A 19 -3.80 -2.22 7.28
C SER A 19 -5.29 -1.88 7.40
N ILE A 20 -6.03 -2.72 8.10
CA ILE A 20 -7.46 -2.51 8.27
C ILE A 20 -7.77 -1.14 8.88
N GLU A 21 -6.81 -0.60 9.61
CA GLU A 21 -6.97 0.71 10.24
C GLU A 21 -7.11 1.82 9.20
N THR A 22 -6.53 1.59 8.02
CA THR A 22 -6.59 2.58 6.94
C THR A 22 -7.26 2.01 5.70
N GLY A 23 -6.76 0.87 5.23
CA GLY A 23 -7.33 0.25 4.05
C GLY A 23 -6.27 -0.17 3.04
N VAL A 24 -5.27 0.69 2.84
CA VAL A 24 -4.19 0.39 1.90
C VAL A 24 -3.62 -1.00 2.14
N SER A 25 -3.23 -1.69 1.07
CA SER A 25 -2.67 -3.02 1.18
C SER A 25 -1.67 -3.31 0.06
N ILE A 26 -0.92 -4.39 0.21
CA ILE A 26 0.06 -4.79 -0.80
C ILE A 26 0.11 -6.30 -0.96
N ILE A 27 -0.30 -6.78 -2.12
CA ILE A 27 -0.29 -8.21 -2.40
C ILE A 27 1.00 -8.63 -3.08
N ILE A 28 1.74 -9.53 -2.45
CA ILE A 28 3.00 -10.01 -3.00
C ILE A 28 2.85 -11.42 -3.55
N PRO A 29 2.53 -11.56 -4.85
CA PRO A 29 2.35 -12.87 -5.49
C PRO A 29 3.64 -13.69 -5.50
N GLN A 30 3.49 -15.00 -5.66
CA GLN A 30 4.63 -15.89 -5.70
C GLN A 30 5.57 -15.56 -6.85
N GLY A 31 6.69 -14.92 -6.53
CA GLY A 31 7.65 -14.55 -7.57
C GLY A 31 8.23 -13.17 -7.39
N ALA A 32 7.66 -12.39 -6.46
CA ALA A 32 8.14 -11.04 -6.21
C ALA A 32 9.44 -11.05 -5.42
N ILE A 33 9.63 -12.09 -4.62
CA ILE A 33 10.85 -12.22 -3.81
C ILE A 33 11.59 -13.50 -4.18
N PRO A 34 12.94 -13.47 -4.20
CA PRO A 34 13.75 -14.64 -4.55
C PRO A 34 13.50 -15.80 -3.60
N GLU A 35 13.72 -17.02 -4.11
CA GLU A 35 13.51 -18.22 -3.31
C GLU A 35 14.56 -18.33 -2.21
N GLY A 36 14.17 -18.96 -1.11
CA GLY A 36 15.09 -19.12 0.01
C GLY A 36 15.49 -17.79 0.62
N VAL A 37 14.65 -16.77 0.44
CA VAL A 37 14.93 -15.45 0.97
C VAL A 37 13.74 -14.90 1.75
N GLU A 38 14.01 -13.91 2.59
CA GLU A 38 12.97 -13.28 3.39
C GLU A 38 13.11 -11.76 3.31
N GLN A 39 12.12 -11.12 2.70
CA GLN A 39 12.14 -9.66 2.54
C GLN A 39 11.22 -8.99 3.55
N GLU A 40 11.80 -8.32 4.53
CA GLU A 40 11.02 -7.63 5.55
C GLU A 40 10.41 -6.36 4.98
N ILE A 41 9.09 -6.25 5.05
CA ILE A 41 8.40 -5.07 4.52
C ILE A 41 7.42 -4.51 5.55
N TYR A 42 7.34 -3.18 5.60
CA TYR A 42 6.45 -2.48 6.51
C TYR A 42 6.10 -1.11 5.93
N PHE A 43 4.88 -0.65 6.19
CA PHE A 43 4.45 0.64 5.67
C PHE A 43 3.48 1.35 6.62
N LYS A 44 3.38 2.67 6.46
CA LYS A 44 2.50 3.47 7.29
C LYS A 44 1.41 4.11 6.43
N VAL A 45 0.22 4.30 7.01
CA VAL A 45 -0.89 4.90 6.30
C VAL A 45 -1.75 5.75 7.24
N CYS A 46 -2.21 6.89 6.72
CA CYS A 46 -3.03 7.80 7.51
C CYS A 46 -3.50 8.98 6.66
N ARG A 47 -4.68 9.51 6.99
CA ARG A 47 -5.23 10.64 6.25
C ARG A 47 -4.62 11.97 6.69
N ASP A 48 -3.68 11.91 7.62
CA ASP A 48 -3.02 13.12 8.13
C ASP A 48 -1.55 12.85 8.45
N ASN A 49 -0.66 13.52 7.72
CA ASN A 49 0.78 13.36 7.94
C ASN A 49 1.30 14.37 8.94
N SER A 50 0.85 15.62 8.83
CA SER A 50 1.28 16.69 9.72
C SER A 50 1.10 16.29 11.19
N ILE A 51 0.17 15.37 11.45
CA ILE A 51 -0.08 14.92 12.81
C ILE A 51 1.11 14.17 13.39
N LEU A 52 2.06 13.80 12.53
CA LEU A 52 3.25 13.09 12.99
C LEU A 52 4.16 12.72 11.80
N PRO A 53 5.49 12.80 12.00
CA PRO A 53 6.46 12.48 10.95
C PRO A 53 6.40 11.02 10.54
N PRO A 54 7.14 10.63 9.47
CA PRO A 54 7.16 9.26 8.98
C PRO A 54 7.69 8.28 10.03
N LEU A 55 7.59 6.98 9.72
CA LEU A 55 8.05 5.94 10.64
C LEU A 55 9.54 6.09 10.92
N ASP A 56 10.36 5.72 9.94
CA ASP A 56 11.80 5.80 10.07
C ASP A 56 12.44 6.46 8.85
N LYS A 57 12.90 7.69 9.03
CA LYS A 57 13.53 8.43 7.93
C LYS A 57 14.92 7.87 7.62
N GLU A 58 15.62 7.44 8.67
CA GLU A 58 16.96 6.89 8.52
C GLU A 58 16.92 5.59 7.71
N LYS A 59 15.88 4.81 7.93
CA LYS A 59 15.72 3.53 7.22
C LYS A 59 15.35 3.77 5.76
N GLY A 60 14.68 4.89 5.50
CA GLY A 60 14.27 5.20 4.14
C GLY A 60 12.78 4.98 3.92
N GLU A 61 12.05 6.07 3.73
CA GLU A 61 10.61 5.99 3.50
C GLU A 61 10.26 6.36 2.07
N THR A 62 9.56 5.45 1.39
CA THR A 62 9.16 5.67 0.01
C THR A 62 7.66 5.98 -0.07
N LEU A 63 7.34 7.27 -0.20
CA LEU A 63 5.95 7.69 -0.29
C LEU A 63 5.39 7.48 -1.69
N LEU A 64 4.17 6.95 -1.76
CA LEU A 64 3.53 6.70 -3.05
C LEU A 64 2.15 7.35 -3.13
N SER A 65 1.27 6.98 -2.20
CA SER A 65 -0.08 7.54 -2.17
C SER A 65 -0.10 8.87 -1.42
N PRO A 66 -1.29 9.50 -1.26
CA PRO A 66 -1.41 10.78 -0.55
C PRO A 66 -0.54 10.82 0.70
N LEU A 67 -0.62 9.74 1.48
CA LEU A 67 0.18 9.61 2.69
C LEU A 67 0.41 8.15 3.03
N VAL A 68 1.41 7.58 2.41
CA VAL A 68 1.76 6.19 2.64
C VAL A 68 3.26 6.01 2.54
N ALA A 69 3.87 5.59 3.64
CA ALA A 69 5.31 5.41 3.66
C ALA A 69 5.68 3.93 3.71
N ALA A 70 6.18 3.42 2.60
CA ALA A 70 6.57 2.02 2.51
C ALA A 70 7.68 1.69 3.51
N GLY A 71 8.28 0.52 3.35
CA GLY A 71 9.35 0.11 4.26
C GLY A 71 10.66 0.80 3.95
N PRO A 72 11.80 0.07 3.98
CA PRO A 72 13.11 0.65 3.70
C PRO A 72 13.23 1.14 2.26
N HIS A 73 13.61 2.40 2.11
CA HIS A 73 13.76 2.99 0.79
C HIS A 73 14.73 2.18 -0.07
N GLY A 74 14.19 1.52 -1.09
CA GLY A 74 15.02 0.72 -1.98
C GLY A 74 14.84 -0.76 -1.76
N LEU A 75 13.81 -1.32 -2.39
CA LEU A 75 13.53 -2.75 -2.28
C LEU A 75 13.05 -3.30 -3.61
N LYS A 76 14.00 -3.69 -4.46
CA LYS A 76 13.69 -4.23 -5.78
C LYS A 76 12.81 -5.46 -5.67
N PHE A 77 12.14 -5.79 -6.78
CA PHE A 77 11.25 -6.95 -6.82
C PHE A 77 11.36 -7.65 -8.16
N LEU A 78 11.19 -8.97 -8.14
CA LEU A 78 11.26 -9.76 -9.38
C LEU A 78 9.87 -10.06 -9.91
N LYS A 79 8.90 -9.30 -9.45
CA LYS A 79 7.51 -9.44 -9.87
C LYS A 79 6.69 -8.23 -9.48
N PRO A 80 5.83 -7.73 -10.38
CA PRO A 80 5.00 -6.55 -10.10
C PRO A 80 4.03 -6.78 -8.94
N VAL A 81 4.40 -6.32 -7.76
CA VAL A 81 3.56 -6.48 -6.59
C VAL A 81 2.33 -5.58 -6.68
N GLU A 82 1.18 -6.12 -6.29
CA GLU A 82 -0.07 -5.37 -6.35
C GLU A 82 -0.22 -4.45 -5.13
N LEU A 83 -0.31 -3.16 -5.39
CA LEU A 83 -0.46 -2.17 -4.32
C LEU A 83 -1.69 -1.32 -4.55
N ARG A 84 -2.64 -1.37 -3.61
CA ARG A 84 -3.87 -0.60 -3.72
C ARG A 84 -3.95 0.49 -2.64
N LEU A 85 -4.30 1.70 -3.05
CA LEU A 85 -4.41 2.83 -2.12
C LEU A 85 -5.66 3.65 -2.42
N PRO A 86 -6.66 3.65 -1.51
CA PRO A 86 -7.89 4.42 -1.68
C PRO A 86 -7.62 5.90 -1.90
N HIS A 87 -8.05 6.43 -3.04
CA HIS A 87 -7.84 7.83 -3.36
C HIS A 87 -8.61 8.74 -2.40
N CYS A 88 -9.92 8.51 -2.28
CA CYS A 88 -10.75 9.30 -1.39
C CYS A 88 -12.16 8.73 -1.31
N ASP A 89 -13.04 9.42 -0.58
CA ASP A 89 -14.42 8.98 -0.42
C ASP A 89 -15.32 9.67 -1.43
N PRO A 90 -16.57 9.19 -1.57
CA PRO A 90 -17.54 9.76 -2.51
C PRO A 90 -18.30 10.95 -1.93
N LYS A 91 -17.60 11.82 -1.22
CA LYS A 91 -18.21 13.00 -0.62
C LYS A 91 -17.78 14.26 -1.34
N THR A 92 -16.49 14.53 -1.30
CA THR A 92 -15.92 15.71 -1.96
C THR A 92 -15.30 15.35 -3.31
N TRP A 93 -15.45 14.09 -3.65
CA TRP A 93 -14.95 13.55 -4.91
C TRP A 93 -15.48 14.33 -6.09
N GLN A 94 -16.70 14.83 -5.94
CA GLN A 94 -17.36 15.58 -7.00
C GLN A 94 -17.17 17.08 -6.84
N ASN A 95 -16.92 17.75 -7.96
CA ASN A 95 -16.71 19.19 -7.96
C ASN A 95 -16.51 19.70 -9.38
N LYS A 96 -15.77 18.93 -10.19
CA LYS A 96 -15.50 19.28 -11.57
C LYS A 96 -15.87 18.13 -12.50
N CYS A 97 -15.39 18.18 -13.74
CA CYS A 97 -15.67 17.15 -14.72
C CYS A 97 -17.12 17.22 -15.18
N LEU A 98 -17.56 16.18 -15.89
CA LEU A 98 -18.92 16.14 -16.40
C LEU A 98 -19.83 15.29 -15.51
N PRO A 99 -20.88 15.90 -14.93
CA PRO A 99 -21.83 15.18 -14.08
C PRO A 99 -22.79 14.32 -14.90
N GLY A 100 -22.71 14.45 -16.22
CA GLY A 100 -23.57 13.68 -17.09
C GLY A 100 -23.18 12.22 -17.18
N ASP A 101 -21.89 11.96 -17.30
CA ASP A 101 -21.40 10.58 -17.40
C ASP A 101 -21.21 9.97 -16.01
N PRO A 102 -22.03 8.98 -15.64
CA PRO A 102 -21.94 8.32 -14.32
C PRO A 102 -20.59 7.66 -14.12
N ASN A 103 -19.96 7.26 -15.23
CA ASN A 103 -18.64 6.62 -15.18
C ASN A 103 -17.54 7.67 -14.99
N TYR A 104 -17.94 8.92 -14.81
CA TYR A 104 -17.01 10.03 -14.62
C TYR A 104 -15.95 9.73 -13.53
N LEU A 105 -16.15 10.26 -12.33
CA LEU A 105 -15.21 10.10 -11.22
C LEU A 105 -15.36 8.76 -10.52
N VAL A 106 -16.43 8.03 -10.79
CA VAL A 106 -16.68 6.74 -10.13
C VAL A 106 -15.61 5.70 -10.46
N GLY A 107 -14.40 6.16 -10.76
CA GLY A 107 -13.30 5.27 -11.07
C GLY A 107 -12.00 5.69 -10.37
N ALA A 108 -12.05 6.82 -9.67
CA ALA A 108 -10.88 7.33 -8.97
C ALA A 108 -10.88 6.89 -7.50
N ASN A 109 -11.67 5.86 -7.19
CA ASN A 109 -11.76 5.36 -5.83
C ASN A 109 -10.47 4.65 -5.42
N CYS A 110 -10.28 3.44 -5.93
CA CYS A 110 -9.09 2.65 -5.62
C CYS A 110 -8.08 2.73 -6.77
N VAL A 111 -6.82 2.96 -6.43
CA VAL A 111 -5.77 3.06 -7.45
C VAL A 111 -4.89 1.82 -7.46
N SER A 112 -5.05 0.99 -8.49
CA SER A 112 -4.26 -0.22 -8.60
C SER A 112 -2.88 0.12 -9.17
N VAL A 113 -1.88 0.13 -8.32
CA VAL A 113 -0.52 0.45 -8.74
C VAL A 113 0.44 -0.69 -8.44
N LEU A 114 1.25 -1.06 -9.43
CA LEU A 114 2.22 -2.14 -9.26
C LEU A 114 3.59 -1.58 -8.91
N ILE A 115 4.33 -2.33 -8.11
CA ILE A 115 5.65 -1.90 -7.69
C ILE A 115 6.70 -2.98 -7.94
N ASP A 116 7.70 -2.65 -8.73
CA ASP A 116 8.79 -3.57 -9.05
C ASP A 116 10.13 -2.94 -8.70
N HIS A 117 10.10 -2.01 -7.75
CA HIS A 117 11.31 -1.33 -7.32
C HIS A 117 11.00 -0.28 -6.25
N PHE A 118 11.40 -0.54 -5.02
CA PHE A 118 11.16 0.39 -3.92
C PHE A 118 12.33 1.33 -3.73
N THR A 1 -2.72 11.84 15.76
CA THR A 1 -2.98 11.07 17.01
C THR A 1 -3.17 9.58 16.71
N VAL A 2 -3.73 9.29 15.53
CA VAL A 2 -3.96 7.90 15.13
C VAL A 2 -3.40 7.64 13.74
N VAL A 3 -2.66 6.54 13.60
CA VAL A 3 -2.07 6.18 12.32
C VAL A 3 -2.10 4.67 12.11
N ALA A 4 -2.37 4.25 10.88
CA ALA A 4 -2.41 2.83 10.55
C ALA A 4 -1.07 2.38 10.01
N THR A 5 -0.42 1.46 10.71
CA THR A 5 0.88 0.96 10.28
C THR A 5 0.95 -0.55 10.42
N ALA A 6 1.64 -1.19 9.48
CA ALA A 6 1.80 -2.64 9.48
C ALA A 6 3.19 -3.04 9.03
N ARG A 7 3.82 -3.94 9.78
CA ARG A 7 5.15 -4.41 9.45
C ARG A 7 5.19 -5.94 9.42
N GLY A 8 5.83 -6.50 8.41
CA GLY A 8 5.92 -7.95 8.30
C GLY A 8 6.88 -8.40 7.22
N ILE A 9 7.37 -9.62 7.35
CA ILE A 9 8.30 -10.19 6.37
C ILE A 9 7.54 -10.95 5.30
N PHE A 10 8.14 -11.08 4.13
CA PHE A 10 7.51 -11.79 3.02
C PHE A 10 8.46 -12.81 2.40
N ASN A 11 7.90 -13.64 1.52
CA ASN A 11 8.69 -14.67 0.84
C ASN A 11 8.10 -15.00 -0.53
N SER A 12 8.82 -15.81 -1.29
CA SER A 12 8.38 -16.20 -2.62
C SER A 12 7.02 -16.91 -2.56
N ASN A 13 6.69 -17.44 -1.38
CA ASN A 13 5.43 -18.15 -1.19
C ASN A 13 4.24 -17.28 -1.60
N GLY A 14 4.21 -16.07 -1.07
CA GLY A 14 3.13 -15.15 -1.39
C GLY A 14 2.33 -14.73 -0.17
N GLY A 15 2.16 -13.43 0.00
CA GLY A 15 1.41 -12.91 1.13
C GLY A 15 0.89 -11.51 0.87
N VAL A 16 0.32 -10.89 1.90
CA VAL A 16 -0.21 -9.54 1.75
C VAL A 16 0.04 -8.69 3.00
N LEU A 17 0.17 -7.40 2.78
CA LEU A 17 0.40 -6.45 3.87
C LEU A 17 -0.69 -5.39 3.84
N SER A 18 -1.69 -5.54 4.71
CA SER A 18 -2.80 -4.61 4.76
C SER A 18 -2.99 -4.03 6.15
N SER A 19 -3.58 -2.83 6.20
CA SER A 19 -3.86 -2.16 7.46
C SER A 19 -5.32 -1.77 7.54
N ILE A 20 -6.12 -2.59 8.20
CA ILE A 20 -7.55 -2.33 8.34
C ILE A 20 -7.83 -0.94 8.89
N GLU A 21 -6.87 -0.41 9.65
CA GLU A 21 -7.01 0.92 10.23
C GLU A 21 -7.11 2.00 9.16
N THR A 22 -6.63 1.69 7.95
CA THR A 22 -6.68 2.64 6.85
C THR A 22 -7.34 2.03 5.62
N GLY A 23 -6.84 0.87 5.19
CA GLY A 23 -7.41 0.21 4.03
C GLY A 23 -6.35 -0.20 3.02
N VAL A 24 -5.30 0.60 2.91
CA VAL A 24 -4.21 0.31 1.97
C VAL A 24 -3.63 -1.07 2.23
N SER A 25 -3.22 -1.74 1.15
CA SER A 25 -2.64 -3.08 1.27
C SER A 25 -1.60 -3.33 0.19
N ILE A 26 -0.80 -4.38 0.40
CA ILE A 26 0.24 -4.74 -0.57
C ILE A 26 0.31 -6.26 -0.74
N ILE A 27 -0.03 -6.73 -1.93
CA ILE A 27 0.01 -8.15 -2.23
C ILE A 27 1.34 -8.54 -2.88
N ILE A 28 1.92 -9.64 -2.42
CA ILE A 28 3.19 -10.11 -2.98
C ILE A 28 2.97 -11.35 -3.83
N PRO A 29 2.86 -11.20 -5.16
CA PRO A 29 2.65 -12.33 -6.06
C PRO A 29 3.83 -13.31 -6.03
N GLN A 30 3.51 -14.59 -6.18
CA GLN A 30 4.53 -15.64 -6.16
C GLN A 30 5.63 -15.36 -7.18
N GLY A 31 6.77 -14.86 -6.70
CA GLY A 31 7.88 -14.56 -7.58
C GLY A 31 8.41 -13.14 -7.41
N ALA A 32 7.87 -12.40 -6.45
CA ALA A 32 8.32 -11.03 -6.20
C ALA A 32 9.59 -11.01 -5.36
N ILE A 33 9.79 -12.04 -4.56
CA ILE A 33 10.98 -12.14 -3.71
C ILE A 33 11.75 -13.41 -4.03
N PRO A 34 13.09 -13.36 -4.02
CA PRO A 34 13.93 -14.52 -4.32
C PRO A 34 13.63 -15.70 -3.40
N GLU A 35 13.70 -16.91 -3.95
CA GLU A 35 13.43 -18.12 -3.18
C GLU A 35 14.43 -18.27 -2.03
N GLY A 36 13.99 -18.92 -0.96
CA GLY A 36 14.85 -19.11 0.19
C GLY A 36 15.32 -17.81 0.80
N VAL A 37 14.54 -16.75 0.60
CA VAL A 37 14.87 -15.44 1.14
C VAL A 37 13.70 -14.84 1.90
N GLU A 38 14.01 -13.87 2.76
CA GLU A 38 13.00 -13.19 3.54
C GLU A 38 13.16 -11.69 3.40
N GLN A 39 12.17 -11.04 2.78
CA GLN A 39 12.23 -9.60 2.57
C GLN A 39 11.27 -8.88 3.54
N GLU A 40 11.85 -8.18 4.51
CA GLU A 40 11.06 -7.45 5.49
C GLU A 40 10.42 -6.21 4.86
N ILE A 41 9.09 -6.17 4.87
CA ILE A 41 8.35 -5.04 4.31
C ILE A 41 7.36 -4.48 5.31
N TYR A 42 7.24 -3.15 5.33
CA TYR A 42 6.33 -2.47 6.24
C TYR A 42 5.90 -1.14 5.64
N PHE A 43 4.95 -0.48 6.31
CA PHE A 43 4.47 0.81 5.83
C PHE A 43 3.48 1.44 6.81
N LYS A 44 3.25 2.74 6.65
CA LYS A 44 2.32 3.46 7.53
C LYS A 44 1.41 4.37 6.71
N VAL A 45 0.11 4.11 6.77
CA VAL A 45 -0.88 4.90 6.06
C VAL A 45 -1.66 5.78 7.03
N CYS A 46 -1.98 7.00 6.59
CA CYS A 46 -2.72 7.92 7.43
C CYS A 46 -2.98 9.24 6.70
N ARG A 47 -4.11 9.87 7.02
CA ARG A 47 -4.48 11.13 6.40
C ARG A 47 -3.92 12.32 7.19
N ASP A 48 -2.64 12.25 7.50
CA ASP A 48 -1.98 13.31 8.27
C ASP A 48 -0.46 13.14 8.23
N ASN A 49 0.21 14.00 7.47
CA ASN A 49 1.67 13.93 7.35
C ASN A 49 2.36 14.79 8.40
N SER A 50 2.01 16.07 8.46
CA SER A 50 2.61 16.99 9.43
C SER A 50 2.29 16.59 10.86
N ILE A 51 1.10 16.06 11.07
CA ILE A 51 0.68 15.64 12.41
C ILE A 51 1.35 14.34 12.82
N LEU A 52 2.15 13.76 11.92
CA LEU A 52 2.85 12.51 12.21
C LEU A 52 3.88 12.19 11.14
N PRO A 53 5.18 12.15 11.52
CA PRO A 53 6.26 11.86 10.58
C PRO A 53 6.37 10.38 10.27
N PRO A 54 7.18 10.01 9.25
CA PRO A 54 7.38 8.62 8.86
C PRO A 54 7.90 7.76 10.00
N LEU A 55 7.96 6.45 9.78
CA LEU A 55 8.44 5.52 10.80
C LEU A 55 9.90 5.80 11.14
N ASP A 56 10.78 5.59 10.17
CA ASP A 56 12.20 5.82 10.35
C ASP A 56 12.84 6.38 9.09
N LYS A 57 13.44 7.56 9.19
CA LYS A 57 14.08 8.19 8.05
C LYS A 57 15.38 7.49 7.70
N GLU A 58 16.06 6.98 8.72
CA GLU A 58 17.32 6.27 8.52
C GLU A 58 17.12 5.02 7.66
N LYS A 59 15.95 4.42 7.78
CA LYS A 59 15.63 3.22 7.01
C LYS A 59 15.20 3.57 5.59
N GLY A 60 14.57 4.74 5.44
CA GLY A 60 14.11 5.16 4.14
C GLY A 60 12.62 4.90 3.93
N GLU A 61 11.84 5.97 3.88
CA GLU A 61 10.40 5.85 3.68
C GLU A 61 10.00 6.25 2.26
N THR A 62 9.56 5.27 1.48
CA THR A 62 9.15 5.53 0.10
C THR A 62 7.69 5.96 0.04
N LEU A 63 7.46 7.25 -0.18
CA LEU A 63 6.11 7.78 -0.24
C LEU A 63 5.45 7.42 -1.57
N LEU A 64 4.16 7.07 -1.51
CA LEU A 64 3.42 6.70 -2.72
C LEU A 64 2.14 7.52 -2.86
N SER A 65 1.29 7.44 -1.84
CA SER A 65 0.03 8.18 -1.83
C SER A 65 0.18 9.51 -1.10
N PRO A 66 -0.92 10.27 -0.90
CA PRO A 66 -0.86 11.57 -0.20
C PRO A 66 0.07 11.51 1.00
N LEU A 67 -0.08 10.46 1.81
CA LEU A 67 0.77 10.27 2.98
C LEU A 67 0.86 8.79 3.34
N VAL A 68 1.74 8.09 2.64
CA VAL A 68 1.94 6.68 2.90
C VAL A 68 3.41 6.34 2.72
N ALA A 69 4.03 5.89 3.80
CA ALA A 69 5.45 5.57 3.76
C ALA A 69 5.68 4.06 3.76
N ALA A 70 6.07 3.54 2.60
CA ALA A 70 6.34 2.12 2.45
C ALA A 70 7.51 1.68 3.32
N GLY A 71 8.03 0.49 3.04
CA GLY A 71 9.14 -0.03 3.81
C GLY A 71 10.42 0.77 3.59
N PRO A 72 11.59 0.11 3.62
CA PRO A 72 12.87 0.80 3.41
C PRO A 72 13.03 1.30 1.98
N HIS A 73 13.48 2.54 1.84
CA HIS A 73 13.67 3.15 0.53
C HIS A 73 14.68 2.35 -0.29
N GLY A 74 14.18 1.69 -1.34
CA GLY A 74 15.05 0.90 -2.19
C GLY A 74 14.88 -0.59 -1.96
N LEU A 75 13.87 -1.18 -2.61
CA LEU A 75 13.62 -2.61 -2.47
C LEU A 75 13.12 -3.18 -3.79
N LYS A 76 14.07 -3.60 -4.63
CA LYS A 76 13.76 -4.17 -5.93
C LYS A 76 12.96 -5.45 -5.79
N PHE A 77 12.27 -5.83 -6.86
CA PHE A 77 11.45 -7.04 -6.86
C PHE A 77 11.61 -7.79 -8.19
N LEU A 78 11.37 -9.10 -8.15
CA LEU A 78 11.48 -9.92 -9.36
C LEU A 78 10.11 -10.15 -9.98
N LYS A 79 9.15 -9.37 -9.53
CA LYS A 79 7.78 -9.46 -10.01
C LYS A 79 6.98 -8.23 -9.57
N PRO A 80 6.17 -7.64 -10.47
CA PRO A 80 5.36 -6.45 -10.15
C PRO A 80 4.35 -6.73 -9.04
N VAL A 81 4.73 -6.40 -7.80
CA VAL A 81 3.84 -6.61 -6.68
C VAL A 81 2.57 -5.78 -6.83
N GLU A 82 1.56 -6.07 -6.02
CA GLU A 82 0.29 -5.36 -6.10
C GLU A 82 0.11 -4.41 -4.92
N LEU A 83 -0.16 -3.15 -5.22
CA LEU A 83 -0.37 -2.13 -4.19
C LEU A 83 -1.72 -1.46 -4.40
N ARG A 84 -2.52 -1.41 -3.34
CA ARG A 84 -3.84 -0.80 -3.42
C ARG A 84 -4.00 0.37 -2.44
N LEU A 85 -4.38 1.52 -2.96
CA LEU A 85 -4.58 2.72 -2.15
C LEU A 85 -5.77 3.52 -2.67
N PRO A 86 -6.30 4.46 -1.86
CA PRO A 86 -7.44 5.28 -2.25
C PRO A 86 -7.10 6.21 -3.41
N HIS A 87 -7.84 6.05 -4.52
CA HIS A 87 -7.61 6.88 -5.71
C HIS A 87 -8.32 8.23 -5.57
N CYS A 88 -9.59 8.19 -5.19
CA CYS A 88 -10.38 9.40 -5.03
C CYS A 88 -10.55 10.11 -6.37
N ASP A 89 -10.94 9.36 -7.39
CA ASP A 89 -11.14 9.92 -8.73
C ASP A 89 -12.61 9.87 -9.12
N PRO A 90 -13.41 10.84 -8.66
CA PRO A 90 -14.84 10.91 -8.97
C PRO A 90 -15.13 11.56 -10.32
N LYS A 91 -14.39 11.13 -11.34
CA LYS A 91 -14.57 11.68 -12.69
C LYS A 91 -15.23 10.66 -13.62
N THR A 92 -15.77 9.59 -13.05
CA THR A 92 -16.42 8.54 -13.85
C THR A 92 -17.89 8.38 -13.48
N TRP A 93 -18.42 9.37 -12.78
CA TRP A 93 -19.82 9.35 -12.37
C TRP A 93 -20.58 10.55 -12.92
N GLN A 94 -19.91 11.69 -12.95
CA GLN A 94 -20.53 12.91 -13.45
C GLN A 94 -20.03 13.25 -14.85
N ASN A 95 -20.42 12.42 -15.81
CA ASN A 95 -20.02 12.62 -17.20
C ASN A 95 -21.00 11.95 -18.16
N LYS A 96 -21.38 10.71 -17.84
CA LYS A 96 -22.32 9.97 -18.66
C LYS A 96 -23.10 8.95 -17.83
N CYS A 97 -22.38 8.21 -16.99
CA CYS A 97 -23.01 7.20 -16.13
C CYS A 97 -24.07 7.82 -15.24
N LEU A 98 -24.68 7.01 -14.40
CA LEU A 98 -25.73 7.48 -13.50
C LEU A 98 -25.17 7.75 -12.09
N PRO A 99 -25.47 8.92 -11.51
CA PRO A 99 -24.99 9.28 -10.18
C PRO A 99 -25.44 8.29 -9.11
N GLY A 100 -26.53 7.58 -9.38
CA GLY A 100 -27.05 6.61 -8.43
C GLY A 100 -26.43 5.24 -8.60
N ASP A 101 -25.95 4.94 -9.80
CA ASP A 101 -25.33 3.65 -10.08
C ASP A 101 -24.10 3.43 -9.19
N PRO A 102 -24.15 2.46 -8.27
CA PRO A 102 -23.02 2.17 -7.38
C PRO A 102 -21.71 2.01 -8.14
N ASN A 103 -21.79 1.52 -9.37
CA ASN A 103 -20.61 1.35 -10.19
C ASN A 103 -19.92 2.69 -10.43
N TYR A 104 -20.66 3.78 -10.24
CA TYR A 104 -20.15 5.12 -10.42
C TYR A 104 -18.90 5.38 -9.56
N LEU A 105 -18.72 4.57 -8.52
CA LEU A 105 -17.57 4.73 -7.62
C LEU A 105 -17.21 3.44 -6.90
N VAL A 106 -18.18 2.55 -6.70
CA VAL A 106 -17.94 1.29 -6.00
C VAL A 106 -17.03 0.34 -6.78
N GLY A 107 -16.04 0.89 -7.49
CA GLY A 107 -15.13 0.06 -8.26
C GLY A 107 -13.78 0.72 -8.48
N ALA A 108 -13.80 2.02 -8.80
CA ALA A 108 -12.58 2.77 -9.03
C ALA A 108 -12.11 3.48 -7.77
N ASN A 109 -12.60 3.04 -6.62
CA ASN A 109 -12.22 3.64 -5.35
C ASN A 109 -10.74 3.41 -5.03
N CYS A 110 -10.29 2.18 -5.26
CA CYS A 110 -8.89 1.82 -5.01
C CYS A 110 -8.06 1.94 -6.28
N VAL A 111 -6.79 2.28 -6.12
CA VAL A 111 -5.88 2.43 -7.25
C VAL A 111 -4.91 1.26 -7.34
N SER A 112 -5.08 0.41 -8.34
CA SER A 112 -4.20 -0.74 -8.53
C SER A 112 -2.87 -0.27 -9.13
N VAL A 113 -1.84 -0.24 -8.30
CA VAL A 113 -0.52 0.18 -8.73
C VAL A 113 0.52 -0.90 -8.49
N LEU A 114 1.19 -1.33 -9.56
CA LEU A 114 2.19 -2.37 -9.46
C LEU A 114 3.56 -1.77 -9.15
N ILE A 115 4.29 -2.42 -8.23
CA ILE A 115 5.60 -1.95 -7.83
C ILE A 115 6.67 -3.02 -8.07
N ASP A 116 7.62 -2.70 -8.95
CA ASP A 116 8.70 -3.62 -9.27
C ASP A 116 10.05 -2.97 -8.94
N HIS A 117 10.02 -2.05 -7.99
CA HIS A 117 11.23 -1.34 -7.57
C HIS A 117 10.92 -0.29 -6.50
N PHE A 118 11.43 -0.52 -5.30
CA PHE A 118 11.21 0.41 -4.19
C PHE A 118 12.37 1.37 -4.03
N THR A 1 -4.90 12.43 13.76
CA THR A 1 -4.50 12.21 15.17
C THR A 1 -3.69 10.92 15.33
N VAL A 2 -4.27 9.81 14.88
CA VAL A 2 -3.61 8.52 14.97
C VAL A 2 -3.11 8.06 13.61
N VAL A 3 -2.15 7.14 13.60
CA VAL A 3 -1.59 6.62 12.36
C VAL A 3 -1.66 5.09 12.32
N ALA A 4 -1.93 4.55 11.14
CA ALA A 4 -2.02 3.10 10.97
C ALA A 4 -0.80 2.58 10.21
N THR A 5 -0.03 1.72 10.87
CA THR A 5 1.17 1.15 10.26
C THR A 5 1.10 -0.37 10.24
N ALA A 6 1.63 -0.96 9.18
CA ALA A 6 1.64 -2.41 9.04
C ALA A 6 3.04 -2.94 8.74
N ARG A 7 3.53 -3.81 9.60
CA ARG A 7 4.86 -4.38 9.43
C ARG A 7 4.79 -5.91 9.31
N GLY A 8 5.46 -6.46 8.31
CA GLY A 8 5.46 -7.89 8.12
C GLY A 8 6.45 -8.36 7.08
N ILE A 9 7.00 -9.55 7.27
CA ILE A 9 7.97 -10.11 6.33
C ILE A 9 7.27 -10.94 5.26
N PHE A 10 7.95 -11.15 4.14
CA PHE A 10 7.38 -11.92 3.04
C PHE A 10 8.42 -12.81 2.38
N ASN A 11 7.96 -13.89 1.76
CA ASN A 11 8.84 -14.82 1.08
C ASN A 11 8.37 -15.08 -0.34
N SER A 12 9.18 -15.79 -1.11
CA SER A 12 8.86 -16.11 -2.50
C SER A 12 7.47 -16.72 -2.61
N ASN A 13 7.00 -17.33 -1.52
CA ASN A 13 5.68 -17.95 -1.51
C ASN A 13 4.59 -16.97 -1.91
N GLY A 14 4.73 -15.73 -1.46
CA GLY A 14 3.75 -14.70 -1.79
C GLY A 14 2.82 -14.41 -0.63
N GLY A 15 2.54 -13.13 -0.42
CA GLY A 15 1.65 -12.72 0.65
C GLY A 15 1.19 -11.27 0.51
N VAL A 16 0.25 -10.86 1.35
CA VAL A 16 -0.26 -9.49 1.29
C VAL A 16 0.03 -8.74 2.59
N LEU A 17 0.18 -7.43 2.47
CA LEU A 17 0.44 -6.57 3.61
C LEU A 17 -0.64 -5.49 3.67
N SER A 18 -1.63 -5.69 4.53
CA SER A 18 -2.73 -4.74 4.65
C SER A 18 -2.90 -4.24 6.08
N SER A 19 -3.40 -3.02 6.21
CA SER A 19 -3.64 -2.42 7.52
C SER A 19 -5.10 -2.05 7.66
N ILE A 20 -5.86 -2.93 8.31
CA ILE A 20 -7.29 -2.71 8.51
C ILE A 20 -7.56 -1.34 9.14
N GLU A 21 -6.58 -0.83 9.88
CA GLU A 21 -6.73 0.47 10.53
C GLU A 21 -6.94 1.58 9.50
N THR A 22 -6.37 1.39 8.31
CA THR A 22 -6.49 2.39 7.24
C THR A 22 -7.18 1.79 6.02
N GLY A 23 -6.66 0.66 5.55
CA GLY A 23 -7.24 0.02 4.38
C GLY A 23 -6.20 -0.35 3.35
N VAL A 24 -5.20 0.51 3.16
CA VAL A 24 -4.15 0.27 2.18
C VAL A 24 -3.56 -1.13 2.34
N SER A 25 -3.19 -1.76 1.22
CA SER A 25 -2.63 -3.10 1.25
C SER A 25 -1.65 -3.32 0.10
N ILE A 26 -0.76 -4.30 0.28
CA ILE A 26 0.23 -4.63 -0.75
C ILE A 26 0.26 -6.13 -0.98
N ILE A 27 -0.15 -6.56 -2.18
CA ILE A 27 -0.16 -7.97 -2.51
C ILE A 27 1.11 -8.39 -3.24
N ILE A 28 1.86 -9.30 -2.62
CA ILE A 28 3.10 -9.79 -3.20
C ILE A 28 2.93 -11.20 -3.76
N PRO A 29 2.61 -11.32 -5.06
CA PRO A 29 2.41 -12.63 -5.71
C PRO A 29 3.66 -13.49 -5.66
N GLN A 30 3.47 -14.80 -5.59
CA GLN A 30 4.59 -15.74 -5.53
C GLN A 30 5.56 -15.49 -6.69
N GLY A 31 6.61 -14.72 -6.43
CA GLY A 31 7.59 -14.44 -7.46
C GLY A 31 8.30 -13.11 -7.25
N ALA A 32 7.69 -12.22 -6.45
CA ALA A 32 8.28 -10.91 -6.19
C ALA A 32 9.57 -11.04 -5.40
N ILE A 33 9.62 -12.00 -4.48
CA ILE A 33 10.80 -12.23 -3.66
C ILE A 33 11.47 -13.55 -4.02
N PRO A 34 12.82 -13.61 -3.99
CA PRO A 34 13.56 -14.82 -4.34
C PRO A 34 13.25 -15.97 -3.39
N GLU A 35 13.44 -17.20 -3.86
CA GLU A 35 13.18 -18.38 -3.07
C GLU A 35 14.21 -18.51 -1.94
N GLY A 36 13.81 -19.18 -0.87
CA GLY A 36 14.71 -19.36 0.26
C GLY A 36 15.18 -18.04 0.85
N VAL A 37 14.39 -16.99 0.65
CA VAL A 37 14.73 -15.67 1.17
C VAL A 37 13.57 -15.07 1.93
N GLU A 38 13.87 -14.08 2.76
CA GLU A 38 12.86 -13.38 3.54
C GLU A 38 13.07 -11.88 3.43
N GLN A 39 12.12 -11.19 2.80
CA GLN A 39 12.22 -9.75 2.63
C GLN A 39 11.25 -9.03 3.57
N GLU A 40 11.80 -8.36 4.59
CA GLU A 40 10.98 -7.64 5.55
C GLU A 40 10.40 -6.37 4.93
N ILE A 41 9.09 -6.20 5.06
CA ILE A 41 8.41 -5.04 4.51
C ILE A 41 7.43 -4.45 5.52
N TYR A 42 7.38 -3.12 5.57
CA TYR A 42 6.50 -2.42 6.48
C TYR A 42 6.17 -1.03 5.93
N PHE A 43 4.98 -0.53 6.23
CA PHE A 43 4.58 0.78 5.75
C PHE A 43 3.59 1.46 6.69
N LYS A 44 3.37 2.74 6.47
CA LYS A 44 2.45 3.53 7.29
C LYS A 44 1.44 4.26 6.41
N VAL A 45 0.23 4.40 6.91
CA VAL A 45 -0.83 5.09 6.18
C VAL A 45 -1.65 5.99 7.09
N CYS A 46 -1.95 7.19 6.60
CA CYS A 46 -2.73 8.15 7.38
C CYS A 46 -3.30 9.24 6.47
N ARG A 47 -4.47 9.75 6.84
CA ARG A 47 -5.13 10.80 6.06
C ARG A 47 -4.24 12.04 5.96
N ASP A 48 -3.50 12.32 7.03
CA ASP A 48 -2.62 13.47 7.07
C ASP A 48 -1.18 13.05 7.35
N ASN A 49 -0.23 13.75 6.74
CA ASN A 49 1.18 13.44 6.92
C ASN A 49 1.78 14.24 8.09
N SER A 50 1.18 15.39 8.38
CA SER A 50 1.66 16.24 9.47
C SER A 50 1.36 15.61 10.83
N ILE A 51 0.37 14.73 10.87
CA ILE A 51 0.00 14.06 12.11
C ILE A 51 1.16 13.24 12.66
N LEU A 52 2.12 12.91 11.79
CA LEU A 52 3.28 12.13 12.20
C LEU A 52 4.18 11.83 11.00
N PRO A 53 5.51 11.98 11.15
CA PRO A 53 6.47 11.72 10.07
C PRO A 53 6.65 10.23 9.81
N PRO A 54 7.40 9.87 8.76
CA PRO A 54 7.66 8.47 8.41
C PRO A 54 8.18 7.66 9.60
N LEU A 55 8.28 6.35 9.41
CA LEU A 55 8.77 5.47 10.47
C LEU A 55 10.23 5.10 10.24
N ASP A 56 10.64 5.08 8.97
CA ASP A 56 12.01 4.74 8.61
C ASP A 56 12.96 5.90 8.93
N LYS A 57 13.41 5.96 10.17
CA LYS A 57 14.31 7.03 10.60
C LYS A 57 15.71 6.82 10.02
N GLU A 58 16.15 5.57 9.96
CA GLU A 58 17.47 5.24 9.43
C GLU A 58 17.49 5.29 7.91
N LYS A 59 16.62 4.50 7.29
CA LYS A 59 16.55 4.45 5.84
C LYS A 59 16.13 5.79 5.25
N GLY A 60 14.84 6.09 5.35
CA GLY A 60 14.32 7.34 4.84
C GLY A 60 12.80 7.37 4.83
N GLU A 61 12.21 7.07 3.67
CA GLU A 61 10.75 7.06 3.53
C GLU A 61 10.36 7.05 2.06
N THR A 62 9.74 5.95 1.62
CA THR A 62 9.30 5.83 0.23
C THR A 62 7.82 6.12 0.11
N LEU A 63 7.48 7.35 -0.26
CA LEU A 63 6.09 7.75 -0.40
C LEU A 63 5.56 7.44 -1.80
N LEU A 64 4.32 6.97 -1.88
CA LEU A 64 3.70 6.63 -3.15
C LEU A 64 2.37 7.35 -3.32
N SER A 65 1.45 7.13 -2.39
CA SER A 65 0.14 7.75 -2.43
C SER A 65 0.15 9.08 -1.66
N PRO A 66 -1.02 9.74 -1.48
CA PRO A 66 -1.09 11.01 -0.76
C PRO A 66 -0.22 11.01 0.49
N LEU A 67 -0.38 9.98 1.32
CA LEU A 67 0.42 9.84 2.52
C LEU A 67 0.59 8.38 2.89
N VAL A 68 1.58 7.75 2.29
CA VAL A 68 1.87 6.35 2.56
C VAL A 68 3.37 6.12 2.45
N ALA A 69 3.99 5.73 3.53
CA ALA A 69 5.42 5.50 3.55
C ALA A 69 5.77 4.01 3.60
N ALA A 70 6.29 3.50 2.50
CA ALA A 70 6.67 2.09 2.40
C ALA A 70 7.77 1.75 3.41
N GLY A 71 8.33 0.56 3.28
CA GLY A 71 9.38 0.13 4.18
C GLY A 71 10.73 0.74 3.85
N PRO A 72 11.83 -0.02 4.05
CA PRO A 72 13.18 0.47 3.75
C PRO A 72 13.30 1.05 2.35
N HIS A 73 13.73 2.31 2.27
CA HIS A 73 13.88 2.97 0.98
C HIS A 73 14.79 2.18 0.06
N GLY A 74 14.22 1.61 -0.99
CA GLY A 74 14.99 0.82 -1.93
C GLY A 74 14.83 -0.67 -1.71
N LEU A 75 13.78 -1.24 -2.27
CA LEU A 75 13.52 -2.66 -2.15
C LEU A 75 13.05 -3.23 -3.49
N LYS A 76 14.01 -3.58 -4.33
CA LYS A 76 13.73 -4.13 -5.65
C LYS A 76 12.88 -5.39 -5.55
N PHE A 77 12.26 -5.76 -6.66
CA PHE A 77 11.41 -6.95 -6.73
C PHE A 77 11.56 -7.64 -8.08
N LEU A 78 11.42 -8.96 -8.08
CA LEU A 78 11.52 -9.73 -9.31
C LEU A 78 10.15 -10.01 -9.90
N LYS A 79 9.17 -9.25 -9.44
CA LYS A 79 7.79 -9.38 -9.90
C LYS A 79 6.98 -8.15 -9.53
N PRO A 80 6.16 -7.64 -10.46
CA PRO A 80 5.33 -6.45 -10.22
C PRO A 80 4.28 -6.67 -9.14
N VAL A 81 4.54 -6.20 -7.93
CA VAL A 81 3.61 -6.36 -6.82
C VAL A 81 2.36 -5.51 -7.05
N GLU A 82 1.25 -5.94 -6.48
CA GLU A 82 -0.01 -5.22 -6.63
C GLU A 82 -0.34 -4.40 -5.38
N LEU A 83 -0.23 -3.08 -5.50
CA LEU A 83 -0.55 -2.19 -4.39
C LEU A 83 -1.89 -1.50 -4.61
N ARG A 84 -2.80 -1.69 -3.67
CA ARG A 84 -4.13 -1.10 -3.77
C ARG A 84 -4.45 -0.25 -2.54
N LEU A 85 -5.09 0.90 -2.77
CA LEU A 85 -5.46 1.80 -1.68
C LEU A 85 -6.93 2.19 -1.79
N PRO A 86 -7.61 2.36 -0.64
CA PRO A 86 -9.02 2.73 -0.61
C PRO A 86 -9.24 4.20 -0.95
N HIS A 87 -10.23 4.46 -1.81
CA HIS A 87 -10.55 5.83 -2.22
C HIS A 87 -10.68 6.75 -1.00
N CYS A 88 -11.43 6.29 0.00
CA CYS A 88 -11.63 7.08 1.22
C CYS A 88 -12.47 6.30 2.23
N ASP A 89 -13.79 6.33 2.05
CA ASP A 89 -14.69 5.62 2.95
C ASP A 89 -15.63 4.70 2.17
N PRO A 90 -16.26 3.73 2.84
CA PRO A 90 -17.17 2.78 2.21
C PRO A 90 -18.60 3.30 2.11
N LYS A 91 -18.74 4.61 1.95
CA LYS A 91 -20.06 5.24 1.84
C LYS A 91 -20.31 5.73 0.42
N THR A 92 -19.36 5.50 -0.49
CA THR A 92 -19.50 5.94 -1.87
C THR A 92 -19.37 4.78 -2.85
N TRP A 93 -19.50 3.57 -2.33
CA TRP A 93 -19.39 2.38 -3.15
C TRP A 93 -20.70 1.59 -3.13
N GLN A 94 -21.22 1.39 -1.93
CA GLN A 94 -22.45 0.64 -1.73
C GLN A 94 -23.67 1.49 -2.09
N ASN A 95 -23.78 1.85 -3.36
CA ASN A 95 -24.88 2.66 -3.85
C ASN A 95 -25.31 2.22 -5.25
N LYS A 96 -24.33 2.03 -6.13
CA LYS A 96 -24.60 1.61 -7.49
C LYS A 96 -24.28 0.13 -7.69
N CYS A 97 -23.27 -0.35 -6.96
CA CYS A 97 -22.87 -1.75 -7.05
C CYS A 97 -23.70 -2.62 -6.13
N LEU A 98 -23.54 -3.93 -6.24
CA LEU A 98 -24.28 -4.88 -5.42
C LEU A 98 -23.43 -5.38 -4.26
N PRO A 99 -23.93 -5.24 -3.01
CA PRO A 99 -23.20 -5.70 -1.82
C PRO A 99 -23.02 -7.21 -1.79
N GLY A 100 -23.78 -7.91 -2.62
CA GLY A 100 -23.68 -9.36 -2.66
C GLY A 100 -22.69 -9.86 -3.70
N ASP A 101 -22.40 -9.02 -4.69
CA ASP A 101 -21.46 -9.39 -5.75
C ASP A 101 -20.08 -9.64 -5.16
N PRO A 102 -19.40 -10.71 -5.61
CA PRO A 102 -18.05 -11.05 -5.13
C PRO A 102 -17.00 -10.06 -5.61
N ASN A 103 -17.31 -9.34 -6.69
CA ASN A 103 -16.40 -8.34 -7.24
C ASN A 103 -16.66 -6.97 -6.64
N TYR A 104 -17.36 -6.94 -5.51
CA TYR A 104 -17.69 -5.69 -4.82
C TYR A 104 -16.44 -4.97 -4.31
N LEU A 105 -16.30 -4.86 -2.98
CA LEU A 105 -15.17 -4.19 -2.36
C LEU A 105 -13.82 -4.64 -2.95
N VAL A 106 -13.79 -5.83 -3.53
CA VAL A 106 -12.56 -6.35 -4.13
C VAL A 106 -12.21 -5.59 -5.41
N GLY A 107 -12.46 -4.28 -5.42
CA GLY A 107 -12.18 -3.47 -6.58
C GLY A 107 -13.20 -2.37 -6.76
N ALA A 108 -13.59 -1.75 -5.64
CA ALA A 108 -14.58 -0.68 -5.68
C ALA A 108 -14.06 0.54 -6.41
N ASN A 109 -13.16 1.27 -5.78
CA ASN A 109 -12.57 2.46 -6.38
C ASN A 109 -11.14 2.68 -5.91
N CYS A 110 -10.44 1.58 -5.65
CA CYS A 110 -9.06 1.65 -5.18
C CYS A 110 -8.11 1.85 -6.36
N VAL A 111 -6.99 2.53 -6.10
CA VAL A 111 -6.00 2.78 -7.14
C VAL A 111 -5.05 1.61 -7.32
N SER A 112 -5.11 0.96 -8.47
CA SER A 112 -4.25 -0.16 -8.76
C SER A 112 -2.87 0.32 -9.21
N VAL A 113 -1.89 0.22 -8.32
CA VAL A 113 -0.53 0.64 -8.63
C VAL A 113 0.46 -0.49 -8.42
N LEU A 114 1.23 -0.80 -9.46
CA LEU A 114 2.22 -1.86 -9.38
C LEU A 114 3.59 -1.31 -8.99
N ILE A 115 4.32 -2.08 -8.21
CA ILE A 115 5.65 -1.68 -7.75
C ILE A 115 6.68 -2.77 -7.99
N ASP A 116 7.68 -2.45 -8.79
CA ASP A 116 8.76 -3.39 -9.08
C ASP A 116 10.11 -2.81 -8.70
N HIS A 117 10.08 -1.89 -7.74
CA HIS A 117 11.29 -1.23 -7.26
C HIS A 117 10.97 -0.20 -6.19
N PHE A 118 11.34 -0.51 -4.95
CA PHE A 118 11.09 0.39 -3.83
C PHE A 118 12.25 1.36 -3.64
N THR A 1 -1.66 12.63 15.76
CA THR A 1 -2.67 12.14 16.74
C THR A 1 -2.80 10.61 16.67
N VAL A 2 -3.25 10.11 15.53
CA VAL A 2 -3.42 8.67 15.34
C VAL A 2 -2.91 8.24 13.96
N VAL A 3 -2.32 7.06 13.91
CA VAL A 3 -1.78 6.52 12.66
C VAL A 3 -1.83 5.01 12.64
N ALA A 4 -1.84 4.43 11.44
CA ALA A 4 -1.88 2.99 11.27
C ALA A 4 -0.63 2.50 10.57
N THR A 5 0.16 1.68 11.25
CA THR A 5 1.38 1.15 10.69
C THR A 5 1.38 -0.38 10.69
N ALA A 6 1.95 -0.96 9.66
CA ALA A 6 2.03 -2.42 9.54
C ALA A 6 3.43 -2.87 9.16
N ARG A 7 3.95 -3.84 9.89
CA ARG A 7 5.29 -4.36 9.63
C ARG A 7 5.26 -5.89 9.54
N GLY A 8 5.89 -6.43 8.51
CA GLY A 8 5.90 -7.88 8.35
C GLY A 8 6.85 -8.33 7.24
N ILE A 9 7.41 -9.52 7.41
CA ILE A 9 8.33 -10.07 6.42
C ILE A 9 7.57 -10.85 5.35
N PHE A 10 8.18 -11.03 4.19
CA PHE A 10 7.55 -11.74 3.10
C PHE A 10 8.53 -12.66 2.39
N ASN A 11 8.00 -13.60 1.60
CA ASN A 11 8.82 -14.55 0.87
C ASN A 11 8.16 -14.90 -0.46
N SER A 12 8.88 -15.64 -1.29
CA SER A 12 8.37 -16.06 -2.59
C SER A 12 7.02 -16.75 -2.46
N ASN A 13 6.75 -17.29 -1.27
CA ASN A 13 5.50 -17.99 -1.02
C ASN A 13 4.28 -17.15 -1.42
N GLY A 14 4.39 -15.83 -1.24
CA GLY A 14 3.30 -14.95 -1.59
C GLY A 14 2.47 -14.53 -0.40
N GLY A 15 2.54 -13.25 -0.06
CA GLY A 15 1.77 -12.73 1.06
C GLY A 15 1.54 -11.24 0.95
N VAL A 16 0.37 -10.79 1.40
CA VAL A 16 0.03 -9.38 1.33
C VAL A 16 0.18 -8.70 2.69
N LEU A 17 0.36 -7.39 2.63
CA LEU A 17 0.48 -6.57 3.81
C LEU A 17 -0.64 -5.54 3.80
N SER A 18 -1.69 -5.81 4.57
CA SER A 18 -2.84 -4.91 4.62
C SER A 18 -3.04 -4.28 5.99
N SER A 19 -3.51 -3.05 5.98
CA SER A 19 -3.78 -2.32 7.20
C SER A 19 -5.25 -1.90 7.22
N ILE A 20 -6.08 -2.69 7.88
CA ILE A 20 -7.51 -2.42 7.96
C ILE A 20 -7.79 -1.07 8.61
N GLU A 21 -6.89 -0.62 9.46
CA GLU A 21 -7.04 0.66 10.15
C GLU A 21 -7.09 1.82 9.15
N THR A 22 -6.45 1.63 8.00
CA THR A 22 -6.41 2.66 6.96
C THR A 22 -7.14 2.20 5.70
N GLY A 23 -6.76 1.03 5.19
CA GLY A 23 -7.40 0.51 4.00
C GLY A 23 -6.43 0.28 2.85
N VAL A 24 -5.13 0.45 3.12
CA VAL A 24 -4.12 0.25 2.10
C VAL A 24 -3.36 -1.06 2.33
N SER A 25 -3.04 -1.76 1.24
CA SER A 25 -2.32 -3.03 1.35
C SER A 25 -1.46 -3.28 0.12
N ILE A 26 -0.50 -4.20 0.27
CA ILE A 26 0.39 -4.55 -0.83
C ILE A 26 0.45 -6.07 -0.99
N ILE A 27 -0.06 -6.57 -2.10
CA ILE A 27 -0.07 -8.00 -2.36
C ILE A 27 1.19 -8.42 -3.12
N ILE A 28 2.01 -9.25 -2.49
CA ILE A 28 3.23 -9.73 -3.11
C ILE A 28 3.06 -11.16 -3.61
N PRO A 29 2.56 -11.33 -4.85
CA PRO A 29 2.35 -12.66 -5.43
C PRO A 29 3.65 -13.44 -5.59
N GLN A 30 3.54 -14.76 -5.69
CA GLN A 30 4.71 -15.61 -5.86
C GLN A 30 5.53 -15.20 -7.08
N GLY A 31 6.70 -14.61 -6.83
CA GLY A 31 7.54 -14.17 -7.93
C GLY A 31 8.19 -12.82 -7.66
N ALA A 32 7.75 -12.14 -6.61
CA ALA A 32 8.30 -10.83 -6.27
C ALA A 32 9.58 -10.99 -5.44
N ILE A 33 9.63 -12.03 -4.62
CA ILE A 33 10.79 -12.28 -3.79
C ILE A 33 11.39 -13.64 -4.13
N PRO A 34 12.73 -13.78 -4.08
CA PRO A 34 13.41 -15.04 -4.40
C PRO A 34 13.13 -16.12 -3.35
N GLU A 35 13.23 -17.37 -3.77
CA GLU A 35 12.98 -18.50 -2.87
C GLU A 35 14.05 -18.56 -1.78
N GLY A 36 13.70 -19.16 -0.64
CA GLY A 36 14.64 -19.27 0.45
C GLY A 36 15.10 -17.92 0.97
N VAL A 37 14.30 -16.88 0.74
CA VAL A 37 14.63 -15.54 1.17
C VAL A 37 13.48 -14.92 1.97
N GLU A 38 13.81 -13.89 2.75
CA GLU A 38 12.83 -13.19 3.55
C GLU A 38 13.00 -11.68 3.40
N GLN A 39 12.01 -11.03 2.80
CA GLN A 39 12.07 -9.59 2.59
C GLN A 39 11.22 -8.85 3.62
N GLU A 40 11.89 -8.17 4.55
CA GLU A 40 11.19 -7.41 5.58
C GLU A 40 10.54 -6.17 4.99
N ILE A 41 9.21 -6.11 5.06
CA ILE A 41 8.47 -4.98 4.51
C ILE A 41 7.52 -4.39 5.56
N TYR A 42 7.44 -3.07 5.60
CA TYR A 42 6.58 -2.37 6.54
C TYR A 42 6.17 -1.02 5.97
N PHE A 43 5.13 -0.42 6.53
CA PHE A 43 4.67 0.88 6.06
C PHE A 43 3.67 1.51 7.01
N LYS A 44 3.39 2.79 6.79
CA LYS A 44 2.44 3.53 7.62
C LYS A 44 1.46 4.32 6.75
N VAL A 45 0.18 4.21 7.09
CA VAL A 45 -0.88 4.90 6.36
C VAL A 45 -1.74 5.74 7.30
N CYS A 46 -2.26 6.84 6.79
CA CYS A 46 -3.10 7.73 7.59
C CYS A 46 -4.23 8.33 6.75
N ARG A 47 -5.36 8.59 7.38
CA ARG A 47 -6.51 9.17 6.69
C ARG A 47 -6.30 10.66 6.46
N ASP A 48 -5.56 11.30 7.37
CA ASP A 48 -5.30 12.74 7.26
C ASP A 48 -3.79 13.00 7.23
N ASN A 49 -3.36 13.86 6.30
CA ASN A 49 -1.95 14.19 6.17
C ASN A 49 -1.43 14.95 7.39
N SER A 50 -2.33 15.36 8.29
CA SER A 50 -1.95 16.09 9.49
C SER A 50 -0.83 15.38 10.24
N ILE A 51 -0.70 14.07 10.01
CA ILE A 51 0.35 13.28 10.67
C ILE A 51 1.72 13.51 10.04
N LEU A 52 1.75 14.36 9.00
CA LEU A 52 2.98 14.71 8.27
C LEU A 52 4.17 13.80 8.58
N PRO A 53 4.81 13.95 9.76
CA PRO A 53 5.96 13.13 10.15
C PRO A 53 5.76 11.64 9.85
N PRO A 54 6.70 11.03 9.11
CA PRO A 54 6.61 9.60 8.75
C PRO A 54 6.86 8.69 9.94
N LEU A 55 6.65 7.39 9.73
CA LEU A 55 6.84 6.40 10.77
C LEU A 55 8.33 6.17 11.02
N ASP A 56 9.14 6.33 9.98
CA ASP A 56 10.58 6.13 10.09
C ASP A 56 11.29 6.65 8.84
N LYS A 57 11.71 7.91 8.88
CA LYS A 57 12.40 8.53 7.74
C LYS A 57 13.82 8.00 7.61
N GLU A 58 14.50 7.84 8.74
CA GLU A 58 15.87 7.35 8.75
C GLU A 58 15.96 5.93 8.20
N LYS A 59 14.86 5.19 8.28
CA LYS A 59 14.83 3.82 7.80
C LYS A 59 14.33 3.74 6.36
N GLY A 60 14.38 4.86 5.65
CA GLY A 60 13.93 4.88 4.27
C GLY A 60 12.43 5.06 4.16
N GLU A 61 12.00 6.23 3.73
CA GLU A 61 10.58 6.53 3.58
C GLU A 61 10.18 6.65 2.11
N THR A 62 9.52 5.63 1.60
CA THR A 62 9.08 5.62 0.21
C THR A 62 7.59 5.93 0.12
N LEU A 63 7.28 7.19 -0.23
CA LEU A 63 5.89 7.62 -0.33
C LEU A 63 5.27 7.18 -1.65
N LEU A 64 4.01 6.73 -1.59
CA LEU A 64 3.29 6.29 -2.78
C LEU A 64 1.96 7.03 -2.91
N SER A 65 1.12 6.91 -1.87
CA SER A 65 -0.19 7.55 -1.86
C SER A 65 -0.07 8.94 -1.20
N PRO A 66 -1.21 9.63 -0.92
CA PRO A 66 -1.18 10.95 -0.30
C PRO A 66 -0.10 11.07 0.77
N LEU A 67 -0.05 10.08 1.66
CA LEU A 67 0.96 10.05 2.71
C LEU A 67 1.15 8.64 3.25
N VAL A 68 1.67 7.76 2.40
CA VAL A 68 1.92 6.39 2.80
C VAL A 68 3.39 6.07 2.62
N ALA A 69 4.06 5.75 3.72
CA ALA A 69 5.47 5.44 3.68
C ALA A 69 5.72 3.94 3.69
N ALA A 70 6.12 3.41 2.54
CA ALA A 70 6.41 1.99 2.40
C ALA A 70 7.59 1.58 3.28
N GLY A 71 8.10 0.37 3.07
CA GLY A 71 9.22 -0.12 3.85
C GLY A 71 10.50 0.64 3.56
N PRO A 72 11.66 -0.01 3.74
CA PRO A 72 12.97 0.61 3.49
C PRO A 72 13.04 1.26 2.11
N HIS A 73 13.99 2.18 1.95
CA HIS A 73 14.16 2.87 0.68
C HIS A 73 15.01 2.05 -0.29
N GLY A 74 14.38 1.55 -1.35
CA GLY A 74 15.09 0.76 -2.33
C GLY A 74 14.92 -0.73 -2.12
N LEU A 75 13.78 -1.25 -2.56
CA LEU A 75 13.51 -2.68 -2.44
C LEU A 75 12.91 -3.21 -3.73
N LYS A 76 13.78 -3.54 -4.67
CA LYS A 76 13.35 -4.05 -5.97
C LYS A 76 12.85 -5.48 -5.84
N PHE A 77 11.91 -5.84 -6.71
CA PHE A 77 11.34 -7.18 -6.71
C PHE A 77 11.52 -7.83 -8.08
N LEU A 78 11.29 -9.13 -8.14
CA LEU A 78 11.42 -9.87 -9.40
C LEU A 78 10.06 -10.03 -10.06
N LYS A 79 9.12 -9.23 -9.62
CA LYS A 79 7.76 -9.24 -10.14
C LYS A 79 6.97 -8.04 -9.63
N PRO A 80 6.21 -7.36 -10.50
CA PRO A 80 5.42 -6.18 -10.12
C PRO A 80 4.40 -6.49 -9.02
N VAL A 81 4.68 -6.02 -7.80
CA VAL A 81 3.79 -6.24 -6.69
C VAL A 81 2.51 -5.42 -6.85
N GLU A 82 1.38 -6.01 -6.48
CA GLU A 82 0.09 -5.34 -6.60
C GLU A 82 -0.22 -4.50 -5.36
N LEU A 83 -0.16 -3.18 -5.50
CA LEU A 83 -0.45 -2.27 -4.40
C LEU A 83 -1.81 -1.61 -4.61
N ARG A 84 -2.65 -1.65 -3.58
CA ARG A 84 -3.99 -1.07 -3.68
C ARG A 84 -4.23 -0.03 -2.58
N LEU A 85 -4.73 1.12 -2.98
CA LEU A 85 -5.03 2.21 -2.04
C LEU A 85 -6.30 2.94 -2.45
N PRO A 86 -6.98 3.60 -1.50
CA PRO A 86 -8.22 4.35 -1.77
C PRO A 86 -7.97 5.57 -2.65
N HIS A 87 -8.67 5.64 -3.78
CA HIS A 87 -8.53 6.75 -4.70
C HIS A 87 -9.15 8.02 -4.13
N CYS A 88 -10.37 7.89 -3.60
CA CYS A 88 -11.07 9.03 -3.01
C CYS A 88 -11.24 10.14 -4.04
N ASP A 89 -11.91 11.22 -3.62
CA ASP A 89 -12.14 12.36 -4.51
C ASP A 89 -12.94 11.95 -5.74
N PRO A 90 -14.28 11.98 -5.64
CA PRO A 90 -15.16 11.61 -6.75
C PRO A 90 -15.38 12.76 -7.73
N LYS A 91 -14.30 13.42 -8.13
CA LYS A 91 -14.38 14.53 -9.06
C LYS A 91 -13.81 14.17 -10.44
N THR A 92 -13.43 12.90 -10.61
CA THR A 92 -12.85 12.45 -11.88
C THR A 92 -13.63 11.30 -12.48
N TRP A 93 -14.85 11.11 -11.99
CA TRP A 93 -15.71 10.04 -12.48
C TRP A 93 -16.89 10.61 -13.26
N GLN A 94 -17.40 11.73 -12.79
CA GLN A 94 -18.54 12.39 -13.42
C GLN A 94 -18.08 13.56 -14.29
N ASN A 95 -17.26 13.27 -15.29
CA ASN A 95 -16.76 14.30 -16.19
C ASN A 95 -15.88 13.69 -17.28
N LYS A 96 -15.08 12.70 -16.90
CA LYS A 96 -14.19 12.04 -17.84
C LYS A 96 -14.70 10.65 -18.19
N CYS A 97 -15.27 9.96 -17.20
CA CYS A 97 -15.81 8.63 -17.40
C CYS A 97 -17.24 8.68 -17.90
N LEU A 98 -17.84 7.51 -18.10
CA LEU A 98 -19.21 7.42 -18.58
C LEU A 98 -20.17 7.15 -17.43
N PRO A 99 -21.15 8.06 -17.20
CA PRO A 99 -22.13 7.90 -16.12
C PRO A 99 -23.01 6.66 -16.28
N GLY A 100 -23.09 6.15 -17.51
CA GLY A 100 -23.91 4.99 -17.78
C GLY A 100 -23.10 3.70 -17.88
N ASP A 101 -21.78 3.83 -17.83
CA ASP A 101 -20.90 2.67 -17.93
C ASP A 101 -20.54 2.14 -16.54
N PRO A 102 -20.82 0.85 -16.26
CA PRO A 102 -20.52 0.24 -14.97
C PRO A 102 -19.05 0.40 -14.58
N ASN A 103 -18.18 0.49 -15.58
CA ASN A 103 -16.75 0.66 -15.33
C ASN A 103 -16.47 1.97 -14.59
N TYR A 104 -17.45 2.88 -14.63
CA TYR A 104 -17.34 4.17 -13.97
C TYR A 104 -17.05 4.01 -12.47
N LEU A 105 -17.33 2.83 -11.92
CA LEU A 105 -17.12 2.58 -10.51
C LEU A 105 -16.95 1.09 -10.21
N VAL A 106 -17.59 0.24 -11.01
CA VAL A 106 -17.53 -1.21 -10.80
C VAL A 106 -16.13 -1.78 -11.08
N GLY A 107 -15.08 -1.03 -10.73
CA GLY A 107 -13.74 -1.51 -10.97
C GLY A 107 -12.68 -0.50 -10.57
N ALA A 108 -13.01 0.79 -10.67
CA ALA A 108 -12.08 1.86 -10.32
C ALA A 108 -12.21 2.26 -8.86
N ASN A 109 -12.83 1.40 -8.06
CA ASN A 109 -13.02 1.68 -6.64
C ASN A 109 -11.68 1.93 -5.94
N CYS A 110 -10.63 1.29 -6.45
CA CYS A 110 -9.29 1.45 -5.88
C CYS A 110 -8.28 1.77 -6.98
N VAL A 111 -7.06 2.12 -6.57
CA VAL A 111 -6.00 2.45 -7.51
C VAL A 111 -5.00 1.31 -7.64
N SER A 112 -5.06 0.59 -8.76
CA SER A 112 -4.14 -0.52 -9.00
C SER A 112 -2.77 0.02 -9.41
N VAL A 113 -1.82 -0.05 -8.48
CA VAL A 113 -0.47 0.44 -8.74
C VAL A 113 0.56 -0.66 -8.52
N LEU A 114 1.32 -0.96 -9.57
CA LEU A 114 2.36 -1.98 -9.49
C LEU A 114 3.70 -1.37 -9.10
N ILE A 115 4.47 -2.11 -8.30
CA ILE A 115 5.77 -1.64 -7.86
C ILE A 115 6.86 -2.68 -8.09
N ASP A 116 7.82 -2.32 -8.94
CA ASP A 116 8.93 -3.22 -9.25
C ASP A 116 10.24 -2.56 -8.83
N HIS A 117 10.16 -1.69 -7.84
CA HIS A 117 11.34 -0.97 -7.35
C HIS A 117 10.97 -0.03 -6.21
N PHE A 118 11.27 -0.43 -4.98
CA PHE A 118 10.96 0.38 -3.81
C PHE A 118 12.06 1.39 -3.53
N THR A 1 0.40 10.47 17.40
CA THR A 1 -0.84 10.19 18.18
C THR A 1 -1.54 8.93 17.71
N VAL A 2 -1.99 8.95 16.46
CA VAL A 2 -2.68 7.81 15.87
C VAL A 2 -2.25 7.59 14.43
N VAL A 3 -1.77 6.39 14.13
CA VAL A 3 -1.33 6.05 12.78
C VAL A 3 -1.48 4.56 12.51
N ALA A 4 -1.82 4.21 11.28
CA ALA A 4 -1.97 2.81 10.90
C ALA A 4 -0.67 2.29 10.30
N THR A 5 -0.07 1.31 10.96
CA THR A 5 1.19 0.73 10.48
C THR A 5 1.07 -0.78 10.30
N ALA A 6 1.73 -1.28 9.27
CA ALA A 6 1.72 -2.71 8.98
C ALA A 6 3.12 -3.19 8.62
N ARG A 7 3.74 -3.93 9.53
CA ARG A 7 5.07 -4.46 9.31
C ARG A 7 5.05 -5.98 9.22
N GLY A 8 5.70 -6.52 8.20
CA GLY A 8 5.73 -7.96 8.02
C GLY A 8 6.70 -8.40 6.95
N ILE A 9 7.40 -9.51 7.21
CA ILE A 9 8.36 -10.05 6.26
C ILE A 9 7.67 -10.98 5.27
N PHE A 10 8.02 -10.83 3.99
CA PHE A 10 7.42 -11.66 2.95
C PHE A 10 8.47 -12.52 2.26
N ASN A 11 8.02 -13.57 1.60
CA ASN A 11 8.91 -14.48 0.89
C ASN A 11 8.25 -15.02 -0.37
N SER A 12 9.01 -15.74 -1.17
CA SER A 12 8.50 -16.32 -2.42
C SER A 12 7.14 -16.97 -2.22
N ASN A 13 6.87 -17.43 -0.99
CA ASN A 13 5.61 -18.07 -0.67
C ASN A 13 4.42 -17.18 -1.06
N GLY A 14 4.60 -15.87 -0.94
CA GLY A 14 3.55 -14.93 -1.28
C GLY A 14 2.75 -14.48 -0.08
N GLY A 15 2.17 -13.30 -0.17
CA GLY A 15 1.38 -12.76 0.93
C GLY A 15 0.95 -11.33 0.69
N VAL A 16 0.14 -10.79 1.60
CA VAL A 16 -0.34 -9.41 1.47
C VAL A 16 -0.06 -8.61 2.74
N LEU A 17 0.13 -7.31 2.56
CA LEU A 17 0.37 -6.41 3.68
C LEU A 17 -0.67 -5.31 3.70
N SER A 18 -1.67 -5.46 4.56
CA SER A 18 -2.76 -4.48 4.65
C SER A 18 -2.95 -3.98 6.07
N SER A 19 -3.45 -2.75 6.18
CA SER A 19 -3.71 -2.14 7.47
C SER A 19 -5.18 -1.76 7.59
N ILE A 20 -5.96 -2.63 8.23
CA ILE A 20 -7.39 -2.39 8.41
C ILE A 20 -7.66 -1.00 8.99
N GLU A 21 -6.69 -0.47 9.73
CA GLU A 21 -6.83 0.84 10.35
C GLU A 21 -7.02 1.93 9.29
N THR A 22 -6.50 1.69 8.09
CA THR A 22 -6.63 2.66 7.00
C THR A 22 -7.29 2.03 5.78
N GLY A 23 -6.75 0.90 5.32
CA GLY A 23 -7.31 0.24 4.17
C GLY A 23 -6.26 -0.18 3.16
N VAL A 24 -5.23 0.64 3.00
CA VAL A 24 -4.16 0.35 2.05
C VAL A 24 -3.65 -1.08 2.22
N SER A 25 -3.27 -1.72 1.12
CA SER A 25 -2.77 -3.09 1.15
C SER A 25 -1.77 -3.35 0.03
N ILE A 26 -0.83 -4.26 0.28
CA ILE A 26 0.17 -4.62 -0.71
C ILE A 26 0.24 -6.13 -0.91
N ILE A 27 -0.15 -6.59 -2.10
CA ILE A 27 -0.12 -8.01 -2.41
C ILE A 27 1.19 -8.40 -3.07
N ILE A 28 1.78 -9.50 -2.61
CA ILE A 28 3.04 -9.98 -3.15
C ILE A 28 2.92 -11.41 -3.65
N PRO A 29 2.64 -11.60 -4.95
CA PRO A 29 2.50 -12.93 -5.54
C PRO A 29 3.81 -13.71 -5.52
N GLN A 30 3.71 -15.03 -5.55
CA GLN A 30 4.90 -15.89 -5.54
C GLN A 30 5.83 -15.56 -6.71
N GLY A 31 6.85 -14.76 -6.44
CA GLY A 31 7.79 -14.39 -7.48
C GLY A 31 8.47 -13.06 -7.21
N ALA A 32 7.85 -12.23 -6.39
CA ALA A 32 8.40 -10.91 -6.05
C ALA A 32 9.67 -11.04 -5.23
N ILE A 33 9.77 -12.12 -4.46
CA ILE A 33 10.94 -12.35 -3.62
C ILE A 33 11.57 -13.71 -3.95
N PRO A 34 12.91 -13.78 -4.02
CA PRO A 34 13.62 -15.02 -4.34
C PRO A 34 13.35 -16.13 -3.32
N GLU A 35 13.51 -17.37 -3.76
CA GLU A 35 13.28 -18.52 -2.89
C GLU A 35 14.31 -18.57 -1.77
N GLY A 36 13.93 -19.15 -0.64
CA GLY A 36 14.84 -19.25 0.48
C GLY A 36 15.26 -17.89 1.01
N VAL A 37 14.49 -16.86 0.69
CA VAL A 37 14.79 -15.50 1.14
C VAL A 37 13.60 -14.89 1.87
N GLU A 38 13.88 -13.85 2.64
CA GLU A 38 12.84 -13.15 3.38
C GLU A 38 13.06 -11.65 3.29
N GLN A 39 12.15 -10.95 2.62
CA GLN A 39 12.25 -9.51 2.46
C GLN A 39 11.32 -8.78 3.42
N GLU A 40 11.91 -8.10 4.40
CA GLU A 40 11.13 -7.37 5.39
C GLU A 40 10.46 -6.15 4.76
N ILE A 41 9.13 -6.12 4.82
CA ILE A 41 8.37 -5.01 4.26
C ILE A 41 7.41 -4.44 5.29
N TYR A 42 7.30 -3.11 5.32
CA TYR A 42 6.41 -2.44 6.25
C TYR A 42 6.01 -1.07 5.70
N PHE A 43 4.96 -0.50 6.26
CA PHE A 43 4.49 0.82 5.81
C PHE A 43 3.49 1.42 6.78
N LYS A 44 3.33 2.74 6.71
CA LYS A 44 2.41 3.44 7.59
C LYS A 44 1.50 4.39 6.79
N VAL A 45 0.20 4.33 7.09
CA VAL A 45 -0.78 5.17 6.42
C VAL A 45 -1.58 5.98 7.44
N CYS A 46 -1.78 7.27 7.15
CA CYS A 46 -2.52 8.13 8.06
C CYS A 46 -2.77 9.51 7.43
N ARG A 47 -3.88 10.12 7.79
CA ARG A 47 -4.22 11.45 7.26
C ARG A 47 -3.30 12.52 7.85
N ASP A 48 -2.41 13.05 7.02
CA ASP A 48 -1.47 14.08 7.46
C ASP A 48 -0.50 13.53 8.50
N ASN A 49 0.75 13.35 8.10
CA ASN A 49 1.78 12.84 9.00
C ASN A 49 2.50 13.97 9.72
N SER A 50 2.45 15.17 9.14
CA SER A 50 3.11 16.33 9.73
C SER A 50 2.74 16.50 11.21
N ILE A 51 1.58 15.97 11.59
CA ILE A 51 1.13 16.06 12.98
C ILE A 51 1.93 15.14 13.89
N LEU A 52 2.78 14.30 13.31
CA LEU A 52 3.60 13.38 14.10
C LEU A 52 4.90 13.03 13.38
N PRO A 53 5.88 12.45 14.10
CA PRO A 53 7.17 12.06 13.52
C PRO A 53 7.05 10.84 12.61
N PRO A 54 7.93 10.74 11.60
CA PRO A 54 7.91 9.62 10.67
C PRO A 54 8.05 8.27 11.36
N LEU A 55 7.89 7.19 10.61
CA LEU A 55 8.00 5.84 11.16
C LEU A 55 9.47 5.39 11.22
N ASP A 56 10.24 5.82 10.23
CA ASP A 56 11.65 5.48 10.16
C ASP A 56 12.33 6.14 8.96
N LYS A 57 12.84 7.34 9.17
CA LYS A 57 13.51 8.08 8.10
C LYS A 57 14.87 7.48 7.78
N GLU A 58 15.63 7.15 8.82
CA GLU A 58 16.96 6.56 8.66
C GLU A 58 16.88 5.28 7.83
N LYS A 59 15.77 4.56 7.95
CA LYS A 59 15.57 3.32 7.20
C LYS A 59 15.15 3.60 5.76
N GLY A 60 14.50 4.74 5.55
CA GLY A 60 14.07 5.10 4.22
C GLY A 60 12.57 4.87 4.02
N GLU A 61 11.82 5.95 3.88
CA GLU A 61 10.37 5.86 3.69
C GLU A 61 9.98 6.31 2.28
N THR A 62 9.48 5.36 1.50
CA THR A 62 9.05 5.65 0.13
C THR A 62 7.58 6.07 0.11
N LEU A 63 7.33 7.34 -0.19
CA LEU A 63 5.98 7.86 -0.23
C LEU A 63 5.30 7.57 -1.57
N LEU A 64 4.04 7.17 -1.53
CA LEU A 64 3.29 6.86 -2.75
C LEU A 64 1.99 7.64 -2.81
N SER A 65 1.14 7.47 -1.80
CA SER A 65 -0.14 8.15 -1.73
C SER A 65 0.00 9.47 -0.95
N PRO A 66 -1.11 10.20 -0.70
CA PRO A 66 -1.08 11.47 0.03
C PRO A 66 -0.13 11.39 1.22
N LEU A 67 -0.24 10.31 1.98
CA LEU A 67 0.63 10.09 3.12
C LEU A 67 0.75 8.62 3.42
N VAL A 68 1.66 7.96 2.71
CA VAL A 68 1.90 6.55 2.90
C VAL A 68 3.37 6.26 2.70
N ALA A 69 4.02 5.78 3.74
CA ALA A 69 5.43 5.48 3.68
C ALA A 69 5.69 3.98 3.62
N ALA A 70 6.07 3.50 2.44
CA ALA A 70 6.35 2.08 2.25
C ALA A 70 7.52 1.63 3.12
N GLY A 71 7.98 0.40 2.89
CA GLY A 71 9.09 -0.14 3.66
C GLY A 71 10.37 0.66 3.45
N PRO A 72 11.54 0.02 3.63
CA PRO A 72 12.84 0.68 3.46
C PRO A 72 13.03 1.19 2.04
N HIS A 73 13.41 2.47 1.92
CA HIS A 73 13.62 3.08 0.61
C HIS A 73 14.62 2.27 -0.21
N GLY A 74 14.12 1.64 -1.26
CA GLY A 74 14.98 0.84 -2.12
C GLY A 74 14.78 -0.65 -1.91
N LEU A 75 13.72 -1.20 -2.50
CA LEU A 75 13.44 -2.62 -2.38
C LEU A 75 12.98 -3.18 -3.72
N LYS A 76 13.94 -3.56 -4.56
CA LYS A 76 13.66 -4.10 -5.88
C LYS A 76 12.92 -5.42 -5.77
N PHE A 77 12.10 -5.72 -6.77
CA PHE A 77 11.33 -6.96 -6.79
C PHE A 77 11.54 -7.71 -8.10
N LEU A 78 11.36 -9.02 -8.06
CA LEU A 78 11.53 -9.85 -9.25
C LEU A 78 10.17 -10.16 -9.88
N LYS A 79 9.18 -9.41 -9.45
CA LYS A 79 7.82 -9.55 -9.96
C LYS A 79 7.00 -8.31 -9.60
N PRO A 80 6.20 -7.79 -10.56
CA PRO A 80 5.37 -6.59 -10.32
C PRO A 80 4.35 -6.81 -9.21
N VAL A 81 4.67 -6.34 -8.01
CA VAL A 81 3.77 -6.48 -6.88
C VAL A 81 2.51 -5.63 -7.08
N GLU A 82 1.42 -6.04 -6.46
CA GLU A 82 0.15 -5.30 -6.59
C GLU A 82 -0.13 -4.44 -5.36
N LEU A 83 -0.22 -3.13 -5.58
CA LEU A 83 -0.49 -2.20 -4.50
C LEU A 83 -1.83 -1.51 -4.72
N ARG A 84 -2.78 -1.76 -3.84
CA ARG A 84 -4.10 -1.17 -3.95
C ARG A 84 -4.38 -0.17 -2.82
N LEU A 85 -4.96 0.97 -3.18
CA LEU A 85 -5.28 1.99 -2.20
C LEU A 85 -6.77 2.36 -2.29
N PRO A 86 -7.47 2.45 -1.14
CA PRO A 86 -8.89 2.79 -1.12
C PRO A 86 -9.14 4.24 -1.51
N HIS A 87 -9.90 4.42 -2.59
CA HIS A 87 -10.24 5.76 -3.07
C HIS A 87 -11.41 6.35 -2.29
N CYS A 88 -12.33 5.49 -1.89
CA CYS A 88 -13.51 5.92 -1.14
C CYS A 88 -14.45 6.72 -2.03
N ASP A 89 -15.69 6.88 -1.59
CA ASP A 89 -16.69 7.63 -2.33
C ASP A 89 -17.06 6.90 -3.63
N PRO A 90 -17.77 5.76 -3.51
CA PRO A 90 -18.19 4.96 -4.66
C PRO A 90 -19.50 5.47 -5.28
N LYS A 91 -19.62 6.79 -5.41
CA LYS A 91 -20.82 7.39 -5.98
C LYS A 91 -20.53 7.97 -7.37
N THR A 92 -19.39 7.62 -7.95
CA THR A 92 -19.02 8.13 -9.28
C THR A 92 -18.97 7.02 -10.31
N TRP A 93 -19.57 5.88 -9.99
CA TRP A 93 -19.60 4.74 -10.90
C TRP A 93 -21.02 4.39 -11.29
N GLN A 94 -21.94 4.54 -10.34
CA GLN A 94 -23.35 4.23 -10.59
C GLN A 94 -24.18 5.50 -10.69
N ASN A 95 -24.07 6.17 -11.84
CA ASN A 95 -24.82 7.40 -12.09
C ASN A 95 -24.98 7.65 -13.57
N LYS A 96 -23.88 7.56 -14.31
CA LYS A 96 -23.89 7.78 -15.75
C LYS A 96 -23.02 6.76 -16.47
N CYS A 97 -22.89 5.57 -15.87
CA CYS A 97 -22.08 4.51 -16.46
C CYS A 97 -22.78 3.16 -16.34
N LEU A 98 -22.10 2.10 -16.75
CA LEU A 98 -22.65 0.76 -16.69
C LEU A 98 -22.19 0.03 -15.42
N PRO A 99 -23.13 -0.52 -14.63
CA PRO A 99 -22.82 -1.24 -13.40
C PRO A 99 -22.26 -2.63 -13.67
N GLY A 100 -22.25 -3.04 -14.94
CA GLY A 100 -21.76 -4.36 -15.30
C GLY A 100 -20.44 -4.30 -16.06
N ASP A 101 -20.02 -3.10 -16.44
CA ASP A 101 -18.78 -2.93 -17.18
C ASP A 101 -17.57 -3.28 -16.29
N PRO A 102 -16.61 -4.06 -16.82
CA PRO A 102 -15.41 -4.44 -16.06
C PRO A 102 -14.45 -3.28 -15.86
N ASN A 103 -14.72 -2.16 -16.51
CA ASN A 103 -13.87 -0.97 -16.40
C ASN A 103 -14.49 0.04 -15.41
N TYR A 104 -15.42 -0.44 -14.59
CA TYR A 104 -16.10 0.42 -13.63
C TYR A 104 -15.26 0.65 -12.37
N LEU A 105 -15.73 0.15 -11.22
CA LEU A 105 -15.03 0.32 -9.93
C LEU A 105 -13.54 0.00 -10.01
N VAL A 106 -13.11 -0.68 -11.08
CA VAL A 106 -11.71 -1.03 -11.26
C VAL A 106 -10.84 0.22 -11.50
N GLY A 107 -11.17 1.31 -10.82
CA GLY A 107 -10.44 2.55 -10.97
C GLY A 107 -10.95 3.62 -10.02
N ALA A 108 -12.26 3.61 -9.80
CA ALA A 108 -12.89 4.58 -8.91
C ALA A 108 -12.79 4.12 -7.46
N ASN A 109 -12.84 2.81 -7.25
CA ASN A 109 -12.76 2.24 -5.92
C ASN A 109 -11.34 2.36 -5.36
N CYS A 110 -10.38 1.79 -6.08
CA CYS A 110 -8.98 1.83 -5.66
C CYS A 110 -8.05 2.03 -6.85
N VAL A 111 -6.83 2.50 -6.58
CA VAL A 111 -5.85 2.73 -7.62
C VAL A 111 -4.92 1.54 -7.79
N SER A 112 -5.01 0.86 -8.93
CA SER A 112 -4.15 -0.28 -9.20
C SER A 112 -2.77 0.18 -9.64
N VAL A 113 -1.80 0.06 -8.74
CA VAL A 113 -0.43 0.48 -9.03
C VAL A 113 0.56 -0.63 -8.70
N LEU A 114 1.33 -1.04 -9.70
CA LEU A 114 2.32 -2.09 -9.51
C LEU A 114 3.68 -1.51 -9.13
N ILE A 115 4.43 -2.26 -8.33
CA ILE A 115 5.75 -1.81 -7.89
C ILE A 115 6.80 -2.88 -8.13
N ASP A 116 7.84 -2.51 -8.88
CA ASP A 116 8.94 -3.42 -9.17
C ASP A 116 10.26 -2.77 -8.80
N HIS A 117 10.20 -1.82 -7.88
CA HIS A 117 11.40 -1.11 -7.42
C HIS A 117 11.05 -0.08 -6.36
N PHE A 118 11.36 -0.38 -5.11
CA PHE A 118 11.07 0.52 -4.01
C PHE A 118 12.22 1.50 -3.79
N THR A 1 -1.79 6.93 17.67
CA THR A 1 -3.17 6.55 18.08
C THR A 1 -4.03 6.21 16.86
N VAL A 2 -4.28 7.22 16.03
CA VAL A 2 -5.09 7.03 14.83
C VAL A 2 -4.21 6.84 13.60
N VAL A 3 -3.11 6.13 13.76
CA VAL A 3 -2.18 5.88 12.66
C VAL A 3 -2.21 4.42 12.24
N ALA A 4 -2.20 4.19 10.93
CA ALA A 4 -2.21 2.84 10.39
C ALA A 4 -0.80 2.37 10.08
N THR A 5 -0.44 1.21 10.59
CA THR A 5 0.90 0.65 10.37
C THR A 5 0.84 -0.86 10.19
N ALA A 6 1.68 -1.38 9.31
CA ALA A 6 1.74 -2.81 9.05
C ALA A 6 3.15 -3.23 8.65
N ARG A 7 3.76 -4.08 9.47
CA ARG A 7 5.12 -4.56 9.20
C ARG A 7 5.17 -6.08 9.27
N GLY A 8 5.82 -6.69 8.29
CA GLY A 8 5.93 -8.14 8.26
C GLY A 8 6.89 -8.64 7.21
N ILE A 9 7.60 -9.71 7.52
CA ILE A 9 8.56 -10.29 6.59
C ILE A 9 7.86 -11.18 5.57
N PHE A 10 8.22 -11.03 4.30
CA PHE A 10 7.63 -11.82 3.24
C PHE A 10 8.68 -12.65 2.51
N ASN A 11 8.23 -13.72 1.86
CA ASN A 11 9.13 -14.60 1.12
C ASN A 11 8.56 -14.93 -0.26
N SER A 12 9.36 -15.59 -1.09
CA SER A 12 8.93 -15.96 -2.43
C SER A 12 7.56 -16.63 -2.42
N ASN A 13 7.21 -17.25 -1.29
CA ASN A 13 5.92 -17.92 -1.15
C ASN A 13 4.76 -16.97 -1.44
N GLY A 14 4.96 -15.70 -1.12
CA GLY A 14 3.91 -14.71 -1.35
C GLY A 14 3.25 -14.25 -0.07
N GLY A 15 2.39 -13.24 -0.18
CA GLY A 15 1.70 -12.71 0.98
C GLY A 15 1.26 -11.27 0.77
N VAL A 16 0.24 -10.85 1.51
CA VAL A 16 -0.27 -9.49 1.39
C VAL A 16 -0.02 -8.68 2.65
N LEU A 17 0.10 -7.38 2.48
CA LEU A 17 0.32 -6.47 3.59
C LEU A 17 -0.77 -5.41 3.59
N SER A 18 -1.77 -5.58 4.44
CA SER A 18 -2.89 -4.65 4.50
C SER A 18 -3.04 -4.04 5.89
N SER A 19 -3.54 -2.81 5.92
CA SER A 19 -3.77 -2.10 7.17
C SER A 19 -5.25 -1.78 7.33
N ILE A 20 -5.95 -2.62 8.09
CA ILE A 20 -7.39 -2.45 8.32
C ILE A 20 -7.71 -1.04 8.78
N GLU A 21 -6.74 -0.37 9.41
CA GLU A 21 -6.95 0.98 9.91
C GLU A 21 -7.52 1.90 8.83
N THR A 22 -6.90 1.90 7.65
CA THR A 22 -7.37 2.74 6.55
C THR A 22 -7.88 1.90 5.38
N GLY A 23 -7.06 0.97 4.91
CA GLY A 23 -7.47 0.13 3.80
C GLY A 23 -6.33 -0.21 2.86
N VAL A 24 -5.35 0.67 2.77
CA VAL A 24 -4.19 0.45 1.89
C VAL A 24 -3.56 -0.91 2.15
N SER A 25 -3.23 -1.62 1.09
CA SER A 25 -2.61 -2.94 1.22
C SER A 25 -1.63 -3.20 0.09
N ILE A 26 -0.87 -4.29 0.21
CA ILE A 26 0.12 -4.66 -0.81
C ILE A 26 0.14 -6.17 -1.02
N ILE A 27 -0.27 -6.60 -2.20
CA ILE A 27 -0.28 -8.04 -2.51
C ILE A 27 1.02 -8.45 -3.17
N ILE A 28 1.72 -9.39 -2.55
CA ILE A 28 2.98 -9.89 -3.08
C ILE A 28 2.83 -11.31 -3.60
N PRO A 29 2.49 -11.46 -4.90
CA PRO A 29 2.32 -12.77 -5.52
C PRO A 29 3.62 -13.58 -5.53
N GLN A 30 3.49 -14.90 -5.51
CA GLN A 30 4.64 -15.79 -5.51
C GLN A 30 5.57 -15.47 -6.68
N GLY A 31 6.71 -14.86 -6.38
CA GLY A 31 7.66 -14.51 -7.41
C GLY A 31 8.27 -13.13 -7.23
N ALA A 32 7.77 -12.38 -6.24
CA ALA A 32 8.28 -11.03 -5.98
C ALA A 32 9.59 -11.09 -5.21
N ILE A 33 9.74 -12.13 -4.39
CA ILE A 33 10.96 -12.30 -3.59
C ILE A 33 11.66 -13.60 -3.97
N PRO A 34 13.00 -13.61 -4.00
CA PRO A 34 13.78 -14.80 -4.35
C PRO A 34 13.61 -15.91 -3.31
N GLU A 35 13.80 -17.14 -3.75
CA GLU A 35 13.67 -18.30 -2.87
C GLU A 35 14.75 -18.28 -1.79
N GLY A 36 14.46 -18.92 -0.66
CA GLY A 36 15.42 -18.97 0.43
C GLY A 36 15.80 -17.59 0.93
N VAL A 37 14.91 -16.62 0.74
CA VAL A 37 15.16 -15.25 1.17
C VAL A 37 13.99 -14.72 1.99
N GLU A 38 14.26 -13.67 2.76
CA GLU A 38 13.24 -13.04 3.57
C GLU A 38 13.31 -11.52 3.42
N GLN A 39 12.28 -10.93 2.83
CA GLN A 39 12.25 -9.49 2.62
C GLN A 39 11.33 -8.81 3.64
N GLU A 40 11.94 -8.08 4.57
CA GLU A 40 11.17 -7.38 5.60
C GLU A 40 10.49 -6.15 5.00
N ILE A 41 9.16 -6.21 4.90
CA ILE A 41 8.39 -5.09 4.35
C ILE A 41 7.42 -4.54 5.39
N TYR A 42 7.35 -3.21 5.46
CA TYR A 42 6.48 -2.53 6.39
C TYR A 42 6.13 -1.15 5.87
N PHE A 43 4.96 -0.64 6.25
CA PHE A 43 4.54 0.69 5.80
C PHE A 43 3.54 1.30 6.78
N LYS A 44 3.41 2.62 6.72
CA LYS A 44 2.50 3.35 7.59
C LYS A 44 1.57 4.26 6.79
N VAL A 45 0.27 4.08 6.98
CA VAL A 45 -0.71 4.89 6.29
C VAL A 45 -1.49 5.77 7.27
N CYS A 46 -1.56 7.06 6.97
CA CYS A 46 -2.26 8.00 7.84
C CYS A 46 -2.76 9.20 7.06
N ARG A 47 -3.88 9.76 7.51
CA ARG A 47 -4.46 10.93 6.85
C ARG A 47 -3.65 12.19 7.17
N ASP A 48 -2.93 12.15 8.29
CA ASP A 48 -2.10 13.27 8.70
C ASP A 48 -0.84 12.78 9.41
N ASN A 49 0.29 12.81 8.70
CA ASN A 49 1.55 12.35 9.25
C ASN A 49 1.90 13.11 10.54
N SER A 50 1.45 14.36 10.63
CA SER A 50 1.70 15.18 11.81
C SER A 50 1.17 14.52 13.08
N ILE A 51 0.19 13.63 12.91
CA ILE A 51 -0.40 12.93 14.05
C ILE A 51 0.57 11.92 14.66
N LEU A 52 1.68 11.67 13.97
CA LEU A 52 2.67 10.72 14.46
C LEU A 52 3.86 10.63 13.50
N PRO A 53 5.10 10.66 14.04
CA PRO A 53 6.31 10.58 13.21
C PRO A 53 6.43 9.26 12.48
N PRO A 54 7.22 9.21 11.39
CA PRO A 54 7.42 8.00 10.60
C PRO A 54 7.96 6.84 11.43
N LEU A 55 8.02 5.66 10.82
CA LEU A 55 8.53 4.48 11.52
C LEU A 55 10.05 4.44 11.47
N ASP A 56 10.61 4.59 10.28
CA ASP A 56 12.06 4.56 10.10
C ASP A 56 12.46 5.45 8.92
N LYS A 57 12.64 6.73 9.18
CA LYS A 57 13.03 7.68 8.14
C LYS A 57 14.49 7.48 7.75
N GLU A 58 15.31 7.11 8.71
CA GLU A 58 16.73 6.90 8.48
C GLU A 58 16.96 5.71 7.54
N LYS A 59 16.12 4.68 7.69
CA LYS A 59 16.22 3.49 6.87
C LYS A 59 15.76 3.76 5.44
N GLY A 60 14.86 4.73 5.28
CA GLY A 60 14.36 5.06 3.97
C GLY A 60 12.86 4.91 3.86
N GLU A 61 12.15 6.02 3.70
CA GLU A 61 10.70 6.01 3.60
C GLU A 61 10.25 6.36 2.18
N THR A 62 9.76 5.37 1.45
CA THR A 62 9.29 5.58 0.09
C THR A 62 7.81 5.95 0.07
N LEU A 63 7.53 7.21 -0.23
CA LEU A 63 6.16 7.69 -0.27
C LEU A 63 5.54 7.47 -1.65
N LEU A 64 4.28 7.04 -1.66
CA LEU A 64 3.57 6.79 -2.92
C LEU A 64 2.25 7.55 -2.98
N SER A 65 1.39 7.29 -2.00
CA SER A 65 0.08 7.95 -1.94
C SER A 65 0.19 9.28 -1.17
N PRO A 66 -0.95 9.97 -0.93
CA PRO A 66 -0.95 11.24 -0.19
C PRO A 66 0.00 11.20 1.00
N LEU A 67 -0.14 10.16 1.82
CA LEU A 67 0.73 9.98 2.97
C LEU A 67 0.86 8.50 3.32
N VAL A 68 1.76 7.84 2.62
CA VAL A 68 2.01 6.43 2.85
C VAL A 68 3.49 6.14 2.67
N ALA A 69 4.13 5.68 3.73
CA ALA A 69 5.55 5.39 3.68
C ALA A 69 5.82 3.89 3.69
N ALA A 70 6.20 3.36 2.54
CA ALA A 70 6.50 1.94 2.42
C ALA A 70 7.66 1.53 3.32
N GLY A 71 8.20 0.33 3.09
CA GLY A 71 9.31 -0.15 3.89
C GLY A 71 10.59 0.62 3.61
N PRO A 72 11.76 -0.05 3.73
CA PRO A 72 13.06 0.59 3.48
C PRO A 72 13.20 1.06 2.04
N HIS A 73 13.56 2.33 1.86
CA HIS A 73 13.74 2.90 0.53
C HIS A 73 14.75 2.10 -0.27
N GLY A 74 14.27 1.41 -1.30
CA GLY A 74 15.14 0.61 -2.13
C GLY A 74 14.94 -0.88 -1.95
N LEU A 75 13.88 -1.42 -2.55
CA LEU A 75 13.59 -2.84 -2.46
C LEU A 75 13.06 -3.35 -3.79
N LYS A 76 13.98 -3.76 -4.66
CA LYS A 76 13.62 -4.27 -5.98
C LYS A 76 12.82 -5.56 -5.87
N PHE A 77 11.94 -5.78 -6.83
CA PHE A 77 11.12 -6.99 -6.85
C PHE A 77 11.24 -7.71 -8.18
N LEU A 78 11.06 -9.03 -8.15
CA LEU A 78 11.14 -9.84 -9.37
C LEU A 78 9.75 -10.14 -9.91
N LYS A 79 8.78 -9.39 -9.43
CA LYS A 79 7.39 -9.53 -9.85
C LYS A 79 6.59 -8.29 -9.48
N PRO A 80 5.73 -7.80 -10.40
CA PRO A 80 4.91 -6.60 -10.16
C PRO A 80 3.91 -6.80 -9.02
N VAL A 81 4.22 -6.22 -7.86
CA VAL A 81 3.35 -6.32 -6.71
C VAL A 81 2.15 -5.39 -6.85
N GLU A 82 1.00 -5.83 -6.37
CA GLU A 82 -0.22 -5.03 -6.47
C GLU A 82 -0.41 -4.16 -5.22
N LEU A 83 -0.39 -2.85 -5.43
CA LEU A 83 -0.56 -1.89 -4.34
C LEU A 83 -1.90 -1.17 -4.48
N ARG A 84 -2.77 -1.35 -3.49
CA ARG A 84 -4.08 -0.71 -3.51
C ARG A 84 -4.18 0.41 -2.48
N LEU A 85 -4.82 1.50 -2.88
CA LEU A 85 -5.00 2.66 -2.00
C LEU A 85 -6.43 3.18 -2.06
N PRO A 86 -7.00 3.58 -0.91
CA PRO A 86 -8.36 4.09 -0.86
C PRO A 86 -8.49 5.51 -1.40
N HIS A 87 -9.38 5.69 -2.36
CA HIS A 87 -9.59 7.00 -2.97
C HIS A 87 -10.42 7.90 -2.06
N CYS A 88 -11.48 7.34 -1.48
CA CYS A 88 -12.36 8.09 -0.59
C CYS A 88 -12.98 9.28 -1.30
N ASP A 89 -14.10 9.04 -1.97
CA ASP A 89 -14.80 10.10 -2.69
C ASP A 89 -16.06 9.56 -3.35
N PRO A 90 -17.13 9.33 -2.57
CA PRO A 90 -18.39 8.81 -3.07
C PRO A 90 -19.32 9.90 -3.61
N LYS A 91 -18.75 10.84 -4.35
CA LYS A 91 -19.53 11.94 -4.93
C LYS A 91 -19.67 11.77 -6.43
N THR A 92 -18.55 11.49 -7.08
CA THR A 92 -18.52 11.29 -8.54
C THR A 92 -18.21 9.85 -8.88
N TRP A 93 -18.12 9.04 -7.85
CA TRP A 93 -17.85 7.62 -7.99
C TRP A 93 -18.86 6.94 -8.90
N GLN A 94 -20.07 7.47 -8.88
CA GLN A 94 -21.16 6.94 -9.67
C GLN A 94 -21.27 7.63 -11.03
N ASN A 95 -21.65 6.86 -12.04
CA ASN A 95 -21.79 7.39 -13.39
C ASN A 95 -22.45 6.35 -14.30
N LYS A 96 -22.03 5.11 -14.16
CA LYS A 96 -22.58 4.02 -14.98
C LYS A 96 -22.97 2.83 -14.11
N CYS A 97 -23.18 1.68 -14.73
CA CYS A 97 -23.56 0.46 -14.01
C CYS A 97 -24.93 0.63 -13.35
N LEU A 98 -25.57 -0.50 -13.04
CA LEU A 98 -26.88 -0.48 -12.41
C LEU A 98 -26.83 0.23 -11.06
N PRO A 99 -27.84 1.08 -10.77
CA PRO A 99 -27.91 1.83 -9.52
C PRO A 99 -28.34 0.95 -8.33
N GLY A 100 -28.94 -0.19 -8.64
CA GLY A 100 -29.40 -1.08 -7.59
C GLY A 100 -28.29 -1.96 -7.03
N ASP A 101 -27.46 -2.51 -7.92
CA ASP A 101 -26.36 -3.37 -7.49
C ASP A 101 -25.26 -2.56 -6.83
N PRO A 102 -25.03 -2.77 -5.52
CA PRO A 102 -23.99 -2.04 -4.78
C PRO A 102 -22.61 -2.24 -5.39
N ASN A 103 -22.42 -3.36 -6.08
CA ASN A 103 -21.15 -3.65 -6.74
C ASN A 103 -20.94 -2.74 -7.95
N TYR A 104 -22.00 -2.02 -8.32
CA TYR A 104 -21.95 -1.11 -9.47
C TYR A 104 -20.78 -0.12 -9.36
N LEU A 105 -20.31 0.13 -8.14
CA LEU A 105 -19.20 1.07 -7.93
C LEU A 105 -18.43 0.81 -6.63
N VAL A 106 -19.03 0.11 -5.67
CA VAL A 106 -18.37 -0.16 -4.40
C VAL A 106 -17.16 -1.09 -4.54
N GLY A 107 -16.42 -0.96 -5.63
CA GLY A 107 -15.25 -1.79 -5.85
C GLY A 107 -14.14 -1.06 -6.58
N ALA A 108 -14.51 -0.30 -7.60
CA ALA A 108 -13.53 0.45 -8.38
C ALA A 108 -12.79 1.48 -7.52
N ASN A 109 -13.38 1.82 -6.37
CA ASN A 109 -12.77 2.79 -5.47
C ASN A 109 -11.43 2.29 -4.95
N CYS A 110 -10.39 2.44 -5.77
CA CYS A 110 -9.05 2.00 -5.39
C CYS A 110 -8.07 2.20 -6.54
N VAL A 111 -6.93 2.80 -6.26
CA VAL A 111 -5.91 3.04 -7.28
C VAL A 111 -5.01 1.83 -7.46
N SER A 112 -5.14 1.16 -8.60
CA SER A 112 -4.31 -0.02 -8.87
C SER A 112 -2.93 0.42 -9.36
N VAL A 113 -1.94 0.29 -8.49
CA VAL A 113 -0.58 0.68 -8.83
C VAL A 113 0.39 -0.48 -8.58
N LEU A 114 1.09 -0.87 -9.64
CA LEU A 114 2.04 -1.97 -9.54
C LEU A 114 3.44 -1.46 -9.17
N ILE A 115 4.08 -2.15 -8.24
CA ILE A 115 5.41 -1.76 -7.79
C ILE A 115 6.38 -2.94 -7.90
N ASP A 116 7.39 -2.80 -8.76
CA ASP A 116 8.39 -3.84 -8.92
C ASP A 116 9.76 -3.33 -8.51
N HIS A 117 9.76 -2.19 -7.82
CA HIS A 117 10.99 -1.56 -7.34
C HIS A 117 10.69 -0.54 -6.25
N PHE A 118 11.37 -0.67 -5.13
CA PHE A 118 11.18 0.26 -4.02
C PHE A 118 12.37 1.19 -3.86
N THR A 1 0.12 11.01 18.07
CA THR A 1 -1.10 11.00 17.22
C THR A 1 -1.44 9.58 16.77
N VAL A 2 -2.58 9.45 16.10
CA VAL A 2 -3.02 8.15 15.61
C VAL A 2 -2.56 7.92 14.17
N VAL A 3 -2.03 6.73 13.89
CA VAL A 3 -1.56 6.40 12.56
C VAL A 3 -1.69 4.90 12.29
N ALA A 4 -1.94 4.55 11.04
CA ALA A 4 -2.08 3.15 10.65
C ALA A 4 -0.74 2.60 10.16
N THR A 5 -0.22 1.59 10.87
CA THR A 5 1.05 1.00 10.50
C THR A 5 0.89 -0.50 10.24
N ALA A 6 1.64 -1.00 9.26
CA ALA A 6 1.58 -2.41 8.91
C ALA A 6 2.97 -2.95 8.62
N ARG A 7 3.49 -3.77 9.54
CA ARG A 7 4.81 -4.36 9.39
C ARG A 7 4.68 -5.87 9.16
N GLY A 8 5.45 -6.41 8.21
CA GLY A 8 5.37 -7.84 7.95
C GLY A 8 6.46 -8.33 7.01
N ILE A 9 6.87 -9.57 7.19
CA ILE A 9 7.91 -10.18 6.36
C ILE A 9 7.29 -11.16 5.37
N PHE A 10 7.77 -11.14 4.14
CA PHE A 10 7.25 -12.04 3.10
C PHE A 10 8.36 -12.82 2.43
N ASN A 11 7.97 -13.74 1.55
CA ASN A 11 8.93 -14.57 0.84
C ASN A 11 8.39 -14.93 -0.55
N SER A 12 9.24 -15.54 -1.37
CA SER A 12 8.86 -15.94 -2.72
C SER A 12 7.48 -16.61 -2.74
N ASN A 13 7.12 -17.25 -1.63
CA ASN A 13 5.83 -17.93 -1.51
C ASN A 13 4.69 -16.97 -1.78
N GLY A 14 4.87 -15.70 -1.45
CA GLY A 14 3.83 -14.71 -1.66
C GLY A 14 3.18 -14.25 -0.37
N GLY A 15 2.25 -13.32 -0.48
CA GLY A 15 1.55 -12.81 0.69
C GLY A 15 1.15 -11.35 0.53
N VAL A 16 0.22 -10.90 1.37
CA VAL A 16 -0.23 -9.52 1.30
C VAL A 16 0.05 -8.76 2.60
N LEU A 17 0.19 -7.45 2.47
CA LEU A 17 0.44 -6.59 3.62
C LEU A 17 -0.66 -5.54 3.69
N SER A 18 -1.64 -5.75 4.55
CA SER A 18 -2.76 -4.84 4.69
C SER A 18 -2.84 -4.24 6.10
N SER A 19 -3.35 -3.01 6.18
CA SER A 19 -3.50 -2.33 7.46
C SER A 19 -4.97 -2.05 7.73
N ILE A 20 -5.60 -2.92 8.51
CA ILE A 20 -7.01 -2.77 8.83
C ILE A 20 -7.32 -1.37 9.38
N GLU A 21 -6.31 -0.74 9.97
CA GLU A 21 -6.48 0.59 10.53
C GLU A 21 -6.89 1.60 9.46
N THR A 22 -6.19 1.58 8.33
CA THR A 22 -6.48 2.49 7.24
C THR A 22 -7.19 1.79 6.09
N GLY A 23 -6.61 0.69 5.61
CA GLY A 23 -7.22 -0.06 4.53
C GLY A 23 -6.22 -0.40 3.43
N VAL A 24 -5.27 0.49 3.19
CA VAL A 24 -4.25 0.26 2.17
C VAL A 24 -3.53 -1.07 2.39
N SER A 25 -3.27 -1.78 1.31
CA SER A 25 -2.59 -3.07 1.40
C SER A 25 -1.64 -3.29 0.23
N ILE A 26 -0.79 -4.30 0.35
CA ILE A 26 0.18 -4.63 -0.71
C ILE A 26 0.19 -6.12 -0.98
N ILE A 27 -0.25 -6.51 -2.17
CA ILE A 27 -0.28 -7.93 -2.54
C ILE A 27 1.03 -8.33 -3.21
N ILE A 28 1.69 -9.33 -2.64
CA ILE A 28 2.95 -9.83 -3.19
C ILE A 28 2.78 -11.21 -3.81
N PRO A 29 2.54 -11.28 -5.14
CA PRO A 29 2.38 -12.56 -5.83
C PRO A 29 3.65 -13.39 -5.81
N GLN A 30 3.48 -14.72 -5.85
CA GLN A 30 4.63 -15.63 -5.84
C GLN A 30 5.62 -15.29 -6.94
N GLY A 31 6.77 -14.74 -6.55
CA GLY A 31 7.78 -14.38 -7.53
C GLY A 31 8.36 -13.00 -7.30
N ALA A 32 7.85 -12.28 -6.30
CA ALA A 32 8.34 -10.94 -5.99
C ALA A 32 9.59 -11.00 -5.13
N ILE A 33 9.75 -12.08 -4.37
CA ILE A 33 10.92 -12.26 -3.51
C ILE A 33 11.65 -13.55 -3.87
N PRO A 34 12.99 -13.55 -3.82
CA PRO A 34 13.79 -14.74 -4.14
C PRO A 34 13.48 -15.92 -3.24
N GLU A 35 13.73 -17.13 -3.73
CA GLU A 35 13.47 -18.34 -2.97
C GLU A 35 14.44 -18.47 -1.80
N GLY A 36 13.99 -19.16 -0.76
CA GLY A 36 14.83 -19.34 0.42
C GLY A 36 15.26 -18.03 1.05
N VAL A 37 14.48 -16.98 0.80
CA VAL A 37 14.79 -15.66 1.35
C VAL A 37 13.56 -15.05 2.01
N GLU A 38 13.80 -14.06 2.86
CA GLU A 38 12.73 -13.36 3.56
C GLU A 38 12.94 -11.85 3.44
N GLN A 39 12.03 -11.20 2.73
CA GLN A 39 12.12 -9.76 2.54
C GLN A 39 11.12 -9.03 3.43
N GLU A 40 11.62 -8.31 4.43
CA GLU A 40 10.78 -7.57 5.35
C GLU A 40 10.15 -6.37 4.66
N ILE A 41 8.83 -6.26 4.74
CA ILE A 41 8.10 -5.15 4.12
C ILE A 41 7.11 -4.54 5.10
N TYR A 42 7.12 -3.21 5.19
CA TYR A 42 6.22 -2.49 6.08
C TYR A 42 5.89 -1.13 5.49
N PHE A 43 4.99 -0.42 6.15
CA PHE A 43 4.60 0.91 5.67
C PHE A 43 3.63 1.60 6.64
N LYS A 44 3.29 2.85 6.32
CA LYS A 44 2.39 3.63 7.15
C LYS A 44 1.33 4.31 6.30
N VAL A 45 0.15 4.50 6.88
CA VAL A 45 -0.97 5.14 6.18
C VAL A 45 -1.76 6.02 7.15
N CYS A 46 -2.16 7.20 6.66
CA CYS A 46 -2.93 8.13 7.49
C CYS A 46 -3.41 9.32 6.67
N ARG A 47 -4.57 9.86 7.04
CA ARG A 47 -5.13 11.00 6.34
C ARG A 47 -4.28 12.24 6.54
N ASP A 48 -4.21 13.09 5.51
CA ASP A 48 -3.43 14.32 5.57
C ASP A 48 -1.94 14.01 5.73
N ASN A 49 -1.12 14.55 4.83
CA ASN A 49 0.31 14.33 4.86
C ASN A 49 1.01 15.40 5.70
N SER A 50 0.49 16.62 5.64
CA SER A 50 1.08 17.73 6.38
C SER A 50 0.71 17.66 7.86
N ILE A 51 -0.42 17.05 8.15
CA ILE A 51 -0.88 16.90 9.53
C ILE A 51 -0.12 15.80 10.27
N LEU A 52 0.76 15.10 9.54
CA LEU A 52 1.54 14.02 10.13
C LEU A 52 2.71 13.62 9.23
N PRO A 53 3.93 13.58 9.78
CA PRO A 53 5.12 13.21 9.01
C PRO A 53 5.17 11.73 8.67
N PRO A 54 6.12 11.31 7.82
CA PRO A 54 6.25 9.91 7.41
C PRO A 54 6.54 8.99 8.59
N LEU A 55 6.52 7.68 8.35
CA LEU A 55 6.76 6.69 9.39
C LEU A 55 8.20 6.76 9.86
N ASP A 56 9.12 6.40 8.98
CA ASP A 56 10.55 6.40 9.29
C ASP A 56 11.38 6.79 8.07
N LYS A 57 12.06 7.93 8.17
CA LYS A 57 12.89 8.41 7.07
C LYS A 57 14.17 7.58 6.94
N GLU A 58 14.91 7.46 8.04
CA GLU A 58 16.15 6.70 8.04
C GLU A 58 15.92 5.26 7.63
N LYS A 59 15.02 4.59 8.35
CA LYS A 59 14.71 3.19 8.06
C LYS A 59 14.25 3.00 6.62
N GLY A 60 13.69 4.06 6.04
CA GLY A 60 13.21 3.97 4.67
C GLY A 60 12.01 4.86 4.41
N GLU A 61 12.20 5.91 3.63
CA GLU A 61 11.13 6.83 3.31
C GLU A 61 10.77 6.78 1.82
N THR A 62 9.64 6.14 1.53
CA THR A 62 9.17 6.01 0.15
C THR A 62 7.68 6.30 0.07
N LEU A 63 7.34 7.54 -0.25
CA LEU A 63 5.95 7.95 -0.36
C LEU A 63 5.34 7.53 -1.70
N LEU A 64 4.08 7.11 -1.68
CA LEU A 64 3.40 6.67 -2.90
C LEU A 64 2.09 7.43 -3.09
N SER A 65 1.20 7.33 -2.10
CA SER A 65 -0.10 8.00 -2.15
C SER A 65 -0.05 9.33 -1.39
N PRO A 66 -1.19 10.03 -1.22
CA PRO A 66 -1.24 11.30 -0.50
C PRO A 66 -0.38 11.27 0.75
N LEU A 67 -0.50 10.18 1.50
CA LEU A 67 0.29 10.00 2.71
C LEU A 67 0.47 8.52 3.01
N VAL A 68 1.46 7.93 2.37
CA VAL A 68 1.76 6.53 2.56
C VAL A 68 3.26 6.31 2.47
N ALA A 69 3.85 5.85 3.56
CA ALA A 69 5.29 5.62 3.61
C ALA A 69 5.63 4.14 3.59
N ALA A 70 6.18 3.68 2.47
CA ALA A 70 6.56 2.28 2.31
C ALA A 70 7.60 1.88 3.35
N GLY A 71 8.11 0.66 3.23
CA GLY A 71 9.10 0.17 4.17
C GLY A 71 10.49 0.73 3.91
N PRO A 72 11.51 -0.14 3.77
CA PRO A 72 12.89 0.30 3.51
C PRO A 72 13.03 0.96 2.14
N HIS A 73 13.71 2.10 2.10
CA HIS A 73 13.91 2.82 0.86
C HIS A 73 14.74 2.00 -0.12
N GLY A 74 14.11 1.54 -1.19
CA GLY A 74 14.81 0.74 -2.18
C GLY A 74 14.69 -0.74 -1.92
N LEU A 75 13.60 -1.34 -2.37
CA LEU A 75 13.38 -2.77 -2.20
C LEU A 75 12.96 -3.41 -3.52
N LYS A 76 13.96 -3.73 -4.32
CA LYS A 76 13.74 -4.34 -5.64
C LYS A 76 12.85 -5.57 -5.53
N PHE A 77 12.16 -5.89 -6.61
CA PHE A 77 11.28 -7.05 -6.65
C PHE A 77 11.45 -7.81 -7.96
N LEU A 78 11.36 -9.14 -7.89
CA LEU A 78 11.49 -9.97 -9.08
C LEU A 78 10.14 -10.29 -9.70
N LYS A 79 9.15 -9.50 -9.31
CA LYS A 79 7.79 -9.66 -9.83
C LYS A 79 6.98 -8.40 -9.56
N PRO A 80 6.19 -7.93 -10.54
CA PRO A 80 5.37 -6.72 -10.39
C PRO A 80 4.30 -6.87 -9.31
N VAL A 81 4.60 -6.38 -8.12
CA VAL A 81 3.66 -6.46 -7.01
C VAL A 81 2.51 -5.46 -7.23
N GLU A 82 1.36 -5.75 -6.63
CA GLU A 82 0.19 -4.89 -6.76
C GLU A 82 -0.14 -4.18 -5.45
N LEU A 83 -0.03 -2.85 -5.47
CA LEU A 83 -0.31 -2.05 -4.28
C LEU A 83 -1.66 -1.34 -4.42
N ARG A 84 -2.51 -1.47 -3.41
CA ARG A 84 -3.83 -0.86 -3.43
C ARG A 84 -3.94 0.25 -2.39
N LEU A 85 -4.35 1.44 -2.85
CA LEU A 85 -4.51 2.59 -1.97
C LEU A 85 -5.78 3.36 -2.34
N PRO A 86 -6.36 4.10 -1.37
CA PRO A 86 -7.57 4.90 -1.59
C PRO A 86 -7.50 5.74 -2.85
N HIS A 87 -8.64 5.88 -3.52
CA HIS A 87 -8.72 6.67 -4.75
C HIS A 87 -8.80 8.16 -4.44
N CYS A 88 -9.31 8.49 -3.26
CA CYS A 88 -9.45 9.88 -2.83
C CYS A 88 -10.49 10.60 -3.69
N ASP A 89 -10.60 11.91 -3.49
CA ASP A 89 -11.57 12.72 -4.24
C ASP A 89 -13.00 12.27 -3.93
N PRO A 90 -13.67 12.93 -2.98
CA PRO A 90 -15.04 12.60 -2.60
C PRO A 90 -16.09 13.25 -3.49
N LYS A 91 -15.79 13.38 -4.77
CA LYS A 91 -16.71 13.98 -5.73
C LYS A 91 -17.29 12.93 -6.68
N THR A 92 -16.68 11.74 -6.70
CA THR A 92 -17.13 10.66 -7.58
C THR A 92 -17.49 9.41 -6.80
N TRP A 93 -17.67 9.57 -5.51
CA TRP A 93 -18.02 8.46 -4.62
C TRP A 93 -19.52 8.38 -4.41
N GLN A 94 -20.17 9.54 -4.35
CA GLN A 94 -21.61 9.61 -4.14
C GLN A 94 -22.34 9.96 -5.43
N ASN A 95 -23.13 9.01 -5.94
CA ASN A 95 -23.88 9.21 -7.17
C ASN A 95 -25.03 8.22 -7.27
N LYS A 96 -24.74 6.95 -6.95
CA LYS A 96 -25.75 5.90 -7.01
C LYS A 96 -25.41 4.76 -6.06
N CYS A 97 -24.81 5.11 -4.91
CA CYS A 97 -24.43 4.11 -3.92
C CYS A 97 -25.11 4.40 -2.58
N LEU A 98 -24.90 3.51 -1.62
CA LEU A 98 -25.49 3.67 -0.29
C LEU A 98 -24.58 4.51 0.60
N PRO A 99 -25.13 5.56 1.24
CA PRO A 99 -24.36 6.44 2.13
C PRO A 99 -24.11 5.81 3.50
N GLY A 100 -24.82 4.73 3.80
CA GLY A 100 -24.65 4.07 5.09
C GLY A 100 -23.91 2.74 4.97
N ASP A 101 -23.92 2.17 3.77
CA ASP A 101 -23.25 0.89 3.55
C ASP A 101 -21.72 1.07 3.51
N PRO A 102 -20.97 0.16 4.15
CA PRO A 102 -19.51 0.24 4.18
C PRO A 102 -18.89 -0.08 2.82
N ASN A 103 -19.60 -0.87 2.01
CA ASN A 103 -19.12 -1.21 0.68
C ASN A 103 -19.04 0.02 -0.21
N TYR A 104 -19.69 1.10 0.22
CA TYR A 104 -19.71 2.35 -0.52
C TYR A 104 -18.30 2.87 -0.79
N LEU A 105 -17.32 2.38 -0.03
CA LEU A 105 -15.93 2.83 -0.19
C LEU A 105 -14.93 1.81 0.32
N VAL A 106 -15.33 0.99 1.30
CA VAL A 106 -14.43 -0.01 1.87
C VAL A 106 -14.07 -1.13 0.88
N GLY A 107 -13.91 -0.78 -0.39
CA GLY A 107 -13.56 -1.78 -1.39
C GLY A 107 -13.60 -1.23 -2.80
N ALA A 108 -14.51 -0.29 -3.05
CA ALA A 108 -14.64 0.31 -4.36
C ALA A 108 -13.56 1.38 -4.60
N ASN A 109 -13.17 2.06 -3.53
CA ASN A 109 -12.16 3.10 -3.61
C ASN A 109 -10.76 2.50 -3.43
N CYS A 110 -10.09 2.23 -4.54
CA CYS A 110 -8.75 1.67 -4.51
C CYS A 110 -8.08 1.78 -5.87
N VAL A 111 -6.77 2.04 -5.87
CA VAL A 111 -6.01 2.17 -7.09
C VAL A 111 -5.02 1.02 -7.26
N SER A 112 -4.98 0.44 -8.46
CA SER A 112 -4.06 -0.65 -8.72
C SER A 112 -2.74 -0.10 -9.25
N VAL A 113 -1.72 -0.11 -8.41
CA VAL A 113 -0.41 0.40 -8.78
C VAL A 113 0.65 -0.69 -8.68
N LEU A 114 1.35 -0.94 -9.79
CA LEU A 114 2.38 -1.95 -9.82
C LEU A 114 3.72 -1.40 -9.32
N ILE A 115 4.40 -2.20 -8.51
CA ILE A 115 5.69 -1.81 -7.97
C ILE A 115 6.73 -2.89 -8.17
N ASP A 116 7.83 -2.52 -8.83
CA ASP A 116 8.92 -3.45 -9.08
C ASP A 116 10.24 -2.83 -8.61
N HIS A 117 10.13 -1.92 -7.65
CA HIS A 117 11.31 -1.25 -7.10
C HIS A 117 10.90 -0.24 -6.03
N PHE A 118 11.12 -0.60 -4.78
CA PHE A 118 10.77 0.28 -3.66
C PHE A 118 11.85 1.33 -3.44
N THR A 1 -3.15 11.50 16.63
CA THR A 1 -4.20 10.70 17.32
C THR A 1 -3.98 9.20 17.09
N VAL A 2 -4.12 8.76 15.85
CA VAL A 2 -3.94 7.36 15.51
C VAL A 2 -3.43 7.20 14.08
N VAL A 3 -2.71 6.13 13.82
CA VAL A 3 -2.16 5.87 12.49
C VAL A 3 -2.23 4.39 12.15
N ALA A 4 -2.26 4.10 10.85
CA ALA A 4 -2.32 2.71 10.39
C ALA A 4 -0.93 2.25 9.93
N THR A 5 -0.40 1.25 10.60
CA THR A 5 0.92 0.73 10.25
C THR A 5 0.92 -0.80 10.24
N ALA A 6 1.66 -1.37 9.29
CA ALA A 6 1.77 -2.82 9.16
C ALA A 6 3.18 -3.23 8.78
N ARG A 7 3.79 -4.06 9.61
CA ARG A 7 5.16 -4.53 9.36
C ARG A 7 5.21 -6.06 9.41
N GLY A 8 5.81 -6.66 8.38
CA GLY A 8 5.91 -8.10 8.34
C GLY A 8 6.83 -8.58 7.22
N ILE A 9 7.57 -9.66 7.50
CA ILE A 9 8.48 -10.23 6.51
C ILE A 9 7.72 -11.07 5.49
N PHE A 10 8.27 -11.17 4.28
CA PHE A 10 7.63 -11.95 3.23
C PHE A 10 8.62 -12.92 2.59
N ASN A 11 8.09 -14.01 2.03
CA ASN A 11 8.91 -15.02 1.38
C ASN A 11 8.51 -15.18 -0.08
N SER A 12 9.28 -15.96 -0.83
CA SER A 12 9.01 -16.20 -2.25
C SER A 12 7.53 -16.46 -2.48
N ASN A 13 6.86 -17.04 -1.50
CA ASN A 13 5.43 -17.34 -1.60
C ASN A 13 4.63 -16.03 -1.74
N GLY A 14 5.01 -15.04 -0.96
CA GLY A 14 4.35 -13.75 -1.00
C GLY A 14 2.88 -13.83 -0.61
N GLY A 15 2.41 -12.81 0.09
CA GLY A 15 1.02 -12.76 0.52
C GLY A 15 0.43 -11.38 0.34
N VAL A 16 -0.03 -10.78 1.43
CA VAL A 16 -0.61 -9.44 1.38
C VAL A 16 -0.41 -8.70 2.69
N LEU A 17 -0.23 -7.39 2.57
CA LEU A 17 -0.05 -6.53 3.74
C LEU A 17 -1.10 -5.42 3.73
N SER A 18 -2.15 -5.59 4.53
CA SER A 18 -3.22 -4.61 4.59
C SER A 18 -3.28 -3.90 5.94
N SER A 19 -3.50 -2.59 5.89
CA SER A 19 -3.62 -1.79 7.11
C SER A 19 -5.09 -1.54 7.40
N ILE A 20 -5.65 -2.35 8.28
CA ILE A 20 -7.06 -2.23 8.65
C ILE A 20 -7.40 -0.85 9.19
N GLU A 21 -6.41 -0.17 9.76
CA GLU A 21 -6.63 1.16 10.32
C GLU A 21 -6.90 2.20 9.23
N THR A 22 -6.48 1.91 8.00
CA THR A 22 -6.69 2.84 6.89
C THR A 22 -7.39 2.16 5.72
N GLY A 23 -6.86 1.04 5.27
CA GLY A 23 -7.45 0.33 4.15
C GLY A 23 -6.44 -0.10 3.11
N VAL A 24 -5.41 0.73 2.91
CA VAL A 24 -4.36 0.43 1.95
C VAL A 24 -3.78 -0.96 2.19
N SER A 25 -3.40 -1.64 1.11
CA SER A 25 -2.83 -2.97 1.22
C SER A 25 -1.81 -3.23 0.11
N ILE A 26 -1.02 -4.29 0.29
CA ILE A 26 -0.01 -4.66 -0.69
C ILE A 26 0.02 -6.17 -0.90
N ILE A 27 -0.36 -6.61 -2.09
CA ILE A 27 -0.38 -8.03 -2.40
C ILE A 27 0.90 -8.45 -3.11
N ILE A 28 1.70 -9.26 -2.44
CA ILE A 28 2.95 -9.75 -3.01
C ILE A 28 2.78 -11.14 -3.60
N PRO A 29 2.61 -11.26 -4.92
CA PRO A 29 2.43 -12.55 -5.59
C PRO A 29 3.67 -13.42 -5.50
N GLN A 30 3.47 -14.74 -5.62
CA GLN A 30 4.57 -15.69 -5.56
C GLN A 30 5.59 -15.41 -6.66
N GLY A 31 6.78 -14.94 -6.27
CA GLY A 31 7.82 -14.66 -7.25
C GLY A 31 8.37 -13.25 -7.12
N ALA A 32 7.86 -12.49 -6.15
CA ALA A 32 8.33 -11.12 -5.95
C ALA A 32 9.66 -11.10 -5.21
N ILE A 33 9.89 -12.11 -4.37
CA ILE A 33 11.12 -12.22 -3.61
C ILE A 33 11.91 -13.47 -4.04
N PRO A 34 13.25 -13.38 -4.09
CA PRO A 34 14.09 -14.50 -4.50
C PRO A 34 13.94 -15.71 -3.58
N GLU A 35 14.23 -16.89 -4.10
CA GLU A 35 14.11 -18.12 -3.33
C GLU A 35 15.13 -18.16 -2.20
N GLY A 36 14.81 -18.90 -1.14
CA GLY A 36 15.72 -19.00 0.00
C GLY A 36 16.03 -17.64 0.60
N VAL A 37 15.13 -16.68 0.42
CA VAL A 37 15.32 -15.34 0.95
C VAL A 37 14.07 -14.84 1.67
N GLU A 38 14.26 -13.84 2.52
CA GLU A 38 13.16 -13.25 3.27
C GLU A 38 13.31 -11.74 3.29
N GLN A 39 12.39 -11.04 2.64
CA GLN A 39 12.43 -9.59 2.57
C GLN A 39 11.45 -8.96 3.56
N GLU A 40 11.96 -8.08 4.42
CA GLU A 40 11.13 -7.42 5.41
C GLU A 40 10.41 -6.23 4.81
N ILE A 41 9.08 -6.24 4.87
CA ILE A 41 8.28 -5.15 4.33
C ILE A 41 7.33 -4.58 5.38
N TYR A 42 7.26 -3.25 5.43
CA TYR A 42 6.40 -2.56 6.37
C TYR A 42 6.03 -1.18 5.85
N PHE A 43 4.95 -0.60 6.37
CA PHE A 43 4.52 0.72 5.94
C PHE A 43 3.52 1.33 6.89
N LYS A 44 3.29 2.63 6.75
CA LYS A 44 2.34 3.35 7.60
C LYS A 44 1.50 4.32 6.79
N VAL A 45 0.19 4.10 6.80
CA VAL A 45 -0.74 4.96 6.07
C VAL A 45 -1.49 5.88 7.02
N CYS A 46 -1.63 7.14 6.64
CA CYS A 46 -2.33 8.12 7.48
C CYS A 46 -2.74 9.34 6.66
N ARG A 47 -3.85 9.96 7.06
CA ARG A 47 -4.35 11.13 6.36
C ARG A 47 -3.31 12.26 6.36
N ASP A 48 -2.50 12.30 7.41
CA ASP A 48 -1.45 13.32 7.53
C ASP A 48 -0.14 12.70 7.99
N ASN A 49 0.97 13.35 7.68
CA ASN A 49 2.29 12.86 8.06
C ASN A 49 2.70 13.42 9.42
N SER A 50 2.33 14.65 9.69
CA SER A 50 2.67 15.31 10.96
C SER A 50 2.12 14.52 12.14
N ILE A 51 1.05 13.76 11.91
CA ILE A 51 0.44 12.97 12.97
C ILE A 51 1.41 11.93 13.52
N LEU A 52 2.48 11.65 12.76
CA LEU A 52 3.48 10.67 13.18
C LEU A 52 4.59 10.54 12.14
N PRO A 53 5.85 10.40 12.59
CA PRO A 53 6.99 10.26 11.68
C PRO A 53 7.12 8.85 11.12
N PRO A 54 8.02 8.65 10.15
CA PRO A 54 8.23 7.34 9.53
C PRO A 54 8.54 6.25 10.56
N LEU A 55 8.38 4.99 10.15
CA LEU A 55 8.65 3.87 11.04
C LEU A 55 10.10 3.88 11.52
N ASP A 56 11.01 3.42 10.66
CA ASP A 56 12.42 3.37 11.00
C ASP A 56 13.21 4.34 10.13
N LYS A 57 13.86 5.30 10.79
CA LYS A 57 14.67 6.30 10.10
C LYS A 57 15.96 5.69 9.55
N GLU A 58 16.35 4.54 10.11
CA GLU A 58 17.57 3.85 9.68
C GLU A 58 17.61 3.68 8.17
N LYS A 59 16.45 3.50 7.56
CA LYS A 59 16.36 3.33 6.12
C LYS A 59 16.07 4.65 5.42
N GLY A 60 14.83 5.10 5.50
CA GLY A 60 14.44 6.36 4.87
C GLY A 60 12.94 6.55 4.87
N GLU A 61 12.32 6.26 3.72
CA GLU A 61 10.87 6.41 3.56
C GLU A 61 10.50 6.48 2.09
N THR A 62 9.61 5.58 1.65
CA THR A 62 9.16 5.55 0.26
C THR A 62 7.68 5.89 0.18
N LEU A 63 7.39 7.15 -0.12
CA LEU A 63 6.01 7.61 -0.22
C LEU A 63 5.40 7.23 -1.56
N LEU A 64 4.13 6.81 -1.53
CA LEU A 64 3.42 6.41 -2.75
C LEU A 64 2.10 7.16 -2.89
N SER A 65 1.25 7.02 -1.89
CA SER A 65 -0.06 7.68 -1.87
C SER A 65 0.06 9.07 -1.22
N PRO A 66 -1.07 9.79 -1.05
CA PRO A 66 -1.06 11.12 -0.43
C PRO A 66 -0.12 11.18 0.77
N LEU A 67 -0.06 10.07 1.49
CA LEU A 67 0.84 9.97 2.64
C LEU A 67 0.93 8.52 3.12
N VAL A 68 1.73 7.75 2.41
CA VAL A 68 1.94 6.36 2.76
C VAL A 68 3.41 6.02 2.62
N ALA A 69 4.04 5.66 3.73
CA ALA A 69 5.46 5.34 3.73
C ALA A 69 5.69 3.83 3.70
N ALA A 70 6.11 3.32 2.55
CA ALA A 70 6.37 1.90 2.39
C ALA A 70 7.53 1.45 3.29
N GLY A 71 8.05 0.25 3.02
CA GLY A 71 9.14 -0.27 3.82
C GLY A 71 10.45 0.46 3.57
N PRO A 72 11.60 -0.21 3.80
CA PRO A 72 12.91 0.40 3.58
C PRO A 72 13.06 0.96 2.17
N HIS A 73 13.52 2.21 2.08
CA HIS A 73 13.70 2.86 0.79
C HIS A 73 14.65 2.04 -0.09
N GLY A 74 14.09 1.45 -1.14
CA GLY A 74 14.88 0.65 -2.06
C GLY A 74 14.72 -0.84 -1.80
N LEU A 75 13.67 -1.42 -2.38
CA LEU A 75 13.41 -2.85 -2.23
C LEU A 75 12.97 -3.44 -3.57
N LYS A 76 13.95 -3.83 -4.37
CA LYS A 76 13.70 -4.41 -5.68
C LYS A 76 12.68 -5.55 -5.60
N PHE A 77 12.14 -5.92 -6.76
CA PHE A 77 11.15 -6.99 -6.82
C PHE A 77 11.24 -7.73 -8.15
N LEU A 78 11.16 -9.05 -8.10
CA LEU A 78 11.23 -9.87 -9.30
C LEU A 78 9.83 -10.21 -9.81
N LYS A 79 8.85 -9.47 -9.30
CA LYS A 79 7.46 -9.67 -9.69
C LYS A 79 6.64 -8.41 -9.38
N PRO A 80 5.76 -7.99 -10.30
CA PRO A 80 4.93 -6.80 -10.11
C PRO A 80 3.97 -6.93 -8.94
N VAL A 81 4.36 -6.43 -7.78
CA VAL A 81 3.52 -6.49 -6.59
C VAL A 81 2.33 -5.54 -6.73
N GLU A 82 1.17 -5.98 -6.24
CA GLU A 82 -0.04 -5.16 -6.33
C GLU A 82 -0.20 -4.27 -5.11
N LEU A 83 -0.42 -2.99 -5.36
CA LEU A 83 -0.62 -2.01 -4.30
C LEU A 83 -1.95 -1.28 -4.49
N ARG A 84 -2.87 -1.47 -3.55
CA ARG A 84 -4.18 -0.84 -3.64
C ARG A 84 -4.39 0.20 -2.55
N LEU A 85 -4.85 1.38 -2.95
CA LEU A 85 -5.11 2.48 -2.01
C LEU A 85 -6.34 3.27 -2.45
N PRO A 86 -7.18 3.70 -1.48
CA PRO A 86 -8.38 4.48 -1.78
C PRO A 86 -8.08 5.92 -2.16
N HIS A 87 -8.61 6.35 -3.29
CA HIS A 87 -8.40 7.71 -3.78
C HIS A 87 -9.27 8.70 -3.01
N CYS A 88 -10.53 8.34 -2.81
CA CYS A 88 -11.47 9.20 -2.10
C CYS A 88 -11.67 10.52 -2.83
N ASP A 89 -12.14 10.43 -4.08
CA ASP A 89 -12.38 11.63 -4.89
C ASP A 89 -13.25 11.29 -6.10
N PRO A 90 -14.41 11.97 -6.25
CA PRO A 90 -15.32 11.74 -7.36
C PRO A 90 -14.97 12.54 -8.60
N LYS A 91 -13.68 12.67 -8.89
CA LYS A 91 -13.23 13.42 -10.05
C LYS A 91 -12.67 12.50 -11.14
N THR A 92 -12.60 11.19 -10.85
CA THR A 92 -12.09 10.23 -11.82
C THR A 92 -13.11 9.13 -12.14
N TRP A 93 -14.36 9.37 -11.78
CA TRP A 93 -15.41 8.41 -12.03
C TRP A 93 -16.47 8.97 -12.98
N GLN A 94 -16.83 10.23 -12.75
CA GLN A 94 -17.84 10.89 -13.57
C GLN A 94 -17.19 11.65 -14.73
N ASN A 95 -17.75 11.46 -15.92
CA ASN A 95 -17.25 12.13 -17.12
C ASN A 95 -18.16 11.88 -18.30
N LYS A 96 -18.63 10.64 -18.43
CA LYS A 96 -19.53 10.26 -19.52
C LYS A 96 -20.17 8.91 -19.24
N CYS A 97 -20.42 8.62 -17.96
CA CYS A 97 -21.03 7.35 -17.55
C CYS A 97 -22.40 7.59 -16.94
N LEU A 98 -22.94 6.57 -16.30
CA LEU A 98 -24.26 6.67 -15.67
C LEU A 98 -24.14 7.02 -14.19
N PRO A 99 -24.75 8.14 -13.75
CA PRO A 99 -24.72 8.56 -12.36
C PRO A 99 -25.69 7.78 -11.48
N GLY A 100 -26.37 6.78 -12.06
CA GLY A 100 -27.32 6.01 -11.31
C GLY A 100 -27.07 4.51 -11.34
N ASP A 101 -26.00 4.08 -12.01
CA ASP A 101 -25.69 2.66 -12.08
C ASP A 101 -24.97 2.21 -10.81
N PRO A 102 -25.38 1.07 -10.22
CA PRO A 102 -24.78 0.56 -8.99
C PRO A 102 -23.34 0.10 -9.19
N ASN A 103 -22.89 0.03 -10.44
CA ASN A 103 -21.53 -0.40 -10.74
C ASN A 103 -20.60 0.81 -10.93
N TYR A 104 -21.05 1.97 -10.45
CA TYR A 104 -20.27 3.20 -10.58
C TYR A 104 -19.07 3.25 -9.61
N LEU A 105 -19.13 4.13 -8.61
CA LEU A 105 -18.05 4.29 -7.63
C LEU A 105 -17.68 2.99 -6.93
N VAL A 106 -18.51 1.97 -7.05
CA VAL A 106 -18.25 0.68 -6.41
C VAL A 106 -17.07 -0.04 -7.05
N GLY A 107 -16.05 0.71 -7.46
CA GLY A 107 -14.87 0.11 -8.07
C GLY A 107 -13.76 1.12 -8.30
N ALA A 108 -14.15 2.34 -8.67
CA ALA A 108 -13.19 3.40 -8.92
C ALA A 108 -12.43 3.77 -7.65
N ASN A 109 -13.03 3.50 -6.49
CA ASN A 109 -12.41 3.81 -5.21
C ASN A 109 -11.23 2.87 -4.95
N CYS A 110 -10.19 2.99 -5.76
CA CYS A 110 -9.00 2.17 -5.61
C CYS A 110 -8.04 2.39 -6.78
N VAL A 111 -6.78 2.70 -6.46
CA VAL A 111 -5.78 2.94 -7.49
C VAL A 111 -4.86 1.73 -7.64
N SER A 112 -5.03 0.99 -8.73
CA SER A 112 -4.21 -0.18 -8.99
C SER A 112 -2.82 0.24 -9.45
N VAL A 113 -1.84 0.11 -8.55
CA VAL A 113 -0.48 0.49 -8.85
C VAL A 113 0.48 -0.67 -8.57
N LEU A 114 1.20 -1.11 -9.59
CA LEU A 114 2.14 -2.21 -9.45
C LEU A 114 3.54 -1.69 -9.14
N ILE A 115 4.18 -2.29 -8.14
CA ILE A 115 5.52 -1.88 -7.75
C ILE A 115 6.53 -2.98 -8.01
N ASP A 116 7.56 -2.65 -8.76
CA ASP A 116 8.63 -3.58 -9.08
C ASP A 116 9.98 -2.94 -8.78
N HIS A 117 9.97 -2.00 -7.84
CA HIS A 117 11.19 -1.30 -7.46
C HIS A 117 10.91 -0.30 -6.34
N PHE A 118 11.18 -0.69 -5.10
CA PHE A 118 10.96 0.18 -3.95
C PHE A 118 12.12 1.15 -3.76
N THR A 1 -3.40 12.72 15.67
CA THR A 1 -4.44 11.89 15.00
C THR A 1 -4.02 10.42 14.97
N VAL A 2 -5.00 9.54 14.73
CA VAL A 2 -4.73 8.11 14.67
C VAL A 2 -3.74 7.78 13.55
N VAL A 3 -3.09 6.64 13.67
CA VAL A 3 -2.12 6.21 12.67
C VAL A 3 -2.20 4.71 12.43
N ALA A 4 -2.18 4.32 11.16
CA ALA A 4 -2.24 2.91 10.78
C ALA A 4 -0.87 2.44 10.30
N THR A 5 -0.30 1.47 11.01
CA THR A 5 1.01 0.94 10.65
C THR A 5 0.95 -0.56 10.44
N ALA A 6 1.72 -1.04 9.47
CA ALA A 6 1.76 -2.47 9.16
C ALA A 6 3.19 -2.92 8.89
N ARG A 7 3.63 -3.93 9.63
CA ARG A 7 4.98 -4.46 9.47
C ARG A 7 4.95 -5.98 9.33
N GLY A 8 5.62 -6.50 8.31
CA GLY A 8 5.64 -7.94 8.10
C GLY A 8 6.63 -8.37 7.04
N ILE A 9 7.24 -9.54 7.24
CA ILE A 9 8.20 -10.07 6.29
C ILE A 9 7.50 -10.94 5.25
N PHE A 10 8.15 -11.15 4.11
CA PHE A 10 7.57 -11.95 3.04
C PHE A 10 8.61 -12.88 2.43
N ASN A 11 8.13 -14.00 1.90
CA ASN A 11 9.00 -14.99 1.27
C ASN A 11 8.57 -15.27 -0.16
N SER A 12 9.38 -16.03 -0.89
CA SER A 12 9.08 -16.37 -2.28
C SER A 12 7.63 -16.83 -2.44
N ASN A 13 7.08 -17.42 -1.38
CA ASN A 13 5.70 -17.90 -1.41
C ASN A 13 4.72 -16.76 -1.69
N GLY A 14 5.02 -15.59 -1.15
CA GLY A 14 4.16 -14.44 -1.36
C GLY A 14 3.48 -13.96 -0.08
N GLY A 15 2.41 -13.20 -0.24
CA GLY A 15 1.68 -12.69 0.91
C GLY A 15 1.16 -11.28 0.67
N VAL A 16 0.32 -10.80 1.59
CA VAL A 16 -0.24 -9.46 1.46
C VAL A 16 0.04 -8.61 2.69
N LEU A 17 0.16 -7.31 2.45
CA LEU A 17 0.41 -6.35 3.52
C LEU A 17 -0.68 -5.29 3.53
N SER A 18 -1.64 -5.44 4.43
CA SER A 18 -2.76 -4.49 4.51
C SER A 18 -2.97 -3.99 5.93
N SER A 19 -3.54 -2.79 6.03
CA SER A 19 -3.83 -2.18 7.32
C SER A 19 -5.30 -1.78 7.39
N ILE A 20 -6.10 -2.63 8.00
CA ILE A 20 -7.54 -2.38 8.13
C ILE A 20 -7.81 -1.01 8.73
N GLU A 21 -6.87 -0.50 9.51
CA GLU A 21 -7.01 0.81 10.14
C GLU A 21 -7.13 1.92 9.10
N THR A 22 -6.55 1.68 7.91
CA THR A 22 -6.60 2.67 6.84
C THR A 22 -7.29 2.11 5.61
N GLY A 23 -6.83 0.95 5.15
CA GLY A 23 -7.43 0.32 3.98
C GLY A 23 -6.39 -0.07 2.94
N VAL A 24 -5.28 0.66 2.89
CA VAL A 24 -4.21 0.37 1.94
C VAL A 24 -3.72 -1.07 2.09
N SER A 25 -3.34 -1.69 0.98
CA SER A 25 -2.85 -3.06 1.00
C SER A 25 -1.83 -3.31 -0.10
N ILE A 26 -0.98 -4.32 0.10
CA ILE A 26 0.03 -4.67 -0.88
C ILE A 26 0.09 -6.18 -1.08
N ILE A 27 -0.29 -6.64 -2.27
CA ILE A 27 -0.27 -8.06 -2.56
C ILE A 27 1.05 -8.47 -3.20
N ILE A 28 1.69 -9.47 -2.64
CA ILE A 28 2.95 -9.97 -3.16
C ILE A 28 2.78 -11.37 -3.76
N PRO A 29 2.65 -11.45 -5.09
CA PRO A 29 2.48 -12.73 -5.79
C PRO A 29 3.69 -13.65 -5.64
N GLN A 30 3.45 -14.95 -5.72
CA GLN A 30 4.51 -15.93 -5.61
C GLN A 30 5.56 -15.73 -6.70
N GLY A 31 6.67 -15.10 -6.34
CA GLY A 31 7.72 -14.84 -7.31
C GLY A 31 8.33 -13.46 -7.18
N ALA A 32 7.76 -12.63 -6.33
CA ALA A 32 8.26 -11.27 -6.12
C ALA A 32 9.56 -11.27 -5.33
N ILE A 33 9.77 -12.33 -4.54
CA ILE A 33 10.98 -12.46 -3.75
C ILE A 33 11.73 -13.75 -4.12
N PRO A 34 13.08 -13.70 -4.17
CA PRO A 34 13.89 -14.87 -4.52
C PRO A 34 13.65 -16.04 -3.58
N GLU A 35 13.86 -17.25 -4.09
CA GLU A 35 13.67 -18.46 -3.29
C GLU A 35 14.67 -18.51 -2.12
N GLY A 36 14.20 -19.01 -0.99
CA GLY A 36 15.05 -19.11 0.18
C GLY A 36 15.44 -17.74 0.73
N VAL A 37 14.60 -16.75 0.48
CA VAL A 37 14.85 -15.40 0.96
C VAL A 37 13.65 -14.84 1.70
N GLU A 38 13.90 -13.81 2.50
CA GLU A 38 12.85 -13.15 3.27
C GLU A 38 13.06 -11.64 3.25
N GLN A 39 12.14 -10.93 2.61
CA GLN A 39 12.24 -9.48 2.52
C GLN A 39 11.28 -8.80 3.49
N GLU A 40 11.84 -8.11 4.48
CA GLU A 40 11.03 -7.42 5.48
C GLU A 40 10.36 -6.18 4.87
N ILE A 41 9.03 -6.14 4.93
CA ILE A 41 8.28 -5.03 4.39
C ILE A 41 7.32 -4.45 5.42
N TYR A 42 7.25 -3.12 5.48
CA TYR A 42 6.37 -2.44 6.41
C TYR A 42 6.01 -1.06 5.87
N PHE A 43 4.95 -0.47 6.40
CA PHE A 43 4.53 0.85 5.96
C PHE A 43 3.50 1.45 6.91
N LYS A 44 3.45 2.79 6.94
CA LYS A 44 2.52 3.50 7.80
C LYS A 44 1.59 4.38 6.97
N VAL A 45 0.29 4.07 7.04
CA VAL A 45 -0.72 4.83 6.31
C VAL A 45 -1.45 5.78 7.24
N CYS A 46 -1.50 7.06 6.87
CA CYS A 46 -2.17 8.07 7.70
C CYS A 46 -2.97 9.02 6.82
N ARG A 47 -4.22 9.27 7.22
CA ARG A 47 -5.09 10.18 6.48
C ARG A 47 -4.67 11.63 6.70
N ASP A 48 -4.07 11.90 7.85
CA ASP A 48 -3.62 13.25 8.18
C ASP A 48 -2.09 13.33 8.16
N ASN A 49 -1.57 14.39 7.53
CA ASN A 49 -0.13 14.59 7.45
C ASN A 49 0.46 15.02 8.79
N SER A 50 -0.42 15.31 9.76
CA SER A 50 0.02 15.74 11.09
C SER A 50 1.06 14.79 11.66
N ILE A 51 1.07 13.55 11.16
CA ILE A 51 2.01 12.54 11.62
C ILE A 51 3.45 12.86 11.19
N LEU A 52 3.61 13.95 10.43
CA LEU A 52 4.92 14.40 9.92
C LEU A 52 6.06 13.42 10.18
N PRO A 53 6.52 13.28 11.44
CA PRO A 53 7.62 12.36 11.78
C PRO A 53 7.47 11.00 11.09
N PRO A 54 8.51 10.56 10.35
CA PRO A 54 8.48 9.27 9.65
C PRO A 54 8.58 8.08 10.59
N LEU A 55 8.41 6.89 10.04
CA LEU A 55 8.48 5.66 10.83
C LEU A 55 9.93 5.21 10.97
N ASP A 56 10.75 5.52 9.97
CA ASP A 56 12.16 5.15 9.99
C ASP A 56 12.91 5.80 8.83
N LYS A 57 13.31 7.04 9.01
CA LYS A 57 14.03 7.78 7.99
C LYS A 57 15.37 7.11 7.66
N GLU A 58 16.06 6.64 8.70
CA GLU A 58 17.34 5.98 8.52
C GLU A 58 17.23 4.79 7.56
N LYS A 59 16.05 4.18 7.51
CA LYS A 59 15.80 3.04 6.64
C LYS A 59 15.45 3.49 5.23
N GLY A 60 14.84 4.67 5.13
CA GLY A 60 14.46 5.19 3.83
C GLY A 60 12.95 5.29 3.67
N GLU A 61 12.46 6.52 3.59
CA GLU A 61 11.03 6.75 3.43
C GLU A 61 10.63 6.85 1.96
N THR A 62 9.72 5.98 1.54
CA THR A 62 9.25 5.96 0.16
C THR A 62 7.75 6.23 0.10
N LEU A 63 7.39 7.49 -0.12
CA LEU A 63 5.99 7.89 -0.18
C LEU A 63 5.38 7.51 -1.54
N LEU A 64 4.14 7.02 -1.51
CA LEU A 64 3.46 6.62 -2.74
C LEU A 64 2.10 7.31 -2.85
N SER A 65 1.24 7.10 -1.85
CA SER A 65 -0.08 7.69 -1.83
C SER A 65 -0.04 9.08 -1.18
N PRO A 66 -1.20 9.74 -0.97
CA PRO A 66 -1.25 11.07 -0.36
C PRO A 66 -0.24 11.22 0.77
N LEU A 67 -0.16 10.21 1.63
CA LEU A 67 0.79 10.22 2.72
C LEU A 67 1.00 8.81 3.27
N VAL A 68 1.56 7.95 2.45
CA VAL A 68 1.83 6.58 2.86
C VAL A 68 3.32 6.29 2.73
N ALA A 69 3.95 5.97 3.84
CA ALA A 69 5.38 5.71 3.85
C ALA A 69 5.68 4.21 3.89
N ALA A 70 6.14 3.69 2.76
CA ALA A 70 6.47 2.27 2.65
C ALA A 70 7.63 1.91 3.58
N GLY A 71 8.19 0.71 3.39
CA GLY A 71 9.30 0.27 4.21
C GLY A 71 10.62 0.90 3.81
N PRO A 72 11.74 0.21 4.02
CA PRO A 72 13.06 0.73 3.67
C PRO A 72 13.14 1.14 2.20
N HIS A 73 13.47 2.40 1.97
CA HIS A 73 13.58 2.93 0.61
C HIS A 73 14.55 2.10 -0.22
N GLY A 74 14.02 1.37 -1.18
CA GLY A 74 14.85 0.54 -2.04
C GLY A 74 14.62 -0.94 -1.83
N LEU A 75 13.54 -1.47 -2.40
CA LEU A 75 13.23 -2.88 -2.28
C LEU A 75 12.78 -3.45 -3.62
N LYS A 76 13.77 -3.83 -4.43
CA LYS A 76 13.51 -4.39 -5.76
C LYS A 76 12.64 -5.64 -5.67
N PHE A 77 12.05 -6.02 -6.79
CA PHE A 77 11.20 -7.20 -6.85
C PHE A 77 11.36 -7.90 -8.20
N LEU A 78 11.18 -9.21 -8.20
CA LEU A 78 11.28 -9.99 -9.44
C LEU A 78 9.92 -10.23 -10.07
N LYS A 79 8.94 -9.51 -9.57
CA LYS A 79 7.56 -9.59 -10.06
C LYS A 79 6.81 -8.31 -9.72
N PRO A 80 6.02 -7.78 -10.67
CA PRO A 80 5.25 -6.55 -10.45
C PRO A 80 4.17 -6.72 -9.39
N VAL A 81 4.51 -6.38 -8.15
CA VAL A 81 3.57 -6.51 -7.04
C VAL A 81 2.38 -5.58 -7.23
N GLU A 82 1.33 -5.78 -6.45
CA GLU A 82 0.13 -4.96 -6.55
C GLU A 82 -0.07 -4.13 -5.29
N LEU A 83 -0.22 -2.83 -5.46
CA LEU A 83 -0.42 -1.92 -4.33
C LEU A 83 -1.71 -1.12 -4.53
N ARG A 84 -2.75 -1.45 -3.77
CA ARG A 84 -4.03 -0.75 -3.88
C ARG A 84 -4.25 0.20 -2.71
N LEU A 85 -4.59 1.44 -3.02
CA LEU A 85 -4.84 2.46 -2.00
C LEU A 85 -6.10 3.26 -2.34
N PRO A 86 -6.75 3.83 -1.32
CA PRO A 86 -7.97 4.64 -1.51
C PRO A 86 -7.70 5.90 -2.30
N HIS A 87 -8.37 6.04 -3.45
CA HIS A 87 -8.19 7.20 -4.29
C HIS A 87 -8.89 8.43 -3.70
N CYS A 88 -10.18 8.27 -3.41
CA CYS A 88 -10.96 9.36 -2.84
C CYS A 88 -12.41 8.93 -2.62
N ASP A 89 -13.10 9.63 -1.72
CA ASP A 89 -14.50 9.32 -1.43
C ASP A 89 -15.36 9.41 -2.69
N PRO A 90 -16.66 9.12 -2.59
CA PRO A 90 -17.57 9.17 -3.73
C PRO A 90 -18.13 10.56 -3.98
N LYS A 91 -17.30 11.58 -3.75
CA LYS A 91 -17.71 12.96 -3.96
C LYS A 91 -16.99 13.57 -5.17
N THR A 92 -16.14 12.78 -5.83
CA THR A 92 -15.39 13.26 -6.99
C THR A 92 -15.65 12.42 -8.22
N TRP A 93 -16.70 11.63 -8.17
CA TRP A 93 -17.07 10.76 -9.29
C TRP A 93 -18.29 11.32 -10.03
N GLN A 94 -19.20 11.91 -9.27
CA GLN A 94 -20.41 12.48 -9.82
C GLN A 94 -20.25 13.96 -10.13
N ASN A 95 -19.02 14.37 -10.45
CA ASN A 95 -18.74 15.76 -10.77
C ASN A 95 -18.61 15.95 -12.28
N LYS A 96 -18.15 14.89 -12.96
CA LYS A 96 -17.99 14.92 -14.40
C LYS A 96 -18.15 13.52 -14.99
N CYS A 97 -17.87 13.39 -16.28
CA CYS A 97 -17.99 12.09 -16.95
C CYS A 97 -19.42 11.56 -16.85
N LEU A 98 -19.59 10.28 -17.15
CA LEU A 98 -20.90 9.65 -17.10
C LEU A 98 -21.19 9.08 -15.71
N PRO A 99 -22.30 9.48 -15.08
CA PRO A 99 -22.67 9.00 -13.74
C PRO A 99 -23.07 7.53 -13.76
N GLY A 100 -23.50 7.05 -14.92
CA GLY A 100 -23.91 5.66 -15.04
C GLY A 100 -22.89 4.80 -15.77
N ASP A 101 -21.75 5.38 -16.13
CA ASP A 101 -20.71 4.65 -16.84
C ASP A 101 -20.23 3.47 -15.99
N PRO A 102 -19.98 2.30 -16.62
CA PRO A 102 -19.52 1.11 -15.91
C PRO A 102 -18.05 1.20 -15.51
N ASN A 103 -17.39 2.28 -15.91
CA ASN A 103 -15.97 2.48 -15.60
C ASN A 103 -15.79 3.59 -14.57
N TYR A 104 -16.87 3.94 -13.88
CA TYR A 104 -16.84 5.00 -12.88
C TYR A 104 -16.26 4.51 -11.53
N LEU A 105 -17.10 4.47 -10.49
CA LEU A 105 -16.66 4.04 -9.16
C LEU A 105 -15.85 2.73 -9.19
N VAL A 106 -15.98 1.97 -10.28
CA VAL A 106 -15.26 0.71 -10.43
C VAL A 106 -13.76 0.92 -10.57
N GLY A 107 -13.21 1.91 -9.87
CA GLY A 107 -11.79 2.20 -9.95
C GLY A 107 -11.38 3.28 -8.96
N ALA A 108 -12.25 4.26 -8.76
CA ALA A 108 -11.98 5.36 -7.83
C ALA A 108 -11.79 4.83 -6.42
N ASN A 109 -12.41 3.69 -6.12
CA ASN A 109 -12.30 3.09 -4.79
C ASN A 109 -10.84 2.90 -4.39
N CYS A 110 -10.15 2.01 -5.10
CA CYS A 110 -8.74 1.74 -4.82
C CYS A 110 -7.90 1.87 -6.08
N VAL A 111 -6.68 2.40 -5.92
CA VAL A 111 -5.78 2.58 -7.05
C VAL A 111 -4.78 1.44 -7.14
N SER A 112 -4.98 0.52 -8.07
CA SER A 112 -4.08 -0.60 -8.24
C SER A 112 -2.81 -0.13 -8.96
N VAL A 113 -1.74 -0.01 -8.19
CA VAL A 113 -0.47 0.44 -8.74
C VAL A 113 0.59 -0.65 -8.63
N LEU A 114 1.23 -0.97 -9.75
CA LEU A 114 2.24 -2.02 -9.77
C LEU A 114 3.59 -1.47 -9.30
N ILE A 115 4.27 -2.25 -8.47
CA ILE A 115 5.57 -1.87 -7.94
C ILE A 115 6.58 -2.98 -8.12
N ASP A 116 7.67 -2.66 -8.83
CA ASP A 116 8.73 -3.62 -9.06
C ASP A 116 10.07 -3.04 -8.63
N HIS A 117 10.01 -2.10 -7.69
CA HIS A 117 11.21 -1.45 -7.18
C HIS A 117 10.86 -0.36 -6.18
N PHE A 118 11.22 -0.59 -4.92
CA PHE A 118 10.93 0.38 -3.86
C PHE A 118 12.12 1.32 -3.66
N THR A 1 -4.65 10.70 17.26
CA THR A 1 -5.95 10.01 17.13
C THR A 1 -5.76 8.53 16.81
N VAL A 2 -5.19 8.25 15.64
CA VAL A 2 -4.96 6.87 15.21
C VAL A 2 -4.12 6.83 13.94
N VAL A 3 -3.34 5.76 13.77
CA VAL A 3 -2.49 5.61 12.60
C VAL A 3 -2.45 4.16 12.14
N ALA A 4 -2.43 3.95 10.83
CA ALA A 4 -2.39 2.61 10.26
C ALA A 4 -0.95 2.19 9.96
N THR A 5 -0.55 1.05 10.52
CA THR A 5 0.80 0.55 10.32
C THR A 5 0.80 -0.97 10.14
N ALA A 6 1.69 -1.46 9.28
CA ALA A 6 1.79 -2.89 9.02
C ALA A 6 3.22 -3.27 8.61
N ARG A 7 3.87 -4.04 9.47
CA ARG A 7 5.24 -4.47 9.21
C ARG A 7 5.35 -5.99 9.29
N GLY A 8 5.95 -6.59 8.26
CA GLY A 8 6.12 -8.03 8.24
C GLY A 8 7.03 -8.49 7.11
N ILE A 9 7.80 -9.54 7.37
CA ILE A 9 8.71 -10.08 6.37
C ILE A 9 8.00 -11.03 5.42
N PHE A 10 8.32 -10.94 4.13
CA PHE A 10 7.70 -11.78 3.13
C PHE A 10 8.74 -12.67 2.46
N ASN A 11 8.26 -13.74 1.82
CA ASN A 11 9.15 -14.68 1.13
C ASN A 11 8.59 -15.03 -0.25
N SER A 12 9.40 -15.74 -1.04
CA SER A 12 8.99 -16.14 -2.39
C SER A 12 7.60 -16.79 -2.37
N ASN A 13 7.24 -17.39 -1.24
CA ASN A 13 5.94 -18.04 -1.11
C ASN A 13 4.80 -17.07 -1.41
N GLY A 14 5.01 -15.80 -1.08
CA GLY A 14 3.98 -14.80 -1.33
C GLY A 14 3.29 -14.34 -0.06
N GLY A 15 2.44 -13.33 -0.19
CA GLY A 15 1.72 -12.81 0.96
C GLY A 15 1.30 -11.37 0.75
N VAL A 16 0.29 -10.93 1.50
CA VAL A 16 -0.20 -9.56 1.38
C VAL A 16 0.05 -8.76 2.65
N LEU A 17 0.19 -7.46 2.48
CA LEU A 17 0.41 -6.55 3.59
C LEU A 17 -0.68 -5.47 3.58
N SER A 18 -1.68 -5.64 4.42
CA SER A 18 -2.79 -4.68 4.48
C SER A 18 -2.98 -4.13 5.88
N SER A 19 -3.30 -2.84 5.95
CA SER A 19 -3.54 -2.17 7.23
C SER A 19 -5.00 -1.78 7.36
N ILE A 20 -5.77 -2.62 8.05
CA ILE A 20 -7.19 -2.36 8.25
C ILE A 20 -7.44 -0.96 8.81
N GLU A 21 -6.46 -0.43 9.53
CA GLU A 21 -6.59 0.90 10.12
C GLU A 21 -6.96 1.95 9.08
N THR A 22 -6.59 1.69 7.82
CA THR A 22 -6.89 2.64 6.74
C THR A 22 -7.50 1.92 5.54
N GLY A 23 -6.81 0.89 5.07
CA GLY A 23 -7.29 0.14 3.92
C GLY A 23 -6.19 -0.24 2.94
N VAL A 24 -5.22 0.65 2.78
CA VAL A 24 -4.10 0.39 1.86
C VAL A 24 -3.49 -0.99 2.11
N SER A 25 -3.10 -1.66 1.03
CA SER A 25 -2.52 -2.99 1.14
C SER A 25 -1.51 -3.26 0.03
N ILE A 26 -0.80 -4.37 0.13
CA ILE A 26 0.19 -4.76 -0.87
C ILE A 26 0.22 -6.27 -1.05
N ILE A 27 -0.18 -6.74 -2.23
CA ILE A 27 -0.19 -8.16 -2.51
C ILE A 27 1.11 -8.60 -3.16
N ILE A 28 1.83 -9.50 -2.51
CA ILE A 28 3.09 -10.01 -3.03
C ILE A 28 2.94 -11.44 -3.54
N PRO A 29 2.60 -11.60 -4.83
CA PRO A 29 2.42 -12.93 -5.44
C PRO A 29 3.70 -13.74 -5.45
N GLN A 30 3.57 -15.06 -5.58
CA GLN A 30 4.72 -15.95 -5.60
C GLN A 30 5.66 -15.59 -6.74
N GLY A 31 6.80 -15.00 -6.40
CA GLY A 31 7.77 -14.61 -7.42
C GLY A 31 8.36 -13.23 -7.19
N ALA A 32 7.80 -12.49 -6.23
CA ALA A 32 8.29 -11.15 -5.93
C ALA A 32 9.59 -11.19 -5.13
N ILE A 33 9.83 -12.31 -4.43
CA ILE A 33 11.04 -12.47 -3.65
C ILE A 33 11.70 -13.81 -3.94
N PRO A 34 13.04 -13.85 -4.01
CA PRO A 34 13.78 -15.09 -4.29
C PRO A 34 13.52 -16.16 -3.23
N GLU A 35 13.71 -17.42 -3.63
CA GLU A 35 13.50 -18.55 -2.72
C GLU A 35 14.55 -18.56 -1.61
N GLY A 36 14.18 -19.12 -0.47
CA GLY A 36 15.11 -19.18 0.65
C GLY A 36 15.52 -17.82 1.14
N VAL A 37 14.70 -16.81 0.86
CA VAL A 37 14.99 -15.44 1.28
C VAL A 37 13.81 -14.83 2.02
N GLU A 38 14.08 -13.78 2.78
CA GLU A 38 13.06 -13.08 3.53
C GLU A 38 13.23 -11.58 3.38
N GLN A 39 12.27 -10.92 2.73
CA GLN A 39 12.33 -9.49 2.51
C GLN A 39 11.43 -8.75 3.51
N GLU A 40 12.05 -8.03 4.44
CA GLU A 40 11.33 -7.27 5.44
C GLU A 40 10.61 -6.07 4.82
N ILE A 41 9.28 -6.11 4.83
CA ILE A 41 8.48 -5.02 4.27
C ILE A 41 7.50 -4.48 5.30
N TYR A 42 7.41 -3.16 5.36
CA TYR A 42 6.50 -2.50 6.30
C TYR A 42 6.14 -1.10 5.79
N PHE A 43 4.97 -0.62 6.19
CA PHE A 43 4.51 0.71 5.76
C PHE A 43 3.49 1.28 6.73
N LYS A 44 3.27 2.59 6.64
CA LYS A 44 2.31 3.27 7.50
C LYS A 44 1.38 4.15 6.68
N VAL A 45 0.08 3.95 6.87
CA VAL A 45 -0.92 4.72 6.15
C VAL A 45 -1.72 5.61 7.10
N CYS A 46 -1.92 6.86 6.72
CA CYS A 46 -2.67 7.80 7.54
C CYS A 46 -3.18 8.97 6.71
N ARG A 47 -4.33 9.52 7.10
CA ARG A 47 -4.92 10.64 6.39
C ARG A 47 -4.11 11.91 6.62
N ASP A 48 -3.37 11.95 7.73
CA ASP A 48 -2.54 13.10 8.06
C ASP A 48 -1.14 12.66 8.47
N ASN A 49 -0.13 13.41 8.03
CA ASN A 49 1.26 13.07 8.36
C ASN A 49 1.70 13.77 9.64
N SER A 50 1.14 14.95 9.91
CA SER A 50 1.49 15.70 11.10
C SER A 50 0.95 15.05 12.36
N ILE A 51 -0.14 14.30 12.22
CA ILE A 51 -0.75 13.61 13.35
C ILE A 51 0.18 12.54 13.92
N LEU A 52 1.23 12.19 13.17
CA LEU A 52 2.17 11.17 13.61
C LEU A 52 3.24 10.91 12.54
N PRO A 53 4.52 11.20 12.85
CA PRO A 53 5.62 10.98 11.91
C PRO A 53 5.74 9.52 11.48
N PRO A 54 6.62 9.22 10.51
CA PRO A 54 6.82 7.86 10.01
C PRO A 54 7.53 6.98 11.03
N LEU A 55 7.61 5.68 10.73
CA LEU A 55 8.28 4.73 11.61
C LEU A 55 9.75 5.06 11.77
N ASP A 56 10.52 4.78 10.73
CA ASP A 56 11.95 5.06 10.75
C ASP A 56 12.39 5.81 9.48
N LYS A 57 12.34 7.14 9.55
CA LYS A 57 12.73 7.97 8.41
C LYS A 57 14.18 7.71 8.01
N GLU A 58 15.02 7.47 9.00
CA GLU A 58 16.43 7.21 8.75
C GLU A 58 16.61 5.97 7.87
N LYS A 59 15.74 4.98 8.08
CA LYS A 59 15.81 3.75 7.30
C LYS A 59 15.47 4.00 5.83
N GLY A 60 14.65 5.02 5.59
CA GLY A 60 14.26 5.35 4.24
C GLY A 60 12.85 4.90 3.91
N GLU A 61 11.96 5.86 3.73
CA GLU A 61 10.56 5.56 3.41
C GLU A 61 10.21 6.02 1.99
N THR A 62 9.49 5.17 1.27
CA THR A 62 9.08 5.50 -0.09
C THR A 62 7.63 5.96 -0.12
N LEU A 63 7.44 7.28 -0.16
CA LEU A 63 6.11 7.86 -0.19
C LEU A 63 5.49 7.73 -1.58
N LEU A 64 4.23 7.29 -1.63
CA LEU A 64 3.53 7.13 -2.90
C LEU A 64 2.20 7.88 -2.90
N SER A 65 1.33 7.55 -1.95
CA SER A 65 0.02 8.18 -1.83
C SER A 65 0.12 9.46 -1.00
N PRO A 66 -0.99 10.25 -0.89
CA PRO A 66 -1.02 11.47 -0.11
C PRO A 66 -0.14 11.39 1.13
N LEU A 67 -0.26 10.26 1.83
CA LEU A 67 0.55 10.03 3.02
C LEU A 67 0.67 8.54 3.29
N VAL A 68 1.64 7.92 2.63
CA VAL A 68 1.89 6.51 2.80
C VAL A 68 3.38 6.24 2.65
N ALA A 69 3.99 5.74 3.71
CA ALA A 69 5.41 5.47 3.69
C ALA A 69 5.71 3.97 3.68
N ALA A 70 6.14 3.48 2.52
CA ALA A 70 6.46 2.07 2.36
C ALA A 70 7.62 1.66 3.26
N GLY A 71 8.16 0.47 3.04
CA GLY A 71 9.28 -0.01 3.83
C GLY A 71 10.56 0.73 3.55
N PRO A 72 11.71 0.06 3.67
CA PRO A 72 13.02 0.68 3.41
C PRO A 72 13.16 1.15 1.97
N HIS A 73 13.53 2.41 1.80
CA HIS A 73 13.69 2.99 0.47
C HIS A 73 14.71 2.19 -0.35
N GLY A 74 14.23 1.50 -1.37
CA GLY A 74 15.11 0.71 -2.22
C GLY A 74 14.90 -0.78 -2.03
N LEU A 75 13.83 -1.32 -2.60
CA LEU A 75 13.54 -2.74 -2.51
C LEU A 75 13.00 -3.25 -3.84
N LYS A 76 13.91 -3.62 -4.73
CA LYS A 76 13.56 -4.11 -6.05
C LYS A 76 13.05 -5.56 -5.98
N PHE A 77 11.84 -5.77 -6.48
CA PHE A 77 11.25 -7.10 -6.49
C PHE A 77 11.43 -7.77 -7.85
N LEU A 78 11.14 -9.06 -7.91
CA LEU A 78 11.26 -9.81 -9.16
C LEU A 78 9.89 -10.10 -9.76
N LYS A 79 8.89 -9.39 -9.26
CA LYS A 79 7.52 -9.53 -9.73
C LYS A 79 6.69 -8.30 -9.35
N PRO A 80 5.86 -7.78 -10.28
CA PRO A 80 5.02 -6.61 -10.02
C PRO A 80 4.00 -6.85 -8.92
N VAL A 81 4.23 -6.24 -7.75
CA VAL A 81 3.33 -6.39 -6.63
C VAL A 81 2.12 -5.47 -6.78
N GLU A 82 0.96 -5.95 -6.33
CA GLU A 82 -0.27 -5.17 -6.43
C GLU A 82 -0.45 -4.27 -5.20
N LEU A 83 -0.43 -2.96 -5.42
CA LEU A 83 -0.59 -2.00 -4.34
C LEU A 83 -1.90 -1.22 -4.50
N ARG A 84 -2.68 -1.17 -3.43
CA ARG A 84 -3.96 -0.47 -3.45
C ARG A 84 -4.01 0.65 -2.40
N LEU A 85 -4.46 1.83 -2.81
CA LEU A 85 -4.57 2.97 -1.92
C LEU A 85 -5.85 3.75 -2.19
N PRO A 86 -6.79 3.77 -1.23
CA PRO A 86 -8.07 4.48 -1.38
C PRO A 86 -7.86 5.96 -1.66
N HIS A 87 -8.37 6.42 -2.81
CA HIS A 87 -8.25 7.82 -3.19
C HIS A 87 -8.87 8.74 -2.15
N CYS A 88 -9.77 8.19 -1.34
CA CYS A 88 -10.45 8.97 -0.30
C CYS A 88 -11.39 10.00 -0.91
N ASP A 89 -11.88 10.92 -0.07
CA ASP A 89 -12.80 11.95 -0.54
C ASP A 89 -14.09 11.33 -1.06
N PRO A 90 -15.01 10.95 -0.15
CA PRO A 90 -16.29 10.36 -0.52
C PRO A 90 -17.35 11.39 -0.88
N LYS A 91 -16.98 12.36 -1.70
CA LYS A 91 -17.89 13.41 -2.12
C LYS A 91 -18.29 13.26 -3.59
N THR A 92 -17.84 12.18 -4.23
CA THR A 92 -18.14 11.95 -5.64
C THR A 92 -18.84 10.61 -5.85
N TRP A 93 -19.35 10.05 -4.77
CA TRP A 93 -20.04 8.76 -4.83
C TRP A 93 -21.52 8.93 -4.48
N GLN A 94 -21.80 9.81 -3.53
CA GLN A 94 -23.17 10.06 -3.10
C GLN A 94 -23.65 11.43 -3.57
N ASN A 95 -23.35 11.75 -4.83
CA ASN A 95 -23.75 13.03 -5.41
C ASN A 95 -24.15 12.86 -6.87
N LYS A 96 -23.31 12.15 -7.63
CA LYS A 96 -23.57 11.92 -9.05
C LYS A 96 -23.83 10.44 -9.32
N CYS A 97 -23.09 9.58 -8.63
CA CYS A 97 -23.23 8.14 -8.79
C CYS A 97 -24.35 7.60 -7.90
N LEU A 98 -24.65 6.32 -8.05
CA LEU A 98 -25.69 5.68 -7.26
C LEU A 98 -25.10 4.94 -6.06
N PRO A 99 -25.76 5.03 -4.89
CA PRO A 99 -25.29 4.37 -3.68
C PRO A 99 -25.48 2.85 -3.72
N GLY A 100 -26.33 2.39 -4.62
CA GLY A 100 -26.58 0.96 -4.74
C GLY A 100 -25.62 0.28 -5.69
N ASP A 101 -25.14 1.03 -6.69
CA ASP A 101 -24.20 0.48 -7.67
C ASP A 101 -22.83 0.25 -7.03
N PRO A 102 -22.16 -0.87 -7.38
CA PRO A 102 -20.83 -1.19 -6.86
C PRO A 102 -19.76 -0.22 -7.34
N ASN A 103 -19.99 0.39 -8.50
CA ASN A 103 -19.05 1.36 -9.05
C ASN A 103 -18.93 2.58 -8.13
N TYR A 104 -19.89 2.72 -7.23
CA TYR A 104 -19.92 3.83 -6.28
C TYR A 104 -18.66 3.89 -5.43
N LEU A 105 -17.92 2.77 -5.36
CA LEU A 105 -16.70 2.70 -4.56
C LEU A 105 -15.74 1.63 -5.04
N VAL A 106 -16.26 0.58 -5.69
CA VAL A 106 -15.41 -0.51 -6.17
C VAL A 106 -14.47 -0.08 -7.30
N GLY A 107 -13.95 1.14 -7.24
CA GLY A 107 -13.05 1.62 -8.26
C GLY A 107 -13.01 3.13 -8.34
N ALA A 108 -14.11 3.77 -7.94
CA ALA A 108 -14.19 5.22 -7.97
C ALA A 108 -13.14 5.86 -7.06
N ASN A 109 -12.81 5.17 -5.97
CA ASN A 109 -11.83 5.65 -5.02
C ASN A 109 -10.75 4.60 -4.77
N CYS A 110 -10.32 3.92 -5.83
CA CYS A 110 -9.29 2.89 -5.72
C CYS A 110 -8.27 3.01 -6.85
N VAL A 111 -7.01 3.17 -6.48
CA VAL A 111 -5.95 3.30 -7.46
C VAL A 111 -5.11 2.03 -7.55
N SER A 112 -5.21 1.32 -8.67
CA SER A 112 -4.44 0.11 -8.86
C SER A 112 -3.03 0.45 -9.35
N VAL A 113 -2.06 0.34 -8.46
CA VAL A 113 -0.68 0.65 -8.79
C VAL A 113 0.23 -0.54 -8.52
N LEU A 114 0.99 -0.93 -9.54
CA LEU A 114 1.90 -2.07 -9.42
C LEU A 114 3.32 -1.59 -9.17
N ILE A 115 3.89 -2.03 -8.05
CA ILE A 115 5.25 -1.65 -7.68
C ILE A 115 6.19 -2.84 -7.75
N ASP A 116 7.21 -2.73 -8.59
CA ASP A 116 8.20 -3.80 -8.72
C ASP A 116 9.58 -3.27 -8.37
N HIS A 117 9.61 -2.12 -7.72
CA HIS A 117 10.86 -1.49 -7.31
C HIS A 117 10.60 -0.43 -6.24
N PHE A 118 11.28 -0.55 -5.11
CA PHE A 118 11.12 0.40 -4.02
C PHE A 118 12.33 1.32 -3.90
N THR A 1 -6.26 11.24 13.67
CA THR A 1 -6.46 10.32 14.82
C THR A 1 -5.73 8.99 14.60
N VAL A 2 -4.70 8.76 15.41
CA VAL A 2 -3.89 7.53 15.33
C VAL A 2 -3.38 7.29 13.91
N VAL A 3 -2.36 6.44 13.79
CA VAL A 3 -1.77 6.11 12.50
C VAL A 3 -1.85 4.61 12.22
N ALA A 4 -2.18 4.28 10.98
CA ALA A 4 -2.27 2.89 10.57
C ALA A 4 -0.95 2.43 9.97
N THR A 5 -0.31 1.45 10.61
CA THR A 5 0.96 0.94 10.12
C THR A 5 0.96 -0.58 10.10
N ALA A 6 1.62 -1.15 9.09
CA ALA A 6 1.71 -2.59 8.95
C ALA A 6 3.13 -3.04 8.65
N ARG A 7 3.68 -3.88 9.52
CA ARG A 7 5.04 -4.37 9.35
C ARG A 7 5.05 -5.90 9.28
N GLY A 8 5.75 -6.45 8.29
CA GLY A 8 5.81 -7.89 8.15
C GLY A 8 6.83 -8.33 7.12
N ILE A 9 7.29 -9.58 7.25
CA ILE A 9 8.26 -10.14 6.32
C ILE A 9 7.56 -10.92 5.22
N PHE A 10 8.19 -10.98 4.04
CA PHE A 10 7.62 -11.70 2.92
C PHE A 10 8.61 -12.68 2.31
N ASN A 11 8.09 -13.81 1.85
CA ASN A 11 8.94 -14.84 1.25
C ASN A 11 8.39 -15.25 -0.12
N SER A 12 9.14 -16.07 -0.84
CA SER A 12 8.73 -16.54 -2.16
C SER A 12 7.29 -17.03 -2.15
N ASN A 13 6.85 -17.53 -0.98
CA ASN A 13 5.50 -18.05 -0.84
C ASN A 13 4.46 -17.01 -1.27
N GLY A 14 4.73 -15.75 -0.94
CA GLY A 14 3.81 -14.68 -1.30
C GLY A 14 2.82 -14.38 -0.21
N GLY A 15 2.03 -13.32 -0.41
CA GLY A 15 1.04 -12.93 0.57
C GLY A 15 0.56 -11.51 0.36
N VAL A 16 0.07 -10.88 1.42
CA VAL A 16 -0.41 -9.50 1.33
C VAL A 16 -0.15 -8.73 2.62
N LEU A 17 0.04 -7.43 2.48
CA LEU A 17 0.27 -6.55 3.61
C LEU A 17 -0.78 -5.44 3.60
N SER A 18 -1.81 -5.59 4.44
CA SER A 18 -2.88 -4.61 4.50
C SER A 18 -3.14 -4.13 5.92
N SER A 19 -3.56 -2.87 6.03
CA SER A 19 -3.87 -2.28 7.33
C SER A 19 -5.35 -1.92 7.39
N ILE A 20 -6.14 -2.81 7.99
CA ILE A 20 -7.58 -2.61 8.11
C ILE A 20 -7.90 -1.23 8.68
N GLU A 21 -6.99 -0.67 9.45
CA GLU A 21 -7.19 0.64 10.05
C GLU A 21 -7.29 1.73 8.98
N THR A 22 -6.48 1.60 7.93
CA THR A 22 -6.48 2.58 6.85
C THR A 22 -7.18 2.02 5.61
N GLY A 23 -6.74 0.85 5.17
CA GLY A 23 -7.33 0.23 3.99
C GLY A 23 -6.30 -0.16 2.96
N VAL A 24 -5.21 0.60 2.90
CA VAL A 24 -4.13 0.31 1.94
C VAL A 24 -3.62 -1.11 2.11
N SER A 25 -3.29 -1.76 0.99
CA SER A 25 -2.79 -3.13 1.03
C SER A 25 -1.76 -3.37 -0.07
N ILE A 26 -0.87 -4.33 0.17
CA ILE A 26 0.16 -4.68 -0.80
C ILE A 26 0.22 -6.19 -1.01
N ILE A 27 -0.13 -6.64 -2.20
CA ILE A 27 -0.11 -8.07 -2.51
C ILE A 27 1.21 -8.48 -3.14
N ILE A 28 1.74 -9.60 -2.69
CA ILE A 28 3.01 -10.11 -3.20
C ILE A 28 2.87 -11.57 -3.62
N PRO A 29 2.45 -11.83 -4.87
CA PRO A 29 2.27 -13.18 -5.40
C PRO A 29 3.59 -13.94 -5.52
N GLN A 30 3.50 -15.26 -5.62
CA GLN A 30 4.69 -16.10 -5.76
C GLN A 30 5.55 -15.66 -6.94
N GLY A 31 6.69 -15.04 -6.63
CA GLY A 31 7.58 -14.58 -7.68
C GLY A 31 8.20 -13.23 -7.38
N ALA A 32 7.69 -12.55 -6.35
CA ALA A 32 8.21 -11.24 -5.97
C ALA A 32 9.41 -11.38 -5.03
N ILE A 33 9.38 -12.40 -4.19
CA ILE A 33 10.47 -12.65 -3.25
C ILE A 33 11.39 -13.77 -3.75
N PRO A 34 12.71 -13.56 -3.72
CA PRO A 34 13.67 -14.57 -4.18
C PRO A 34 13.65 -15.81 -3.29
N GLU A 35 13.86 -16.97 -3.91
CA GLU A 35 13.86 -18.23 -3.19
C GLU A 35 14.91 -18.24 -2.08
N GLY A 36 14.56 -18.84 -0.94
CA GLY A 36 15.48 -18.90 0.18
C GLY A 36 15.84 -17.53 0.73
N VAL A 37 14.92 -16.58 0.57
CA VAL A 37 15.14 -15.23 1.07
C VAL A 37 13.95 -14.70 1.85
N GLU A 38 14.20 -13.69 2.68
CA GLU A 38 13.16 -13.08 3.48
C GLU A 38 13.19 -11.56 3.31
N GLN A 39 12.14 -11.02 2.72
CA GLN A 39 12.07 -9.59 2.48
C GLN A 39 11.18 -8.89 3.51
N GLU A 40 11.81 -8.13 4.40
CA GLU A 40 11.08 -7.41 5.43
C GLU A 40 10.39 -6.20 4.83
N ILE A 41 9.06 -6.18 4.87
CA ILE A 41 8.30 -5.06 4.30
C ILE A 41 7.35 -4.47 5.34
N TYR A 42 7.34 -3.15 5.41
CA TYR A 42 6.49 -2.42 6.33
C TYR A 42 6.12 -1.06 5.76
N PHE A 43 5.00 -0.51 6.19
CA PHE A 43 4.59 0.80 5.69
C PHE A 43 3.62 1.49 6.65
N LYS A 44 3.50 2.80 6.51
CA LYS A 44 2.62 3.58 7.36
C LYS A 44 1.56 4.31 6.52
N VAL A 45 0.41 4.56 7.14
CA VAL A 45 -0.70 5.23 6.47
C VAL A 45 -1.62 5.88 7.50
N CYS A 46 -2.15 7.05 7.17
CA CYS A 46 -3.05 7.77 8.08
C CYS A 46 -3.65 9.00 7.41
N ARG A 47 -4.87 9.34 7.82
CA ARG A 47 -5.55 10.50 7.27
C ARG A 47 -4.89 11.80 7.74
N ASP A 48 -4.45 11.81 8.99
CA ASP A 48 -3.79 12.97 9.56
C ASP A 48 -2.28 12.81 9.53
N ASN A 49 -1.61 13.61 8.70
CA ASN A 49 -0.17 13.55 8.56
C ASN A 49 0.53 14.38 9.63
N SER A 50 -0.24 15.17 10.38
CA SER A 50 0.34 16.01 11.43
C SER A 50 0.77 15.17 12.62
N ILE A 51 -0.09 14.23 13.01
CA ILE A 51 0.22 13.34 14.12
C ILE A 51 1.20 12.26 13.70
N LEU A 52 1.60 12.29 12.43
CA LEU A 52 2.54 11.30 11.88
C LEU A 52 3.74 11.09 12.80
N PRO A 53 3.78 9.97 13.55
CA PRO A 53 4.88 9.65 14.45
C PRO A 53 6.03 8.96 13.73
N PRO A 54 7.28 9.20 14.18
CA PRO A 54 8.47 8.59 13.57
C PRO A 54 8.38 7.07 13.53
N LEU A 55 8.49 6.50 12.33
CA LEU A 55 8.41 5.05 12.16
C LEU A 55 9.77 4.49 11.75
N ASP A 56 10.36 5.09 10.72
CA ASP A 56 11.66 4.65 10.22
C ASP A 56 12.12 5.54 9.07
N LYS A 57 12.44 6.79 9.37
CA LYS A 57 12.89 7.74 8.36
C LYS A 57 14.32 7.42 7.91
N GLU A 58 15.21 7.24 8.87
CA GLU A 58 16.60 6.93 8.57
C GLU A 58 16.72 5.67 7.72
N LYS A 59 15.82 4.72 7.97
CA LYS A 59 15.82 3.46 7.23
C LYS A 59 15.47 3.68 5.76
N GLY A 60 14.74 4.77 5.49
CA GLY A 60 14.35 5.07 4.13
C GLY A 60 12.88 4.82 3.89
N GLU A 61 12.12 5.89 3.67
CA GLU A 61 10.69 5.79 3.43
C GLU A 61 10.33 6.24 2.02
N THR A 62 9.66 5.35 1.28
CA THR A 62 9.25 5.67 -0.09
C THR A 62 7.76 6.02 -0.13
N LEU A 63 7.46 7.28 -0.42
CA LEU A 63 6.09 7.74 -0.49
C LEU A 63 5.41 7.31 -1.78
N LEU A 64 4.13 6.95 -1.69
CA LEU A 64 3.37 6.51 -2.86
C LEU A 64 2.08 7.31 -3.01
N SER A 65 1.25 7.28 -1.98
CA SER A 65 -0.02 7.99 -1.98
C SER A 65 0.09 9.27 -1.13
N PRO A 66 -1.03 9.99 -0.90
CA PRO A 66 -1.01 11.22 -0.09
C PRO A 66 -0.09 11.09 1.12
N LEU A 67 -0.38 10.11 1.96
CA LEU A 67 0.45 9.85 3.13
C LEU A 67 0.66 8.36 3.32
N VAL A 68 1.65 7.82 2.62
CA VAL A 68 1.96 6.41 2.71
C VAL A 68 3.46 6.22 2.54
N ALA A 69 4.10 5.68 3.57
CA ALA A 69 5.54 5.46 3.52
C ALA A 69 5.87 3.98 3.49
N ALA A 70 6.29 3.49 2.33
CA ALA A 70 6.66 2.08 2.17
C ALA A 70 7.79 1.70 3.12
N GLY A 71 8.25 0.45 3.01
CA GLY A 71 9.30 -0.02 3.87
C GLY A 71 10.62 0.70 3.62
N PRO A 72 11.77 0.00 3.71
CA PRO A 72 13.08 0.61 3.48
C PRO A 72 13.24 1.13 2.07
N HIS A 73 13.71 2.36 1.94
CA HIS A 73 13.92 2.98 0.63
C HIS A 73 14.84 2.13 -0.23
N GLY A 74 14.29 1.53 -1.27
CA GLY A 74 15.07 0.70 -2.16
C GLY A 74 14.81 -0.78 -1.97
N LEU A 75 13.71 -1.26 -2.56
CA LEU A 75 13.35 -2.67 -2.45
C LEU A 75 12.76 -3.16 -3.77
N LYS A 76 13.63 -3.56 -4.69
CA LYS A 76 13.21 -4.05 -6.00
C LYS A 76 12.87 -5.53 -5.94
N PHE A 77 11.63 -5.86 -6.31
CA PHE A 77 11.18 -7.24 -6.31
C PHE A 77 11.38 -7.88 -7.69
N LEU A 78 11.19 -9.18 -7.76
CA LEU A 78 11.34 -9.90 -9.02
C LEU A 78 9.99 -10.14 -9.69
N LYS A 79 9.01 -9.35 -9.26
CA LYS A 79 7.66 -9.44 -9.80
C LYS A 79 6.84 -8.21 -9.40
N PRO A 80 6.07 -7.63 -10.34
CA PRO A 80 5.26 -6.44 -10.07
C PRO A 80 4.28 -6.67 -8.91
N VAL A 81 4.60 -6.10 -7.75
CA VAL A 81 3.75 -6.23 -6.58
C VAL A 81 2.53 -5.32 -6.67
N GLU A 82 1.38 -5.82 -6.26
CA GLU A 82 0.15 -5.03 -6.32
C GLU A 82 0.00 -4.15 -5.08
N LEU A 83 -0.24 -2.86 -5.32
CA LEU A 83 -0.41 -1.90 -4.23
C LEU A 83 -1.74 -1.18 -4.37
N ARG A 84 -2.61 -1.34 -3.38
CA ARG A 84 -3.92 -0.70 -3.39
C ARG A 84 -3.97 0.48 -2.43
N LEU A 85 -4.51 1.59 -2.89
CA LEU A 85 -4.62 2.80 -2.06
C LEU A 85 -6.03 3.39 -2.12
N PRO A 86 -6.70 3.52 -0.96
CA PRO A 86 -8.06 4.08 -0.91
C PRO A 86 -8.07 5.59 -1.10
N HIS A 87 -8.77 6.05 -2.13
CA HIS A 87 -8.86 7.47 -2.42
C HIS A 87 -9.77 8.18 -1.41
N CYS A 88 -10.73 7.44 -0.87
CA CYS A 88 -11.66 8.00 0.10
C CYS A 88 -12.52 9.09 -0.53
N ASP A 89 -13.19 8.74 -1.62
CA ASP A 89 -14.05 9.68 -2.32
C ASP A 89 -15.43 9.06 -2.59
N PRO A 90 -16.40 9.27 -1.67
CA PRO A 90 -17.74 8.73 -1.80
C PRO A 90 -18.65 9.59 -2.69
N LYS A 91 -18.10 10.09 -3.78
CA LYS A 91 -18.86 10.93 -4.71
C LYS A 91 -19.16 10.20 -6.02
N THR A 92 -18.68 8.96 -6.14
CA THR A 92 -18.89 8.18 -7.36
C THR A 92 -19.57 6.86 -7.07
N TRP A 93 -20.16 6.74 -5.89
CA TRP A 93 -20.85 5.52 -5.50
C TRP A 93 -22.36 5.74 -5.42
N GLN A 94 -22.75 6.91 -4.94
CA GLN A 94 -24.15 7.26 -4.80
C GLN A 94 -24.64 8.06 -6.00
N ASN A 95 -25.94 7.95 -6.28
CA ASN A 95 -26.54 8.66 -7.41
C ASN A 95 -25.96 8.16 -8.73
N LYS A 96 -25.58 6.88 -8.77
CA LYS A 96 -25.01 6.29 -9.97
C LYS A 96 -25.22 4.79 -9.99
N CYS A 97 -24.93 4.13 -8.87
CA CYS A 97 -25.09 2.68 -8.76
C CYS A 97 -25.89 2.31 -7.51
N LEU A 98 -25.95 1.02 -7.23
CA LEU A 98 -26.69 0.53 -6.06
C LEU A 98 -25.80 0.55 -4.82
N PRO A 99 -26.38 0.93 -3.66
CA PRO A 99 -25.66 1.00 -2.39
C PRO A 99 -25.41 -0.38 -1.78
N GLY A 100 -25.91 -1.42 -2.43
CA GLY A 100 -25.73 -2.77 -1.92
C GLY A 100 -24.63 -3.53 -2.64
N ASP A 101 -24.48 -3.27 -3.94
CA ASP A 101 -23.47 -3.94 -4.74
C ASP A 101 -22.07 -3.63 -4.21
N PRO A 102 -21.29 -4.68 -3.87
CA PRO A 102 -19.93 -4.50 -3.36
C PRO A 102 -19.07 -3.66 -4.29
N ASN A 103 -19.34 -3.74 -5.58
CA ASN A 103 -18.61 -2.98 -6.57
C ASN A 103 -18.77 -1.47 -6.34
N TYR A 104 -19.80 -1.12 -5.57
CA TYR A 104 -20.07 0.28 -5.24
C TYR A 104 -18.87 0.97 -4.59
N LEU A 105 -17.93 0.18 -4.08
CA LEU A 105 -16.75 0.72 -3.40
C LEU A 105 -15.60 -0.28 -3.38
N VAL A 106 -15.92 -1.57 -3.34
CA VAL A 106 -14.89 -2.62 -3.29
C VAL A 106 -14.07 -2.72 -4.59
N GLY A 107 -13.78 -1.58 -5.22
CA GLY A 107 -13.01 -1.59 -6.45
C GLY A 107 -12.81 -0.20 -7.04
N ALA A 108 -13.90 0.56 -7.13
CA ALA A 108 -13.85 1.91 -7.68
C ALA A 108 -13.07 2.85 -6.77
N ASN A 109 -13.08 2.56 -5.46
CA ASN A 109 -12.38 3.39 -4.49
C ASN A 109 -11.01 2.80 -4.15
N CYS A 110 -10.21 2.53 -5.18
CA CYS A 110 -8.89 1.97 -4.98
C CYS A 110 -8.02 2.16 -6.24
N VAL A 111 -6.77 2.57 -6.02
CA VAL A 111 -5.84 2.78 -7.13
C VAL A 111 -4.90 1.59 -7.31
N SER A 112 -5.01 0.93 -8.45
CA SER A 112 -4.15 -0.22 -8.73
C SER A 112 -2.80 0.24 -9.24
N VAL A 113 -1.79 0.16 -8.38
CA VAL A 113 -0.44 0.57 -8.75
C VAL A 113 0.57 -0.56 -8.49
N LEU A 114 1.28 -0.95 -9.54
CA LEU A 114 2.27 -2.02 -9.41
C LEU A 114 3.65 -1.45 -9.11
N ILE A 115 4.31 -2.04 -8.12
CA ILE A 115 5.65 -1.59 -7.73
C ILE A 115 6.69 -2.68 -8.00
N ASP A 116 7.63 -2.36 -8.88
CA ASP A 116 8.70 -3.29 -9.22
C ASP A 116 10.05 -2.67 -8.91
N HIS A 117 10.06 -1.76 -7.94
CA HIS A 117 11.28 -1.08 -7.54
C HIS A 117 10.99 -0.05 -6.45
N PHE A 118 11.35 -0.37 -5.21
CA PHE A 118 11.14 0.54 -4.09
C PHE A 118 12.34 1.43 -3.87
N THR A 1 -6.66 11.18 12.44
CA THR A 1 -6.52 11.27 13.92
C THR A 1 -5.38 10.37 14.41
N VAL A 2 -5.36 9.14 13.92
CA VAL A 2 -4.33 8.18 14.30
C VAL A 2 -3.56 7.68 13.08
N VAL A 3 -2.41 7.06 13.32
CA VAL A 3 -1.59 6.54 12.22
C VAL A 3 -1.64 5.01 12.18
N ALA A 4 -2.01 4.47 11.03
CA ALA A 4 -2.09 3.04 10.85
C ALA A 4 -0.79 2.49 10.27
N THR A 5 -0.11 1.64 11.03
CA THR A 5 1.15 1.05 10.58
C THR A 5 1.04 -0.46 10.49
N ALA A 6 1.70 -1.03 9.48
CA ALA A 6 1.68 -2.47 9.29
C ALA A 6 3.06 -3.00 8.88
N ARG A 7 3.67 -3.77 9.78
CA ARG A 7 4.98 -4.33 9.51
C ARG A 7 4.88 -5.84 9.32
N GLY A 8 5.60 -6.37 8.34
CA GLY A 8 5.55 -7.80 8.09
C GLY A 8 6.60 -8.27 7.10
N ILE A 9 7.00 -9.53 7.21
CA ILE A 9 7.99 -10.10 6.31
C ILE A 9 7.32 -10.84 5.16
N PHE A 10 8.03 -10.94 4.05
CA PHE A 10 7.51 -11.62 2.86
C PHE A 10 8.42 -12.76 2.43
N ASN A 11 7.96 -13.54 1.47
CA ASN A 11 8.74 -14.67 0.97
C ASN A 11 8.34 -15.02 -0.46
N SER A 12 9.09 -15.91 -1.08
CA SER A 12 8.81 -16.34 -2.45
C SER A 12 7.41 -16.94 -2.55
N ASN A 13 6.90 -17.46 -1.43
CA ASN A 13 5.57 -18.06 -1.40
C ASN A 13 4.51 -17.06 -1.87
N GLY A 14 4.45 -15.93 -1.20
CA GLY A 14 3.48 -14.90 -1.55
C GLY A 14 2.53 -14.58 -0.42
N GLY A 15 2.34 -13.29 -0.17
CA GLY A 15 1.45 -12.86 0.89
C GLY A 15 0.94 -11.44 0.67
N VAL A 16 0.28 -10.88 1.69
CA VAL A 16 -0.23 -9.52 1.59
C VAL A 16 -0.03 -8.75 2.88
N LEU A 17 0.14 -7.45 2.75
CA LEU A 17 0.32 -6.56 3.89
C LEU A 17 -0.75 -5.47 3.85
N SER A 18 -1.80 -5.65 4.65
CA SER A 18 -2.90 -4.70 4.68
C SER A 18 -3.14 -4.16 6.09
N SER A 19 -3.44 -2.87 6.17
CA SER A 19 -3.71 -2.22 7.44
C SER A 19 -5.20 -1.92 7.58
N ILE A 20 -5.91 -2.80 8.27
CA ILE A 20 -7.35 -2.64 8.46
C ILE A 20 -7.70 -1.26 9.01
N GLU A 21 -6.75 -0.65 9.71
CA GLU A 21 -6.96 0.68 10.29
C GLU A 21 -7.19 1.72 9.20
N THR A 22 -6.43 1.63 8.11
CA THR A 22 -6.57 2.57 7.00
C THR A 22 -7.27 1.93 5.80
N GLY A 23 -6.76 0.79 5.37
CA GLY A 23 -7.36 0.09 4.23
C GLY A 23 -6.33 -0.28 3.18
N VAL A 24 -5.28 0.53 3.05
CA VAL A 24 -4.23 0.28 2.07
C VAL A 24 -3.63 -1.11 2.29
N SER A 25 -3.26 -1.77 1.20
CA SER A 25 -2.68 -3.11 1.28
C SER A 25 -1.63 -3.32 0.19
N ILE A 26 -0.77 -4.32 0.39
CA ILE A 26 0.28 -4.64 -0.57
C ILE A 26 0.40 -6.15 -0.75
N ILE A 27 0.07 -6.63 -1.95
CA ILE A 27 0.15 -8.05 -2.25
C ILE A 27 1.47 -8.40 -2.93
N ILE A 28 2.07 -9.50 -2.50
CA ILE A 28 3.33 -9.95 -3.07
C ILE A 28 3.12 -11.21 -3.91
N PRO A 29 2.92 -11.07 -5.23
CA PRO A 29 2.70 -12.20 -6.12
C PRO A 29 3.89 -13.14 -6.16
N GLN A 30 3.62 -14.44 -6.30
CA GLN A 30 4.67 -15.45 -6.33
C GLN A 30 5.72 -15.11 -7.38
N GLY A 31 6.88 -14.63 -6.91
CA GLY A 31 7.95 -14.28 -7.83
C GLY A 31 8.57 -12.92 -7.52
N ALA A 32 8.00 -12.21 -6.55
CA ALA A 32 8.52 -10.89 -6.18
C ALA A 32 9.80 -11.00 -5.37
N ILE A 33 9.94 -12.11 -4.64
CA ILE A 33 11.12 -12.34 -3.82
C ILE A 33 11.75 -13.69 -4.15
N PRO A 34 13.09 -13.77 -4.15
CA PRO A 34 13.80 -15.01 -4.47
C PRO A 34 13.46 -16.13 -3.49
N GLU A 35 13.62 -17.37 -3.94
CA GLU A 35 13.33 -18.53 -3.10
C GLU A 35 14.30 -18.62 -1.93
N GLY A 36 13.79 -19.02 -0.77
CA GLY A 36 14.62 -19.14 0.40
C GLY A 36 15.02 -17.80 0.98
N VAL A 37 14.24 -16.76 0.67
CA VAL A 37 14.51 -15.43 1.16
C VAL A 37 13.34 -14.88 1.96
N GLU A 38 13.62 -13.87 2.77
CA GLU A 38 12.59 -13.22 3.58
C GLU A 38 12.82 -11.72 3.60
N GLN A 39 11.88 -10.97 3.00
CA GLN A 39 12.01 -9.53 2.96
C GLN A 39 11.07 -8.85 3.96
N GLU A 40 11.65 -8.09 4.88
CA GLU A 40 10.87 -7.40 5.89
C GLU A 40 10.30 -6.10 5.33
N ILE A 41 8.98 -6.08 5.11
CA ILE A 41 8.32 -4.90 4.57
C ILE A 41 7.32 -4.32 5.57
N TYR A 42 7.31 -2.99 5.68
CA TYR A 42 6.40 -2.30 6.57
C TYR A 42 6.05 -0.93 6.00
N PHE A 43 4.92 -0.38 6.43
CA PHE A 43 4.49 0.92 5.94
C PHE A 43 3.49 1.57 6.88
N LYS A 44 3.36 2.89 6.76
CA LYS A 44 2.44 3.65 7.60
C LYS A 44 1.51 4.50 6.74
N VAL A 45 0.20 4.31 6.93
CA VAL A 45 -0.80 5.07 6.17
C VAL A 45 -1.57 6.00 7.09
N CYS A 46 -1.68 7.27 6.67
CA CYS A 46 -2.40 8.26 7.45
C CYS A 46 -3.00 9.35 6.56
N ARG A 47 -4.13 9.91 6.98
CA ARG A 47 -4.79 10.95 6.20
C ARG A 47 -4.04 12.27 6.34
N ASP A 48 -3.61 12.57 7.56
CA ASP A 48 -2.87 13.80 7.82
C ASP A 48 -1.37 13.53 7.91
N ASN A 49 -0.59 14.33 7.20
CA ASN A 49 0.86 14.17 7.20
C ASN A 49 1.52 15.00 8.30
N SER A 50 1.03 16.22 8.48
CA SER A 50 1.57 17.12 9.50
C SER A 50 0.99 16.82 10.87
N ILE A 51 -0.26 16.37 10.90
CA ILE A 51 -0.92 16.04 12.16
C ILE A 51 -0.41 14.72 12.73
N LEU A 52 0.47 14.04 11.98
CA LEU A 52 1.00 12.77 12.42
C LEU A 52 2.45 12.58 11.94
N PRO A 53 3.42 12.52 12.86
CA PRO A 53 4.83 12.36 12.50
C PRO A 53 5.08 11.06 11.73
N PRO A 54 6.19 11.00 10.96
CA PRO A 54 6.54 9.81 10.18
C PRO A 54 6.99 8.65 11.05
N LEU A 55 7.18 7.48 10.43
CA LEU A 55 7.62 6.30 11.15
C LEU A 55 9.12 6.36 11.44
N ASP A 56 9.90 6.57 10.40
CA ASP A 56 11.35 6.65 10.53
C ASP A 56 12.00 6.92 9.18
N LYS A 57 12.49 8.15 9.00
CA LYS A 57 13.14 8.54 7.75
C LYS A 57 14.52 7.89 7.63
N GLU A 58 15.21 7.77 8.77
CA GLU A 58 16.54 7.18 8.79
C GLU A 58 16.52 5.75 8.25
N LYS A 59 15.43 5.03 8.53
CA LYS A 59 15.28 3.66 8.07
C LYS A 59 15.05 3.61 6.56
N GLY A 60 14.42 4.66 6.03
CA GLY A 60 14.14 4.71 4.61
C GLY A 60 12.69 4.44 4.29
N GLU A 61 11.99 5.46 3.83
CA GLU A 61 10.57 5.32 3.49
C GLU A 61 10.29 5.83 2.08
N THR A 62 9.57 5.04 1.30
CA THR A 62 9.23 5.43 -0.07
C THR A 62 7.77 5.83 -0.17
N LEU A 63 7.52 7.13 -0.30
CA LEU A 63 6.16 7.65 -0.41
C LEU A 63 5.59 7.37 -1.80
N LEU A 64 4.34 6.90 -1.85
CA LEU A 64 3.67 6.60 -3.11
C LEU A 64 2.34 7.31 -3.22
N SER A 65 1.45 7.05 -2.27
CA SER A 65 0.12 7.67 -2.26
C SER A 65 0.17 9.04 -1.55
N PRO A 66 -1.00 9.71 -1.37
CA PRO A 66 -1.04 11.01 -0.69
C PRO A 66 -0.13 11.05 0.52
N LEU A 67 -0.24 10.02 1.36
CA LEU A 67 0.61 9.92 2.54
C LEU A 67 0.76 8.47 2.97
N VAL A 68 1.67 7.77 2.31
CA VAL A 68 1.94 6.39 2.63
C VAL A 68 3.42 6.12 2.49
N ALA A 69 4.06 5.74 3.59
CA ALA A 69 5.48 5.48 3.59
C ALA A 69 5.78 3.99 3.66
N ALA A 70 6.20 3.43 2.53
CA ALA A 70 6.52 2.01 2.44
C ALA A 70 7.64 1.63 3.42
N GLY A 71 8.19 0.44 3.23
CA GLY A 71 9.26 -0.02 4.10
C GLY A 71 10.61 0.57 3.73
N PRO A 72 11.70 -0.20 3.88
CA PRO A 72 13.04 0.27 3.54
C PRO A 72 13.11 0.92 2.16
N HIS A 73 13.53 2.18 2.12
CA HIS A 73 13.62 2.90 0.85
C HIS A 73 14.56 2.18 -0.12
N GLY A 74 13.99 1.64 -1.18
CA GLY A 74 14.77 0.93 -2.17
C GLY A 74 14.70 -0.57 -2.02
N LEU A 75 13.66 -1.17 -2.58
CA LEU A 75 13.48 -2.61 -2.51
C LEU A 75 13.03 -3.17 -3.86
N LYS A 76 14.01 -3.44 -4.72
CA LYS A 76 13.75 -3.96 -6.05
C LYS A 76 13.07 -5.33 -5.97
N PHE A 77 12.00 -5.51 -6.75
CA PHE A 77 11.26 -6.77 -6.76
C PHE A 77 11.42 -7.47 -8.10
N LEU A 78 11.49 -8.80 -8.08
CA LEU A 78 11.63 -9.58 -9.30
C LEU A 78 10.27 -9.93 -9.91
N LYS A 79 9.26 -9.20 -9.46
CA LYS A 79 7.89 -9.38 -9.94
C LYS A 79 7.03 -8.19 -9.56
N PRO A 80 6.19 -7.69 -10.49
CA PRO A 80 5.32 -6.54 -10.22
C PRO A 80 4.33 -6.80 -9.10
N VAL A 81 4.61 -6.26 -7.92
CA VAL A 81 3.74 -6.44 -6.77
C VAL A 81 2.48 -5.59 -6.92
N GLU A 82 1.44 -5.93 -6.17
CA GLU A 82 0.19 -5.18 -6.23
C GLU A 82 0.02 -4.28 -5.01
N LEU A 83 -0.28 -3.01 -5.26
CA LEU A 83 -0.49 -2.03 -4.20
C LEU A 83 -1.86 -1.38 -4.33
N ARG A 84 -2.70 -1.57 -3.32
CA ARG A 84 -4.04 -1.00 -3.33
C ARG A 84 -4.15 0.19 -2.37
N LEU A 85 -4.70 1.29 -2.86
CA LEU A 85 -4.85 2.49 -2.05
C LEU A 85 -6.30 3.00 -2.09
N PRO A 86 -7.00 3.00 -0.95
CA PRO A 86 -8.39 3.47 -0.88
C PRO A 86 -8.55 4.88 -1.43
N HIS A 87 -9.61 5.08 -2.22
CA HIS A 87 -9.87 6.39 -2.82
C HIS A 87 -10.08 7.44 -1.74
N CYS A 88 -10.39 7.01 -0.52
CA CYS A 88 -10.62 7.92 0.59
C CYS A 88 -11.89 8.74 0.38
N ASP A 89 -12.87 8.14 -0.30
CA ASP A 89 -14.14 8.81 -0.57
C ASP A 89 -15.30 7.83 -0.50
N PRO A 90 -15.73 7.46 0.72
CA PRO A 90 -16.83 6.51 0.93
C PRO A 90 -18.20 7.12 0.60
N LYS A 91 -18.34 7.65 -0.60
CA LYS A 91 -19.59 8.25 -1.04
C LYS A 91 -20.29 7.40 -2.10
N THR A 92 -19.58 6.43 -2.65
CA THR A 92 -20.14 5.56 -3.70
C THR A 92 -20.08 4.09 -3.32
N TRP A 93 -19.86 3.82 -2.05
CA TRP A 93 -19.77 2.44 -1.56
C TRP A 93 -21.02 2.07 -0.77
N GLN A 94 -21.55 3.04 -0.03
CA GLN A 94 -22.73 2.81 0.80
C GLN A 94 -23.97 3.43 0.16
N ASN A 95 -24.42 2.82 -0.93
CA ASN A 95 -25.60 3.31 -1.65
C ASN A 95 -26.70 2.26 -1.67
N LYS A 96 -26.31 0.99 -1.85
CA LYS A 96 -27.26 -0.11 -1.90
C LYS A 96 -26.60 -1.42 -1.47
N CYS A 97 -25.40 -1.66 -1.98
CA CYS A 97 -24.67 -2.88 -1.66
C CYS A 97 -24.52 -3.06 -0.15
N LEU A 98 -23.87 -4.15 0.25
CA LEU A 98 -23.67 -4.44 1.66
C LEU A 98 -22.27 -4.03 2.11
N PRO A 99 -22.16 -3.38 3.28
CA PRO A 99 -20.87 -2.94 3.81
C PRO A 99 -20.05 -4.09 4.41
N GLY A 100 -20.66 -5.28 4.46
CA GLY A 100 -19.97 -6.43 5.00
C GLY A 100 -19.13 -7.16 3.96
N ASP A 101 -19.67 -7.29 2.76
CA ASP A 101 -18.97 -7.97 1.68
C ASP A 101 -17.67 -7.24 1.35
N PRO A 102 -16.58 -7.99 1.10
CA PRO A 102 -15.27 -7.40 0.77
C PRO A 102 -15.29 -6.68 -0.58
N ASN A 103 -16.17 -7.12 -1.46
CA ASN A 103 -16.29 -6.51 -2.78
C ASN A 103 -16.80 -5.06 -2.66
N TYR A 104 -17.32 -4.73 -1.48
CA TYR A 104 -17.84 -3.40 -1.21
C TYR A 104 -16.78 -2.32 -1.44
N LEU A 105 -15.51 -2.71 -1.45
CA LEU A 105 -14.42 -1.75 -1.63
C LEU A 105 -13.16 -2.42 -2.20
N VAL A 106 -12.97 -3.71 -1.91
CA VAL A 106 -11.78 -4.42 -2.38
C VAL A 106 -11.75 -4.60 -3.90
N GLY A 107 -12.22 -3.59 -4.65
CA GLY A 107 -12.21 -3.67 -6.09
C GLY A 107 -12.73 -2.41 -6.75
N ALA A 108 -13.73 -1.79 -6.14
CA ALA A 108 -14.32 -0.57 -6.68
C ALA A 108 -13.53 0.66 -6.26
N ASN A 109 -13.40 0.85 -4.95
CA ASN A 109 -12.67 2.00 -4.40
C ASN A 109 -11.24 1.61 -4.06
N CYS A 110 -10.34 1.71 -5.02
CA CYS A 110 -8.94 1.37 -4.82
C CYS A 110 -8.12 1.61 -6.09
N VAL A 111 -6.90 2.09 -5.92
CA VAL A 111 -6.02 2.37 -7.05
C VAL A 111 -5.05 1.21 -7.28
N SER A 112 -5.17 0.56 -8.43
CA SER A 112 -4.28 -0.56 -8.75
C SER A 112 -2.94 -0.02 -9.26
N VAL A 113 -1.92 -0.10 -8.41
CA VAL A 113 -0.60 0.37 -8.78
C VAL A 113 0.46 -0.70 -8.53
N LEU A 114 1.16 -1.08 -9.58
CA LEU A 114 2.19 -2.10 -9.47
C LEU A 114 3.54 -1.48 -9.08
N ILE A 115 4.32 -2.23 -8.30
CA ILE A 115 5.62 -1.76 -7.85
C ILE A 115 6.71 -2.79 -8.12
N ASP A 116 7.70 -2.39 -8.91
CA ASP A 116 8.82 -3.26 -9.23
C ASP A 116 10.13 -2.59 -8.83
N HIS A 117 10.05 -1.70 -7.85
CA HIS A 117 11.23 -0.98 -7.37
C HIS A 117 10.86 -0.02 -6.25
N PHE A 118 11.15 -0.40 -5.01
CA PHE A 118 10.84 0.45 -3.87
C PHE A 118 11.93 1.50 -3.65
N THR A 1 -4.96 4.22 16.60
CA THR A 1 -5.96 5.31 16.76
C THR A 1 -6.22 6.01 15.43
N VAL A 2 -5.27 6.85 15.02
CA VAL A 2 -5.41 7.59 13.76
C VAL A 2 -4.37 7.14 12.74
N VAL A 3 -3.30 6.48 13.21
CA VAL A 3 -2.25 6.00 12.33
C VAL A 3 -2.24 4.48 12.25
N ALA A 4 -2.30 3.95 11.03
CA ALA A 4 -2.28 2.51 10.82
C ALA A 4 -0.93 2.07 10.30
N THR A 5 -0.24 1.23 11.08
CA THR A 5 1.07 0.73 10.70
C THR A 5 1.05 -0.79 10.56
N ALA A 6 1.79 -1.28 9.57
CA ALA A 6 1.88 -2.72 9.33
C ALA A 6 3.30 -3.13 8.99
N ARG A 7 3.84 -4.07 9.76
CA ARG A 7 5.20 -4.55 9.55
C ARG A 7 5.22 -6.07 9.46
N GLY A 8 5.84 -6.60 8.41
CA GLY A 8 5.92 -8.04 8.24
C GLY A 8 6.86 -8.46 7.14
N ILE A 9 7.57 -9.55 7.35
CA ILE A 9 8.51 -10.07 6.35
C ILE A 9 7.79 -11.05 5.42
N PHE A 10 8.06 -10.91 4.12
CA PHE A 10 7.43 -11.78 3.13
C PHE A 10 8.48 -12.63 2.41
N ASN A 11 8.04 -13.80 1.95
CA ASN A 11 8.92 -14.73 1.25
C ASN A 11 8.29 -15.17 -0.07
N SER A 12 9.05 -15.89 -0.88
CA SER A 12 8.57 -16.39 -2.17
C SER A 12 7.17 -16.97 -2.05
N ASN A 13 6.84 -17.50 -0.87
CA ASN A 13 5.54 -18.10 -0.62
C ASN A 13 4.41 -17.11 -0.95
N GLY A 14 4.70 -15.82 -0.79
CA GLY A 14 3.70 -14.80 -1.07
C GLY A 14 2.98 -14.33 0.17
N GLY A 15 2.25 -13.23 0.04
CA GLY A 15 1.52 -12.68 1.17
C GLY A 15 1.11 -11.24 0.95
N VAL A 16 0.10 -10.78 1.68
CA VAL A 16 -0.37 -9.41 1.55
C VAL A 16 -0.15 -8.62 2.83
N LEU A 17 0.04 -7.32 2.67
CA LEU A 17 0.24 -6.42 3.80
C LEU A 17 -0.81 -5.32 3.77
N SER A 18 -1.85 -5.47 4.58
CA SER A 18 -2.93 -4.50 4.61
C SER A 18 -3.17 -3.95 6.01
N SER A 19 -3.69 -2.73 6.07
CA SER A 19 -3.97 -2.08 7.34
C SER A 19 -5.46 -1.73 7.43
N ILE A 20 -6.22 -2.60 8.10
CA ILE A 20 -7.66 -2.40 8.25
C ILE A 20 -7.98 -1.02 8.82
N GLU A 21 -7.04 -0.44 9.56
CA GLU A 21 -7.25 0.86 10.16
C GLU A 21 -7.33 1.95 9.10
N THR A 22 -6.54 1.82 8.03
CA THR A 22 -6.54 2.80 6.96
C THR A 22 -7.19 2.24 5.69
N GLY A 23 -6.71 1.08 5.24
CA GLY A 23 -7.27 0.46 4.06
C GLY A 23 -6.20 0.02 3.06
N VAL A 24 -5.20 0.88 2.85
CA VAL A 24 -4.12 0.57 1.93
C VAL A 24 -3.53 -0.82 2.19
N SER A 25 -3.15 -1.51 1.14
CA SER A 25 -2.58 -2.85 1.27
C SER A 25 -1.58 -3.15 0.15
N ILE A 26 -0.81 -4.23 0.33
CA ILE A 26 0.18 -4.63 -0.67
C ILE A 26 0.20 -6.14 -0.84
N ILE A 27 -0.21 -6.61 -2.01
CA ILE A 27 -0.23 -8.04 -2.30
C ILE A 27 1.08 -8.49 -2.95
N ILE A 28 1.74 -9.44 -2.33
CA ILE A 28 3.00 -9.96 -2.86
C ILE A 28 2.85 -11.40 -3.34
N PRO A 29 2.49 -11.59 -4.62
CA PRO A 29 2.31 -12.93 -5.20
C PRO A 29 3.62 -13.69 -5.32
N GLN A 30 3.54 -15.01 -5.36
CA GLN A 30 4.73 -15.85 -5.47
C GLN A 30 5.54 -15.49 -6.72
N GLY A 31 6.65 -14.78 -6.51
CA GLY A 31 7.49 -14.40 -7.63
C GLY A 31 8.13 -13.04 -7.44
N ALA A 32 7.65 -12.27 -6.46
CA ALA A 32 8.21 -10.94 -6.19
C ALA A 32 9.52 -11.03 -5.43
N ILE A 33 9.62 -12.00 -4.53
CA ILE A 33 10.83 -12.19 -3.74
C ILE A 33 11.58 -13.44 -4.19
N PRO A 34 12.92 -13.39 -4.24
CA PRO A 34 13.74 -14.54 -4.67
C PRO A 34 13.62 -15.72 -3.70
N GLU A 35 13.86 -16.92 -4.20
CA GLU A 35 13.78 -18.13 -3.39
C GLU A 35 14.87 -18.13 -2.32
N GLY A 36 14.52 -18.61 -1.13
CA GLY A 36 15.47 -18.66 -0.04
C GLY A 36 15.83 -17.28 0.48
N VAL A 37 14.94 -16.32 0.25
CA VAL A 37 15.16 -14.95 0.70
C VAL A 37 13.98 -14.44 1.52
N GLU A 38 14.23 -13.40 2.29
CA GLU A 38 13.21 -12.79 3.13
C GLU A 38 13.29 -11.27 3.02
N GLN A 39 12.26 -10.66 2.45
CA GLN A 39 12.24 -9.21 2.29
C GLN A 39 11.28 -8.56 3.28
N GLU A 40 11.80 -7.74 4.17
CA GLU A 40 10.98 -7.06 5.17
C GLU A 40 10.09 -6.02 4.51
N ILE A 41 8.79 -6.18 4.65
CA ILE A 41 7.83 -5.26 4.05
C ILE A 41 6.94 -4.62 5.13
N TYR A 42 7.16 -3.33 5.38
CA TYR A 42 6.38 -2.61 6.38
C TYR A 42 6.01 -1.23 5.85
N PHE A 43 5.00 -0.61 6.45
CA PHE A 43 4.57 0.71 6.02
C PHE A 43 3.55 1.33 6.99
N LYS A 44 3.34 2.62 6.86
CA LYS A 44 2.40 3.34 7.70
C LYS A 44 1.48 4.22 6.86
N VAL A 45 0.18 4.15 7.13
CA VAL A 45 -0.80 4.94 6.40
C VAL A 45 -1.56 5.88 7.33
N CYS A 46 -1.79 7.10 6.86
CA CYS A 46 -2.50 8.11 7.65
C CYS A 46 -2.92 9.29 6.77
N ARG A 47 -4.05 9.90 7.12
CA ARG A 47 -4.56 11.04 6.36
C ARG A 47 -3.51 12.14 6.27
N ASP A 48 -2.78 12.34 7.35
CA ASP A 48 -1.73 13.36 7.40
C ASP A 48 -0.45 12.77 7.99
N ASN A 49 0.68 13.41 7.69
CA ASN A 49 1.97 12.95 8.19
C ASN A 49 2.32 13.60 9.52
N SER A 50 2.04 14.88 9.65
CA SER A 50 2.33 15.62 10.88
C SER A 50 1.74 14.94 12.10
N ILE A 51 0.70 14.14 11.89
CA ILE A 51 0.04 13.44 12.97
C ILE A 51 0.95 12.38 13.60
N LEU A 52 2.06 12.07 12.93
CA LEU A 52 3.00 11.07 13.44
C LEU A 52 4.30 11.09 12.64
N PRO A 53 5.45 11.01 13.32
CA PRO A 53 6.76 11.01 12.67
C PRO A 53 7.06 9.69 11.96
N PRO A 54 8.05 9.68 11.05
CA PRO A 54 8.43 8.48 10.30
C PRO A 54 8.79 7.32 11.23
N LEU A 55 8.93 6.13 10.65
CA LEU A 55 9.27 4.94 11.41
C LEU A 55 10.78 4.80 11.56
N ASP A 56 11.51 5.20 10.52
CA ASP A 56 12.96 5.12 10.52
C ASP A 56 13.54 5.71 9.24
N LYS A 57 13.95 6.98 9.30
CA LYS A 57 14.52 7.66 8.15
C LYS A 57 15.77 6.94 7.65
N GLU A 58 16.53 6.36 8.59
CA GLU A 58 17.75 5.64 8.25
C GLU A 58 17.45 4.48 7.30
N LYS A 59 16.25 3.93 7.40
CA LYS A 59 15.84 2.81 6.56
C LYS A 59 15.39 3.30 5.19
N GLY A 60 14.80 4.49 5.15
CA GLY A 60 14.34 5.05 3.90
C GLY A 60 12.84 4.93 3.73
N GLU A 61 12.15 6.07 3.77
CA GLU A 61 10.70 6.08 3.63
C GLU A 61 10.29 6.36 2.18
N THR A 62 9.65 5.36 1.55
CA THR A 62 9.19 5.51 0.17
C THR A 62 7.70 5.83 0.14
N LEU A 63 7.37 7.05 -0.28
CA LEU A 63 5.97 7.48 -0.35
C LEU A 63 5.30 6.96 -1.62
N LEU A 64 4.02 6.61 -1.51
CA LEU A 64 3.27 6.11 -2.65
C LEU A 64 1.98 6.92 -2.85
N SER A 65 1.15 6.94 -1.81
CA SER A 65 -0.12 7.67 -1.86
C SER A 65 0.03 9.04 -1.18
N PRO A 66 -1.08 9.80 -1.01
CA PRO A 66 -1.04 11.11 -0.36
C PRO A 66 -0.10 11.12 0.83
N LEU A 67 -0.17 10.06 1.64
CA LEU A 67 0.70 9.92 2.80
C LEU A 67 0.83 8.46 3.20
N VAL A 68 1.69 7.74 2.50
CA VAL A 68 1.93 6.34 2.79
C VAL A 68 3.41 6.04 2.64
N ALA A 69 4.03 5.63 3.72
CA ALA A 69 5.45 5.32 3.71
C ALA A 69 5.70 3.81 3.72
N ALA A 70 6.10 3.28 2.57
CA ALA A 70 6.38 1.85 2.44
C ALA A 70 7.59 1.45 3.28
N GLY A 71 8.06 0.23 3.07
CA GLY A 71 9.21 -0.26 3.81
C GLY A 71 10.45 0.57 3.57
N PRO A 72 11.65 -0.03 3.72
CA PRO A 72 12.91 0.66 3.50
C PRO A 72 13.10 1.08 2.05
N HIS A 73 13.53 2.32 1.84
CA HIS A 73 13.74 2.84 0.49
C HIS A 73 14.80 2.02 -0.23
N GLY A 74 14.37 1.27 -1.24
CA GLY A 74 15.28 0.46 -2.01
C GLY A 74 15.05 -1.03 -1.80
N LEU A 75 14.00 -1.56 -2.43
CA LEU A 75 13.68 -2.97 -2.33
C LEU A 75 13.17 -3.50 -3.67
N LYS A 76 14.11 -3.90 -4.52
CA LYS A 76 13.79 -4.42 -5.84
C LYS A 76 12.78 -5.57 -5.77
N PHE A 77 12.18 -5.89 -6.90
CA PHE A 77 11.20 -6.97 -6.97
C PHE A 77 11.29 -7.69 -8.31
N LEU A 78 11.13 -9.01 -8.29
CA LEU A 78 11.17 -9.80 -9.52
C LEU A 78 9.77 -10.05 -10.06
N LYS A 79 8.83 -9.26 -9.56
CA LYS A 79 7.44 -9.34 -9.98
C LYS A 79 6.67 -8.10 -9.51
N PRO A 80 5.81 -7.53 -10.36
CA PRO A 80 5.04 -6.33 -10.01
C PRO A 80 4.07 -6.57 -8.86
N VAL A 81 4.46 -6.14 -7.66
CA VAL A 81 3.63 -6.29 -6.49
C VAL A 81 2.38 -5.42 -6.60
N GLU A 82 1.24 -5.95 -6.18
CA GLU A 82 -0.02 -5.21 -6.25
C GLU A 82 -0.18 -4.28 -5.05
N LEU A 83 -0.37 -3.00 -5.33
CA LEU A 83 -0.55 -2.00 -4.28
C LEU A 83 -1.86 -1.24 -4.50
N ARG A 84 -2.74 -1.30 -3.50
CA ARG A 84 -4.03 -0.64 -3.60
C ARG A 84 -4.18 0.47 -2.56
N LEU A 85 -4.64 1.64 -3.00
CA LEU A 85 -4.83 2.79 -2.11
C LEU A 85 -6.08 3.58 -2.53
N PRO A 86 -7.07 3.70 -1.64
CA PRO A 86 -8.30 4.44 -1.94
C PRO A 86 -8.02 5.85 -2.44
N HIS A 87 -8.64 6.22 -3.55
CA HIS A 87 -8.45 7.55 -4.13
C HIS A 87 -9.20 8.61 -3.33
N CYS A 88 -10.50 8.40 -3.15
CA CYS A 88 -11.33 9.35 -2.40
C CYS A 88 -12.82 9.03 -2.58
N ASP A 89 -13.66 9.67 -1.78
CA ASP A 89 -15.10 9.46 -1.85
C ASP A 89 -15.46 7.99 -1.71
N PRO A 90 -15.59 7.51 -0.45
CA PRO A 90 -15.93 6.11 -0.18
C PRO A 90 -17.44 5.87 -0.15
N LYS A 91 -18.16 6.53 -1.05
CA LYS A 91 -19.61 6.38 -1.13
C LYS A 91 -20.03 5.62 -2.39
N THR A 92 -19.07 4.97 -3.05
CA THR A 92 -19.36 4.21 -4.27
C THR A 92 -19.33 2.72 -4.02
N TRP A 93 -19.38 2.34 -2.75
CA TRP A 93 -19.38 0.92 -2.37
C TRP A 93 -20.64 0.57 -1.57
N GLN A 94 -21.05 1.48 -0.70
CA GLN A 94 -22.23 1.26 0.13
C GLN A 94 -23.44 1.99 -0.45
N ASN A 95 -23.80 1.64 -1.68
CA ASN A 95 -24.94 2.26 -2.35
C ASN A 95 -25.90 1.20 -2.86
N LYS A 96 -26.85 0.81 -2.02
CA LYS A 96 -27.84 -0.20 -2.38
C LYS A 96 -27.16 -1.52 -2.72
N CYS A 97 -26.02 -1.78 -2.08
CA CYS A 97 -25.27 -3.01 -2.31
C CYS A 97 -25.11 -3.79 -1.01
N LEU A 98 -24.30 -4.84 -1.05
CA LEU A 98 -24.06 -5.66 0.13
C LEU A 98 -22.95 -5.08 1.00
N PRO A 99 -23.21 -4.92 2.31
CA PRO A 99 -22.22 -4.38 3.24
C PRO A 99 -21.16 -5.41 3.63
N GLY A 100 -21.36 -6.66 3.22
CA GLY A 100 -20.41 -7.70 3.55
C GLY A 100 -19.87 -8.43 2.33
N ASP A 101 -20.14 -7.88 1.14
CA ASP A 101 -19.68 -8.49 -0.10
C ASP A 101 -18.17 -8.31 -0.24
N PRO A 102 -17.42 -9.40 -0.46
CA PRO A 102 -15.96 -9.34 -0.60
C PRO A 102 -15.53 -8.70 -1.92
N ASN A 103 -16.48 -8.44 -2.80
CA ASN A 103 -16.20 -7.82 -4.09
C ASN A 103 -16.60 -6.35 -4.09
N TYR A 104 -16.81 -5.79 -2.90
CA TYR A 104 -17.22 -4.40 -2.76
C TYR A 104 -16.06 -3.42 -3.03
N LEU A 105 -15.62 -2.69 -1.99
CA LEU A 105 -14.54 -1.71 -2.13
C LEU A 105 -13.33 -2.28 -2.86
N VAL A 106 -13.21 -3.60 -2.91
CA VAL A 106 -12.09 -4.26 -3.57
C VAL A 106 -12.14 -4.09 -5.10
N GLY A 107 -12.59 -2.93 -5.57
CA GLY A 107 -12.66 -2.68 -7.00
C GLY A 107 -13.70 -1.62 -7.35
N ALA A 108 -13.85 -0.62 -6.49
CA ALA A 108 -14.80 0.45 -6.73
C ALA A 108 -14.13 1.64 -7.40
N ASN A 109 -13.04 2.09 -6.82
CA ASN A 109 -12.29 3.22 -7.36
C ASN A 109 -10.86 3.25 -6.81
N CYS A 110 -10.33 2.07 -6.48
CA CYS A 110 -8.98 1.97 -5.95
C CYS A 110 -7.95 2.14 -7.05
N VAL A 111 -6.77 2.64 -6.68
CA VAL A 111 -5.70 2.86 -7.65
C VAL A 111 -4.75 1.66 -7.69
N SER A 112 -4.88 0.85 -8.74
CA SER A 112 -4.02 -0.32 -8.89
C SER A 112 -2.64 0.11 -9.36
N VAL A 113 -1.68 0.09 -8.45
CA VAL A 113 -0.31 0.48 -8.77
C VAL A 113 0.66 -0.66 -8.51
N LEU A 114 1.41 -1.04 -9.54
CA LEU A 114 2.37 -2.13 -9.41
C LEU A 114 3.77 -1.58 -9.10
N ILE A 115 4.44 -2.22 -8.16
CA ILE A 115 5.78 -1.80 -7.76
C ILE A 115 6.80 -2.91 -8.00
N ASP A 116 7.76 -2.64 -8.87
CA ASP A 116 8.81 -3.59 -9.18
C ASP A 116 10.17 -3.02 -8.82
N HIS A 117 10.18 -2.10 -7.86
CA HIS A 117 11.42 -1.46 -7.43
C HIS A 117 11.14 -0.43 -6.33
N PHE A 118 11.59 -0.72 -5.12
CA PHE A 118 11.39 0.19 -4.00
C PHE A 118 12.59 1.11 -3.81
#